data_9JWG
#
_entry.id   9JWG
#
_cell.length_a   1.00
_cell.length_b   1.00
_cell.length_c   1.00
_cell.angle_alpha   90.00
_cell.angle_beta   90.00
_cell.angle_gamma   90.00
#
_symmetry.space_group_name_H-M   'P 1'
#
loop_
_entity.id
_entity.type
_entity.pdbx_description
1 polymer 'E3 ubiquitin-protein ligase IpaH1.4'
2 polymer 'Ring finger protein 213'
#
loop_
_entity_poly.entity_id
_entity_poly.type
_entity_poly.pdbx_seq_one_letter_code
_entity_poly.pdbx_strand_id
1 'polypeptide(L)'
;GPGSMIKSTNIQAIGSGIMHQINNVYSLTPLSLPMELTPSMNEFYLKTWSEWEKNGTPGEQRNIAFNRLKICLQNQEAEL
NLSELDLKTLPDLPPQITTLEIRKNLLTHLPDLPPMLKVIHAQFNQLESLPALPETLEELNAGDNKIKELPFLPENLTHL
RVHNNRLHILPLLPPELKLLVVSGNRLDSIPPFPDKLEGLALANNFIEQLPELPFSMNRAVLMNNNLTTLPESVLRLAQN
AFVNVAGNPLSGHTMRTLQQITTGPDYSGPRIFFSMGNSATISAPEHSLADAVTAWFPENKQSDVSQIWHAFEHEEHANT
FSAFLDRLSDTVSARNTSGFREQVAAWLEKLSASAELRQQSFAVAADATESCEDRVALTWNNLRKTLLVHQASEGLFDND
TGALLSLGREMFRLEILEDIARDKVRTLHFVDEIEVYLAFQTMLAEKLQLSTAVKEMRFYGVSGVTANDLRTAEAMVRSR
EENEFTDWFSLWGPWHAVLKRTEADRWAQAEEQKYEMLENEYSQRVADRLKASGLSGDADAEREAGAQVMRETEQQIYRQ
LTDEVLALRLSENGSNHIA
;
B
2 'polypeptide(L)'
;GPGTSTLSPGGGVTVFFHAIISLHFPFNPDLHKVFIRGGEEFGESKWDSNICELHYTRDLGHDRVLVEGIVCISKKHLDK
YIPYKYVIYNGESFEYEFIYKHQQKKGEYVNRCLFIKSSLLGSGDWHQYYDIVYMKPHGRLQKVMNHITDGPRKDLVKGK
QIAAALMLDSTFSILQTWDTINLNSFFTQFEQFCFVLQQPMIYEGQAQLWTDLQYREKEVKRYLWQHLKKHVVPLPDGKS
TDFLPVDCPVRSKLKTGLIVLFVVEKIELLLEGSLDWLCHLLTSDASSPDEFHRDLSHILGIPQSWRLYLVNLCQRCMDT
RTYTWLGALPVLHCCMELAPRHKDAWRQPEDTWAALEGLSFSPFREQMLDTSSLLQFMREKQHLLSIDEPLFRSWFSLLP
LSHLVMYMENFIEHLGRFPAHILDCLSGIYYRLPGLEQVLNTQDVQDVQNVQNILEMLLRLLDTYRDKIPEEALSPSYLT
VCLKLHEAICSSTKLLKFYELPALSAEIVCRMIRLLSLVDSAGQRDETGNNSVQTVFQGTLAATKRWLREVFTKNMLTSS
GASFTYVKEIEVWRRLVEIQFPAEHGWKESLLGDMEWRLTKEEPLSQITAYCNSCWDTKGLEDSVAKTFEKCIIEAVSSA
CQSQTSILQGFSYSDLRKFGIVLSAVITKSWPRTADNFDDILKHLLTLADVKHVFRLCGTDEKILANVTEDAKRLIAVAD
SVLTKVVGDLLSGTILVGQLELIIKHKNQFLDIWQLREKSLSPQDEQCAVEEALDWRREELLLLKKEKRCVDSLLKMCGN
VKHLIQVDFGVLAVRHSQDLSSKRLNDTVTVRLSTSSNSQRATHYHLSSQVQEMAGKIDLLRDSHIFQLFWREAAEPLSE
PKEDQEAAELLSEPEEESERHILELEEVYDYLYQPSYRKFIKLHQDLKSGEVTLAEIDVIFKDFVNKYTDLDSELKIMCT
VDHQDQRDWIKDRVEQIKEYHHLHQAVHAAKVILQVKESLGLNGDFSVLNTLLNFTDNFDDFRRETLDQINQELIQAKKL
LQDISEARCKGLQALSLRKEFICWVREALGGINELKVFVDLASISAGENDIDVDRVACFHDAVQGYASLLFKLDPSVDFS
AFMKHLKKLWKALDKDQYLPRKLCDSARNLEWLKTVNESHGSVERSSLTLATAINQRGIYVIQAPKGGQKISPDTVLHLI
LPESPGSHEESREYSLEEVKELLNKLMLMSGKKDRNNTEVERFSEVFCSVQRLSQAFIDLHSAGNMLFRTWIAMAYCSPK
QGVSLQMDFGLDLVTELKEGGDVTELLAALCRQMEHFLDSWKRFVTQKRMEHFYLNFYTAEQLVYLSTELRKQPPSDAAL
TMLSFIKSNCTLRDVLRASVGCGSEAARYRMRRVMEELPLMLLSEFSLVDKLRIIMEQSMRCLPAFLPDCLDLETLGHCL
AHLAGMGGSPVERCLPRGLQVGQPNLVVCGHSEVLPAALAVYMQTPSQPLPTYDEVLLCTPATTFEEVALLLRRCLTLGS
LGHKVYSLLFADQLSYEVARQAEELFHNLCTQQHREDYQLVMVCDGDWEHCYLPSAFSQHKVFVTPQAPLEAIQAYLAGH
YRVPKQTLSAAAVFNDRLCVGIVASERAGVGKSLYVKRLHDKMKMQLNVKNVPLKTIRLIDPQVDESRVLGALLPFLDAQ
YQKVPVLFHLDVTSSVQTGIWVFLFKLLILQYLMDINGKMWLRNPCHLYIVEILERRTSVPSRSSSALRTRVPQFSFLDI
FPKVTCRPPKEVIDMELSALRSDTEPGMDLWEFCSETFQRPYQYLRRFNQNQDLDTFQYQEGSVEGTPEECLQHFLFHCG
VINPSWSELRNFARFLNYQLRDCEASLFCNPSFIGDTLRGFKKFVVTFMIFMARDFATPSLHTSDQSPGKHMVTMDGVRE
EDLAPFSLRKRWESEPHPYVFFNDDHTTMTFIGFHLQPNINGSVDAISHLTGKVIKRDVMTRDLYQGLLLQRVPFNVDFD
KLPRHKKLERLCLTLGIPQATDPDKTYELTTDNMLKILAIEMRFRCGIPVIIMGETGCGKTRLIKFLSDLRRGGTNADTI
KLVKVHGGTTADMIYSRVREAENVAFANKDQHQLDTILFFDEANTTEAISCIKEVLCDHMVDGQPLAEDSGLHIIAACNP
YRKHSEEMICRLESAGLGYRVSMEETADRLGSIPLRQLVYRVHALPPSLIPLVWDFGQLSDVAEKLYIQQIVQRLVESIS
LDENGTRVITEVLCASQGFMRKTEDECSFVSLRDVERCVKVFRWFHEHSAMLLAQLNAFLSKSSVSKNHTERDPVLWSLM
LAIGVCYHASLEKKDSYRKAIARFFPKPYDDSRLLLDEITRAQDLFLDGVPLRKTIAKNLALKENVFMMVVCIELKIPLF
LVGKPGSSKSLAKTIVADAMQGPAAYSDLFRSLKQVHLVSFQCSPHSTPQGIISTFRQCARFQQGKDLQQYVSVVVLDEV
GLAEDSPKMPLKTLHPLLEDGCIEDDPAPHKKVGFVGISNWALDPAKMNRGIFVSRGSPNETELIESAKGICSSDILVQD
RVQGYFASFAKAYETVCKRQDKEFFGLRDYYSLIKMVFAAAKASNRKPSPQDIAQAVLRNFSGKDDIQALDIFLANLPEA
KCSEEVSPMQLIKQNIFGPSQKVPGGEQEDAESRYLLVLTKNYVALQILQQTFFEGDQQPEIIFGSGFPKDQEYTQLCRN
INRVKICMETGKMVLLLNLQNLYESLYDALNQYYVHLGGQKYVDLGLGTHRVKCRVHPNFRLIVIEEKDVVYKHFPIPLI
NRLEKHYLDINTVLEKWQKSIVEELCAWVEKFINVKAHHFQKRHKYSPSDVFIGYHSDACASVVLQVIERQGPRALTEEL
HQKVSEEAKSILLNCATPDAVVRLSAYSLGGFAAEWLSQEYFHRQRHNSFADFLQAHLHTADLERHAIFTEITTFSRLLT
SHDCEILESEVTGRAPKPTLLWLQQFDTEYSFLKEVRNCLTNTAKCKILIFQTDFEDGIRSAQLIASAKYSVINEINKIR
ENEDRIFVYFITKLSRVGRGTAYVGFHGGLWQSVHIDDLRRSTLMVSDVTRLQHVTISQLFAPGDLPELGLEHRAEDGHE
EAMETEASTSGEVAEVAEEAMETESSEKVGKETSELGGSDVSILDTTRLLRSCVQSAVGMLRDQNESCTRNMRRVVLLLG
LLNEDDACHASFLRVSKMRLSVFLKKQEESQFHPLEWLAREACNQDALQEAGTFRHTLWKRVQGAVTPLLASMISFIDRD
GNLELLTRPDTPPWARDLWMFIFSDTMLLNIPLVMNNERHKGEMAYIVVQNHMNLSENASNNVPFSWKIKDYLEELWVQA
QYITDAEGLPKKFVDIFQQTPLGRFLAQLHGEPQQELLQCYLKDFILLTMRVSTEEELKFLQMALWSCTRKLKAASEAPE
EEVSLPWVHLAYQRFRSRLQNFSRILTIYPQVLHSLMEARWNHELAGCEMTLDAFAAMACTEMLTRNTLKPSPQAWLQLV
KNLSMPLELICSDEHMQGSGSLAQAVIREVRAQWSRIFSTALFVEHVLLGTESRVPELQGLVTEHVFLLDKCLRENSDVK
THGPFEAVMRTLCECKETASKTLSRFGIQPCSICLGDAKDPVCLPCDHVHCLRCLRAWFASEQMICPYCLTALPDEFSPA
VSQAHREAIEKHARFRQMCNSFFVDLVSTICFKDNAPPEKEVIESLLSLLFVQKGRLRDAAQRHCEHTKSLSPFNDVVDK
TPVIRSVILKLLLKYSFHDVKDYIQEYLTLLKKKAFITEDKTELYMLFINCLEDSILEKTSAYSRNDELNHLEEEGRFLK
AYSPASRGREPANEASVEYLQEVARIRLCLDRAADFLSEPEGGPEMAKEKQCYLQQVKQFCIRVENDWHRVYLVRKLSSQ
RGMEFVQGLSKPGRPHQWVFPKDVVKQQGLRQDHPGQMDRYLVYGDEYKALRDAVAKAVLECKPLGIKTALKACKTPQSQ
QSAYFLLTLFREVAILYRSHNASLHPTPEQCEAVSKFIGECKILSPPDISRFATSLVDNSVPLLRAGPSDSNLDGTVTEM
AIHAAAVLLCGQNELLEPLKNLAFSPATMAHAFLPTMPEDLLAQARRWKGLERVHWYTCPNGHPCSVGECGRPMEQSICI
DCHAPIGGIDHKPRDGFHLVKDKADRTQTGHVLGNPQRRDVVTCDRGLPPVVFLLIRLLTHLALLLGASQSSQALINIIK
PPVRDPKGFLQQHILKDLEQLAKMLGHSADETIGVVHLVLRRLLQEQHQLSSRRLLNFDTELSTKEMRNNWEKEIAAVIS
PELEHLDKTLPTMNNLISQDKRISSNPVAKIIYGDPVTFLPHLPRKSVVHCSKIWSCRKRITVEYLQHIVEQKNGKERVP
ILWHFLQKEAELRLVKFLPEILALQRDLVKQFQNVQQVEYSSIRGFLSKHSSDGLRQLLHNRITVFLSTWNKLRRSLETN
GEINLPKDYCSTDLDLDTEFEILLPRRRGLGLCATALVSYLIRLHNEIVYAVEKLSKENNSYSVDAAEVTELHVISYEVE
RDLTPLILSNCQYQVEEGRETVQEFDLEKIQRQIVSRFLQGKPRLSLKGIPTLVYRHDWNYEHLFMDIKNKMAQDSLPSS
VISAISGQLQSYSDACEVLSVVEVTLGFLSTAGGDPNMQLNVYTQDILQMGDQTIHVLKALNRCQLKHTIALWQFLSAHK
SEQLLRLHKEPFGEISSRYKADLSPENAKLLSTFLNQTGLDAFLLELHEMIILKLKNPQTQTEERFRPQWSLRDTLVSYM
QTKESEILPEMASQFPEEILLASCVSVWKTAAVLKWNREMR
;
A
#
# COMPACT_ATOMS: atom_id res chain seq x y z
N MET A 41 41.43 -60.72 11.19
CA MET A 41 42.53 -61.68 11.28
C MET A 41 43.74 -61.05 11.99
N ASN A 42 44.14 -59.88 11.52
CA ASN A 42 45.27 -59.19 12.11
C ASN A 42 44.91 -58.69 13.51
N GLU A 43 45.84 -58.88 14.45
CA GLU A 43 45.58 -58.50 15.84
C GLU A 43 45.56 -56.99 16.03
N PHE A 44 46.54 -56.28 15.46
CA PHE A 44 46.58 -54.83 15.58
C PHE A 44 45.35 -54.20 14.91
N TYR A 45 44.99 -54.71 13.73
CA TYR A 45 43.82 -54.18 13.03
C TYR A 45 42.54 -54.41 13.84
N LEU A 46 42.39 -55.61 14.42
CA LEU A 46 41.18 -55.87 15.20
C LEU A 46 41.13 -55.01 16.45
N LYS A 47 42.28 -54.81 17.10
CA LYS A 47 42.31 -53.93 18.27
C LYS A 47 41.94 -52.49 17.90
N THR A 48 42.50 -51.99 16.79
CA THR A 48 42.19 -50.63 16.36
C THR A 48 40.71 -50.50 16.00
N TRP A 49 40.15 -51.50 15.32
CA TRP A 49 38.74 -51.44 14.95
C TRP A 49 37.84 -51.54 16.18
N SER A 50 38.24 -52.34 17.18
CA SER A 50 37.47 -52.40 18.41
C SER A 50 37.48 -51.06 19.14
N GLU A 51 38.63 -50.40 19.20
CA GLU A 51 38.69 -49.07 19.81
C GLU A 51 37.84 -48.07 19.04
N TRP A 52 37.89 -48.12 17.71
CA TRP A 52 37.09 -47.21 16.90
C TRP A 52 35.60 -47.46 17.12
N GLU A 53 35.18 -48.72 17.18
CA GLU A 53 33.79 -49.05 17.45
C GLU A 53 33.36 -48.57 18.83
N LYS A 54 34.21 -48.74 19.84
CA LYS A 54 33.91 -48.29 21.19
C LYS A 54 34.02 -46.77 21.35
N ASN A 55 34.55 -46.06 20.35
CA ASN A 55 34.69 -44.62 20.41
C ASN A 55 33.72 -43.91 19.45
N GLY A 56 32.49 -44.41 19.34
CA GLY A 56 31.52 -43.85 18.41
C GLY A 56 30.29 -43.30 19.09
N THR A 57 29.71 -42.27 18.50
CA THR A 57 28.50 -41.65 19.01
C THR A 57 27.31 -42.60 18.81
N PRO A 58 26.24 -42.42 19.58
CA PRO A 58 25.09 -43.34 19.45
C PRO A 58 24.48 -43.37 18.07
N GLY A 59 24.57 -42.28 17.31
CA GLY A 59 23.96 -42.24 15.98
C GLY A 59 24.66 -43.10 14.96
N GLU A 60 25.93 -43.48 15.21
CA GLU A 60 26.68 -44.27 14.24
C GLU A 60 26.51 -45.76 14.49
N GLN A 61 26.34 -46.51 13.41
CA GLN A 61 26.23 -47.97 13.47
C GLN A 61 27.62 -48.61 13.37
N ARG A 62 28.43 -48.36 14.39
CA ARG A 62 29.83 -48.79 14.35
C ARG A 62 29.99 -50.29 14.56
N ASN A 63 28.99 -50.96 15.16
CA ASN A 63 29.08 -52.41 15.32
C ASN A 63 29.03 -53.12 13.97
N ILE A 64 28.12 -52.70 13.09
CA ILE A 64 28.01 -53.31 11.77
C ILE A 64 29.27 -53.07 10.96
N ALA A 65 29.78 -51.83 10.99
CA ALA A 65 31.01 -51.52 10.28
C ALA A 65 32.19 -52.31 10.83
N PHE A 66 32.25 -52.47 12.16
CA PHE A 66 33.31 -53.25 12.79
C PHE A 66 33.26 -54.72 12.34
N ASN A 67 32.07 -55.31 12.35
CA ASN A 67 31.93 -56.70 11.91
C ASN A 67 32.27 -56.83 10.43
N ARG A 68 31.85 -55.87 9.61
CA ARG A 68 32.16 -55.93 8.18
C ARG A 68 33.65 -55.78 7.92
N LEU A 69 34.33 -54.92 8.70
CA LEU A 69 35.77 -54.81 8.58
C LEU A 69 36.47 -56.12 8.95
N LYS A 70 36.02 -56.76 10.03
CA LYS A 70 36.58 -58.06 10.38
C LYS A 70 36.36 -59.09 9.27
N ILE A 71 35.15 -59.10 8.69
CA ILE A 71 34.85 -60.06 7.64
C ILE A 71 35.72 -59.79 6.41
N CYS A 72 35.87 -58.52 6.03
CA CYS A 72 36.67 -58.18 4.86
C CYS A 72 38.14 -58.52 5.06
N LEU A 73 38.67 -58.24 6.26
CA LEU A 73 40.08 -58.53 6.51
C LEU A 73 40.33 -60.04 6.58
N GLN A 74 39.42 -60.79 7.21
CA GLN A 74 39.61 -62.23 7.35
C GLN A 74 39.59 -62.93 6.01
N ASN A 75 38.65 -62.56 5.14
CA ASN A 75 38.50 -63.21 3.84
C ASN A 75 39.25 -62.51 2.73
N GLN A 76 39.93 -61.40 3.03
CA GLN A 76 40.65 -60.61 2.04
C GLN A 76 39.74 -60.22 0.88
N GLU A 77 38.55 -59.76 1.23
CA GLU A 77 37.56 -59.37 0.23
C GLU A 77 38.03 -58.13 -0.53
N ALA A 78 37.71 -58.10 -1.82
CA ALA A 78 38.13 -57.01 -2.69
C ALA A 78 37.33 -55.74 -2.43
N GLU A 79 36.09 -55.85 -1.98
CA GLU A 79 35.21 -54.71 -1.77
C GLU A 79 34.84 -54.59 -0.30
N LEU A 80 34.95 -53.38 0.23
CA LEU A 80 34.49 -53.06 1.57
C LEU A 80 33.30 -52.12 1.47
N ASN A 81 32.17 -52.53 2.04
CA ASN A 81 30.92 -51.79 1.94
C ASN A 81 30.52 -51.31 3.34
N LEU A 82 30.66 -50.01 3.57
CA LEU A 82 30.25 -49.39 4.82
C LEU A 82 29.23 -48.26 4.56
N SER A 83 28.51 -48.36 3.46
CA SER A 83 27.60 -47.30 3.06
C SER A 83 26.33 -47.31 3.91
N GLU A 84 25.74 -46.13 4.07
CA GLU A 84 24.47 -45.95 4.79
C GLU A 84 24.55 -46.50 6.21
N LEU A 85 25.67 -46.25 6.88
CA LEU A 85 25.86 -46.66 8.27
C LEU A 85 25.93 -45.47 9.22
N ASP A 86 25.70 -44.26 8.73
CA ASP A 86 25.75 -43.04 9.54
C ASP A 86 27.09 -42.89 10.26
N LEU A 87 28.18 -43.28 9.59
CA LEU A 87 29.50 -43.19 10.19
C LEU A 87 30.06 -41.79 10.03
N LYS A 88 30.71 -41.30 11.10
CA LYS A 88 31.34 -39.99 11.08
C LYS A 88 32.83 -40.04 10.79
N THR A 89 33.53 -41.08 11.28
CA THR A 89 34.94 -41.27 11.01
C THR A 89 35.17 -42.72 10.62
N LEU A 90 36.31 -42.97 9.96
CA LEU A 90 36.67 -44.31 9.56
C LEU A 90 38.01 -44.71 10.17
N PRO A 91 38.16 -45.96 10.59
CA PRO A 91 39.46 -46.43 11.08
C PRO A 91 40.37 -46.85 9.94
N ASP A 92 41.52 -47.43 10.27
CA ASP A 92 42.43 -47.91 9.24
C ASP A 92 41.76 -48.96 8.37
N LEU A 93 41.82 -48.75 7.06
CA LEU A 93 41.15 -49.58 6.08
C LEU A 93 41.99 -50.81 5.74
N PRO A 94 41.35 -51.91 5.35
CA PRO A 94 42.09 -53.09 4.91
C PRO A 94 42.97 -52.76 3.70
N PRO A 95 44.21 -53.24 3.68
CA PRO A 95 45.12 -52.87 2.58
C PRO A 95 44.84 -53.57 1.26
N GLN A 96 44.09 -54.66 1.25
CA GLN A 96 43.87 -55.46 0.06
C GLN A 96 42.61 -55.07 -0.72
N ILE A 97 41.85 -54.10 -0.23
CA ILE A 97 40.60 -53.73 -0.89
C ILE A 97 40.89 -53.03 -2.21
N THR A 98 40.03 -53.27 -3.20
CA THR A 98 40.11 -52.59 -4.49
C THR A 98 38.97 -51.63 -4.75
N THR A 99 37.83 -51.82 -4.09
CA THR A 99 36.68 -50.93 -4.22
C THR A 99 36.23 -50.52 -2.83
N LEU A 100 36.10 -49.21 -2.61
CA LEU A 100 35.69 -48.66 -1.32
C LEU A 100 34.30 -48.04 -1.49
N GLU A 101 33.33 -48.61 -0.78
CA GLU A 101 31.92 -48.19 -0.88
C GLU A 101 31.54 -47.59 0.47
N ILE A 102 31.62 -46.26 0.56
CA ILE A 102 31.36 -45.56 1.82
C ILE A 102 30.37 -44.41 1.61
N ARG A 103 29.54 -44.52 0.57
CA ARG A 103 28.62 -43.44 0.24
C ARG A 103 27.53 -43.31 1.31
N LYS A 104 26.90 -42.14 1.34
CA LYS A 104 25.77 -41.86 2.22
C LYS A 104 26.14 -42.04 3.69
N ASN A 105 27.14 -41.31 4.13
CA ASN A 105 27.55 -41.32 5.54
C ASN A 105 27.78 -39.87 5.96
N LEU A 106 28.27 -39.70 7.19
CA LEU A 106 28.56 -38.38 7.76
C LEU A 106 30.06 -38.16 7.90
N LEU A 107 30.82 -38.66 6.93
CA LEU A 107 32.27 -38.56 6.98
C LEU A 107 32.73 -37.18 6.56
N THR A 108 33.62 -36.60 7.34
CA THR A 108 34.22 -35.30 7.03
C THR A 108 35.64 -35.41 6.50
N HIS A 109 36.39 -36.43 6.92
CA HIS A 109 37.73 -36.69 6.42
C HIS A 109 37.94 -38.18 6.26
N LEU A 110 38.83 -38.55 5.35
CA LEU A 110 39.08 -39.95 5.08
C LEU A 110 40.49 -40.35 5.54
N PRO A 111 40.66 -41.59 6.02
CA PRO A 111 42.00 -42.05 6.39
C PRO A 111 42.86 -42.35 5.17
N ASP A 112 44.06 -42.89 5.40
CA ASP A 112 44.95 -43.22 4.29
C ASP A 112 44.33 -44.29 3.40
N LEU A 113 44.35 -44.05 2.09
CA LEU A 113 43.74 -44.95 1.12
C LEU A 113 44.70 -46.10 0.79
N PRO A 114 44.21 -47.33 0.76
CA PRO A 114 45.08 -48.46 0.42
C PRO A 114 45.60 -48.31 -0.99
N PRO A 115 46.81 -48.80 -1.26
CA PRO A 115 47.43 -48.61 -2.58
C PRO A 115 46.86 -49.50 -3.68
N MET A 116 46.06 -50.52 -3.33
CA MET A 116 45.44 -51.39 -4.32
C MET A 116 44.04 -50.93 -4.70
N LEU A 117 43.60 -49.79 -4.18
CA LEU A 117 42.25 -49.30 -4.42
C LEU A 117 42.08 -48.84 -5.86
N LYS A 118 40.90 -49.08 -6.42
CA LYS A 118 40.59 -48.69 -7.80
C LYS A 118 39.36 -47.81 -7.92
N VAL A 119 38.29 -48.08 -7.17
CA VAL A 119 37.03 -47.37 -7.30
C VAL A 119 36.60 -46.87 -5.93
N ILE A 120 36.25 -45.59 -5.86
CA ILE A 120 35.78 -44.95 -4.63
C ILE A 120 34.34 -44.51 -4.84
N HIS A 121 33.46 -44.88 -3.90
CA HIS A 121 32.09 -44.40 -3.88
C HIS A 121 31.86 -43.73 -2.52
N ALA A 122 32.21 -42.45 -2.43
CA ALA A 122 32.09 -41.68 -1.19
C ALA A 122 31.11 -40.51 -1.33
N GLN A 123 30.14 -40.62 -2.22
CA GLN A 123 29.19 -39.54 -2.44
C GLN A 123 28.24 -39.40 -1.24
N PHE A 124 27.62 -38.23 -1.14
CA PHE A 124 26.67 -37.91 -0.07
C PHE A 124 27.33 -38.02 1.31
N ASN A 125 28.40 -37.24 1.48
CA ASN A 125 29.11 -37.16 2.75
C ASN A 125 29.29 -35.69 3.09
N GLN A 126 30.04 -35.42 4.16
CA GLN A 126 30.39 -34.06 4.56
C GLN A 126 31.89 -33.84 4.40
N LEU A 127 32.48 -34.45 3.39
CA LEU A 127 33.92 -34.39 3.19
C LEU A 127 34.34 -32.98 2.79
N GLU A 128 35.39 -32.47 3.45
CA GLU A 128 35.96 -31.18 3.12
C GLU A 128 37.24 -31.28 2.30
N SER A 129 37.91 -32.42 2.34
CA SER A 129 39.13 -32.64 1.57
C SER A 129 39.34 -34.13 1.39
N LEU A 130 40.21 -34.48 0.45
CA LEU A 130 40.48 -35.88 0.16
C LEU A 130 41.97 -36.18 0.33
N PRO A 131 42.33 -37.39 0.78
CA PRO A 131 43.75 -37.72 0.95
C PRO A 131 44.43 -38.04 -0.36
N ALA A 132 45.70 -38.45 -0.30
CA ALA A 132 46.44 -38.78 -1.51
C ALA A 132 45.79 -39.98 -2.20
N LEU A 133 45.62 -39.86 -3.51
CA LEU A 133 44.95 -40.87 -4.33
C LEU A 133 45.96 -41.91 -4.81
N PRO A 134 45.62 -43.19 -4.66
CA PRO A 134 46.54 -44.25 -5.09
C PRO A 134 46.75 -44.24 -6.60
N GLU A 135 47.91 -44.74 -7.02
CA GLU A 135 48.23 -44.77 -8.45
C GLU A 135 47.37 -45.77 -9.20
N THR A 136 47.05 -46.92 -8.59
CA THR A 136 46.20 -47.92 -9.22
C THR A 136 44.75 -47.50 -9.32
N LEU A 137 44.38 -46.37 -8.71
CA LEU A 137 43.02 -45.90 -8.71
C LEU A 137 42.53 -45.56 -10.12
N GLU A 138 41.24 -45.77 -10.37
CA GLU A 138 40.61 -45.42 -11.63
C GLU A 138 39.34 -44.58 -11.49
N GLU A 139 38.56 -44.77 -10.42
CA GLU A 139 37.22 -44.22 -10.33
C GLU A 139 37.03 -43.45 -9.03
N LEU A 140 36.49 -42.23 -9.12
CA LEU A 140 35.97 -41.48 -7.98
C LEU A 140 34.54 -41.04 -8.23
N ASN A 141 33.73 -41.08 -7.18
CA ASN A 141 32.42 -40.45 -7.15
C ASN A 141 32.31 -39.70 -5.83
N ALA A 142 32.79 -38.46 -5.81
CA ALA A 142 32.83 -37.66 -4.59
C ALA A 142 31.78 -36.55 -4.63
N GLY A 143 30.65 -36.80 -5.30
CA GLY A 143 29.61 -35.80 -5.41
C GLY A 143 28.90 -35.57 -4.08
N ASP A 144 28.18 -34.45 -4.03
CA ASP A 144 27.39 -34.06 -2.87
C ASP A 144 28.25 -34.02 -1.60
N ASN A 145 29.25 -33.15 -1.64
CA ASN A 145 30.19 -33.00 -0.54
C ASN A 145 30.47 -31.51 -0.35
N LYS A 146 31.44 -31.18 0.50
CA LYS A 146 31.80 -29.80 0.80
C LYS A 146 33.28 -29.58 0.56
N ILE A 147 33.87 -30.31 -0.38
CA ILE A 147 35.29 -30.19 -0.67
C ILE A 147 35.54 -28.89 -1.42
N LYS A 148 36.71 -28.29 -1.19
CA LYS A 148 37.08 -27.04 -1.81
C LYS A 148 38.21 -27.18 -2.82
N GLU A 149 39.09 -28.16 -2.63
CA GLU A 149 40.22 -28.36 -3.52
C GLU A 149 40.47 -29.86 -3.67
N LEU A 150 40.92 -30.26 -4.86
CA LEU A 150 41.22 -31.66 -5.08
C LEU A 150 42.72 -31.90 -5.07
N PRO A 151 43.16 -33.07 -4.62
CA PRO A 151 44.59 -33.41 -4.68
C PRO A 151 44.99 -33.83 -6.09
N PHE A 152 46.23 -34.27 -6.20
CA PHE A 152 46.76 -34.69 -7.50
C PHE A 152 45.96 -35.88 -8.04
N LEU A 153 45.55 -35.77 -9.30
CA LEU A 153 44.77 -36.81 -9.96
C LEU A 153 45.68 -37.92 -10.47
N PRO A 154 45.36 -39.18 -10.20
CA PRO A 154 46.22 -40.28 -10.63
C PRO A 154 46.25 -40.41 -12.15
N GLU A 155 47.35 -41.00 -12.64
CA GLU A 155 47.54 -41.15 -14.07
C GLU A 155 46.52 -42.10 -14.68
N ASN A 156 45.98 -43.03 -13.88
CA ASN A 156 45.05 -44.04 -14.36
C ASN A 156 43.60 -43.69 -14.07
N LEU A 157 43.31 -42.45 -13.71
CA LEU A 157 41.94 -42.03 -13.45
C LEU A 157 41.09 -42.16 -14.71
N THR A 158 39.91 -42.76 -14.56
CA THR A 158 39.00 -43.00 -15.69
C THR A 158 37.77 -42.11 -15.67
N HIS A 159 37.05 -42.05 -14.55
CA HIS A 159 35.85 -41.24 -14.43
C HIS A 159 35.94 -40.42 -13.15
N LEU A 160 35.51 -39.16 -13.21
CA LEU A 160 35.55 -38.26 -12.07
C LEU A 160 34.17 -37.66 -11.86
N ARG A 161 33.63 -37.80 -10.64
CA ARG A 161 32.35 -37.23 -10.26
C ARG A 161 32.54 -36.46 -8.96
N VAL A 162 32.73 -35.14 -9.08
CA VAL A 162 32.93 -34.27 -7.91
C VAL A 162 31.84 -33.20 -7.91
N HIS A 163 30.66 -33.55 -8.41
CA HIS A 163 29.57 -32.59 -8.55
C HIS A 163 29.07 -32.15 -7.18
N ASN A 164 28.35 -31.03 -7.18
CA ASN A 164 27.72 -30.46 -5.98
C ASN A 164 28.75 -30.29 -4.86
N ASN A 165 29.84 -29.61 -5.22
CA ASN A 165 30.94 -29.38 -4.29
C ASN A 165 31.22 -27.88 -4.24
N ARG A 166 32.30 -27.51 -3.56
CA ARG A 166 32.70 -26.12 -3.38
C ARG A 166 34.07 -25.88 -4.01
N LEU A 167 34.34 -26.53 -5.14
CA LEU A 167 35.63 -26.39 -5.80
C LEU A 167 35.73 -25.04 -6.50
N HIS A 168 36.84 -24.34 -6.27
CA HIS A 168 37.13 -23.09 -6.95
C HIS A 168 38.15 -23.27 -8.08
N ILE A 169 38.80 -24.43 -8.17
CA ILE A 169 39.78 -24.70 -9.21
C ILE A 169 39.89 -26.21 -9.36
N LEU A 170 40.35 -26.66 -10.53
CA LEU A 170 40.52 -28.07 -10.80
C LEU A 170 41.98 -28.41 -11.07
N PRO A 171 42.43 -29.60 -10.67
CA PRO A 171 43.78 -30.04 -11.02
C PRO A 171 43.84 -30.46 -12.49
N LEU A 172 45.07 -30.62 -12.98
CA LEU A 172 45.26 -31.04 -14.36
C LEU A 172 44.68 -32.44 -14.58
N LEU A 173 43.92 -32.58 -15.65
CA LEU A 173 43.22 -33.83 -15.96
C LEU A 173 44.22 -34.87 -16.46
N PRO A 174 44.08 -36.13 -16.05
CA PRO A 174 44.96 -37.18 -16.57
C PRO A 174 44.70 -37.42 -18.04
N PRO A 175 45.72 -37.87 -18.79
CA PRO A 175 45.52 -38.08 -20.24
C PRO A 175 44.49 -39.14 -20.57
N GLU A 176 44.31 -40.15 -19.71
CA GLU A 176 43.41 -41.26 -19.99
C GLU A 176 41.97 -40.98 -19.55
N LEU A 177 41.74 -39.87 -18.85
CA LEU A 177 40.42 -39.57 -18.32
C LEU A 177 39.37 -39.54 -19.41
N LYS A 178 38.22 -40.16 -19.14
CA LYS A 178 37.13 -40.26 -20.09
C LYS A 178 35.90 -39.44 -19.69
N LEU A 179 35.58 -39.36 -18.40
CA LEU A 179 34.42 -38.62 -17.92
C LEU A 179 34.80 -37.79 -16.72
N LEU A 180 34.36 -36.54 -16.69
CA LEU A 180 34.55 -35.65 -15.54
C LEU A 180 33.21 -34.98 -15.26
N VAL A 181 32.85 -34.90 -13.98
CA VAL A 181 31.59 -34.29 -13.55
C VAL A 181 31.92 -33.25 -12.50
N VAL A 182 31.75 -31.97 -12.85
CA VAL A 182 32.05 -30.87 -11.94
C VAL A 182 30.84 -29.95 -11.84
N SER A 183 29.64 -30.50 -12.03
CA SER A 183 28.43 -29.71 -11.99
C SER A 183 28.18 -29.14 -10.60
N GLY A 184 27.60 -27.94 -10.56
CA GLY A 184 27.27 -27.30 -9.29
C GLY A 184 28.47 -26.92 -8.46
N ASN A 185 29.48 -26.34 -9.09
CA ASN A 185 30.70 -25.93 -8.40
C ASN A 185 30.87 -24.42 -8.57
N ARG A 186 31.99 -23.90 -8.08
CA ARG A 186 32.31 -22.47 -8.16
C ARG A 186 33.52 -22.25 -9.04
N LEU A 187 33.68 -23.10 -10.06
CA LEU A 187 34.86 -23.06 -10.92
C LEU A 187 34.82 -21.83 -11.82
N ASP A 188 35.94 -21.11 -11.86
CA ASP A 188 36.08 -19.98 -12.78
C ASP A 188 36.67 -20.38 -14.13
N SER A 189 37.33 -21.53 -14.20
CA SER A 189 37.92 -22.01 -15.44
C SER A 189 38.10 -23.52 -15.34
N ILE A 190 38.34 -24.15 -16.48
CA ILE A 190 38.51 -25.60 -16.54
C ILE A 190 39.80 -25.92 -17.28
N PRO A 191 40.60 -26.86 -16.78
CA PRO A 191 41.86 -27.20 -17.46
C PRO A 191 41.62 -27.84 -18.82
N PRO A 192 42.62 -27.86 -19.69
CA PRO A 192 42.43 -28.48 -21.01
C PRO A 192 42.07 -29.95 -20.91
N PHE A 193 41.20 -30.39 -21.82
CA PHE A 193 40.64 -31.73 -21.80
C PHE A 193 41.59 -32.72 -22.47
N PRO A 194 41.61 -33.97 -22.05
CA PRO A 194 42.40 -34.99 -22.75
C PRO A 194 41.73 -35.41 -24.05
N ASP A 195 42.52 -36.08 -24.90
CA ASP A 195 42.07 -36.50 -26.21
C ASP A 195 41.22 -37.77 -26.17
N LYS A 196 41.14 -38.44 -25.02
CA LYS A 196 40.30 -39.62 -24.86
C LYS A 196 39.02 -39.31 -24.10
N LEU A 197 38.72 -38.03 -23.89
CA LEU A 197 37.57 -37.64 -23.09
C LEU A 197 36.27 -37.83 -23.89
N GLU A 198 35.28 -38.45 -23.26
CA GLU A 198 34.01 -38.73 -23.92
C GLU A 198 32.83 -37.99 -23.32
N GLY A 199 32.83 -37.72 -22.02
CA GLY A 199 31.72 -37.04 -21.39
C GLY A 199 32.15 -35.90 -20.48
N LEU A 200 31.44 -34.76 -20.58
CA LEU A 200 31.77 -33.58 -19.80
C LEU A 200 30.51 -33.01 -19.16
N ALA A 201 30.61 -32.68 -17.87
CA ALA A 201 29.52 -32.03 -17.15
C ALA A 201 30.10 -30.87 -16.35
N LEU A 202 29.63 -29.66 -16.62
CA LEU A 202 30.13 -28.47 -15.93
C LEU A 202 29.01 -27.48 -15.62
N ALA A 203 27.75 -27.93 -15.61
CA ALA A 203 26.62 -27.03 -15.40
C ALA A 203 26.68 -26.40 -14.01
N ASN A 204 26.09 -25.21 -13.92
CA ASN A 204 26.06 -24.42 -12.68
C ASN A 204 27.47 -24.10 -12.20
N ASN A 205 28.22 -23.41 -13.06
CA ASN A 205 29.57 -22.97 -12.73
C ASN A 205 29.79 -21.53 -13.16
N PHE A 206 31.00 -21.02 -12.95
CA PHE A 206 31.36 -19.65 -13.34
C PHE A 206 32.48 -19.64 -14.36
N ILE A 207 32.47 -20.60 -15.29
CA ILE A 207 33.51 -20.69 -16.30
C ILE A 207 33.22 -19.70 -17.42
N GLU A 208 34.25 -18.95 -17.83
CA GLU A 208 34.10 -17.94 -18.88
C GLU A 208 34.48 -18.43 -20.26
N GLN A 209 35.41 -19.39 -20.37
CA GLN A 209 35.90 -19.85 -21.66
C GLN A 209 36.10 -21.36 -21.64
N LEU A 210 35.81 -22.00 -22.77
CA LEU A 210 35.95 -23.43 -22.91
C LEU A 210 37.17 -23.75 -23.77
N PRO A 211 38.06 -24.62 -23.30
CA PRO A 211 39.14 -25.10 -24.19
C PRO A 211 38.57 -25.95 -25.32
N GLU A 212 39.40 -26.17 -26.34
CA GLU A 212 38.97 -26.93 -27.51
C GLU A 212 38.57 -28.34 -27.10
N LEU A 213 37.39 -28.77 -27.58
CA LEU A 213 36.85 -30.08 -27.24
C LEU A 213 37.45 -31.15 -28.12
N PRO A 214 37.89 -32.27 -27.56
CA PRO A 214 38.40 -33.37 -28.39
C PRO A 214 37.29 -34.02 -29.20
N PHE A 215 37.68 -34.63 -30.31
CA PHE A 215 36.70 -35.30 -31.17
C PHE A 215 36.04 -36.49 -30.46
N SER A 216 36.71 -37.05 -29.45
CA SER A 216 36.11 -38.16 -28.69
C SER A 216 34.91 -37.71 -27.87
N MET A 217 34.70 -36.40 -27.73
CA MET A 217 33.53 -35.89 -27.01
C MET A 217 32.25 -36.36 -27.69
N ASN A 218 31.32 -36.86 -26.90
CA ASN A 218 30.01 -37.26 -27.38
C ASN A 218 28.86 -36.71 -26.56
N ARG A 219 29.14 -36.07 -25.42
CA ARG A 219 28.09 -35.48 -24.59
C ARG A 219 28.69 -34.37 -23.75
N ALA A 220 28.28 -33.14 -24.03
CA ALA A 220 28.77 -31.96 -23.32
C ALA A 220 27.61 -31.34 -22.54
N VAL A 221 27.77 -31.22 -21.23
CA VAL A 221 26.77 -30.62 -20.35
C VAL A 221 27.34 -29.29 -19.89
N LEU A 222 26.84 -28.18 -20.48
CA LEU A 222 27.47 -26.88 -20.33
C LEU A 222 26.49 -25.76 -19.98
N MET A 223 25.30 -26.08 -19.48
CA MET A 223 24.33 -25.03 -19.22
C MET A 223 24.67 -24.24 -17.96
N ASN A 224 24.05 -23.06 -17.85
CA ASN A 224 24.14 -22.22 -16.64
C ASN A 224 25.59 -21.82 -16.34
N ASN A 225 26.18 -21.09 -17.26
CA ASN A 225 27.53 -20.54 -17.09
C ASN A 225 27.55 -19.12 -17.64
N ASN A 226 28.74 -18.52 -17.64
CA ASN A 226 28.94 -17.16 -18.13
C ASN A 226 29.64 -17.15 -19.49
N LEU A 227 29.34 -18.14 -20.33
CA LEU A 227 30.01 -18.25 -21.62
C LEU A 227 29.46 -17.24 -22.61
N THR A 228 30.38 -16.53 -23.29
CA THR A 228 30.00 -15.58 -24.33
C THR A 228 30.24 -16.13 -25.73
N THR A 229 31.05 -17.17 -25.89
CA THR A 229 31.29 -17.77 -27.19
C THR A 229 31.68 -19.24 -26.99
N LEU A 230 31.58 -20.01 -28.06
CA LEU A 230 31.93 -21.41 -28.02
C LEU A 230 33.13 -21.67 -28.93
N PRO A 231 34.05 -22.54 -28.51
CA PRO A 231 35.18 -22.89 -29.38
C PRO A 231 34.70 -23.59 -30.65
N GLU A 232 35.44 -23.38 -31.74
CA GLU A 232 35.00 -23.89 -33.04
C GLU A 232 34.94 -25.41 -33.06
N SER A 233 35.72 -26.09 -32.22
CA SER A 233 35.76 -27.54 -32.23
C SER A 233 34.42 -28.15 -31.85
N VAL A 234 33.54 -27.40 -31.19
CA VAL A 234 32.21 -27.92 -30.87
C VAL A 234 31.43 -28.22 -32.14
N LEU A 235 31.79 -27.56 -33.25
CA LEU A 235 31.15 -27.84 -34.54
C LEU A 235 31.77 -29.03 -35.24
N ARG A 236 32.92 -29.53 -34.77
CA ARG A 236 33.61 -30.64 -35.39
C ARG A 236 33.37 -31.97 -34.67
N LEU A 237 32.48 -31.99 -33.68
CA LEU A 237 32.17 -33.23 -32.98
C LEU A 237 31.33 -34.15 -33.87
N ALA A 238 31.14 -35.37 -33.40
CA ALA A 238 30.35 -36.34 -34.15
C ALA A 238 28.89 -35.88 -34.25
N GLN A 239 28.22 -36.33 -35.30
CA GLN A 239 26.84 -35.90 -35.55
C GLN A 239 25.91 -36.34 -34.43
N ASN A 240 26.20 -37.49 -33.81
CA ASN A 240 25.36 -38.02 -32.73
C ASN A 240 25.74 -37.49 -31.35
N ALA A 241 26.73 -36.61 -31.27
CA ALA A 241 27.11 -36.02 -30.01
C ALA A 241 26.03 -35.05 -29.52
N PHE A 242 25.94 -34.91 -28.20
CA PHE A 242 24.91 -34.10 -27.55
C PHE A 242 25.57 -32.94 -26.80
N VAL A 243 25.16 -31.72 -27.13
CA VAL A 243 25.66 -30.51 -26.48
C VAL A 243 24.48 -29.61 -26.16
N ASN A 244 24.44 -29.11 -24.93
CA ASN A 244 23.43 -28.12 -24.52
C ASN A 244 24.15 -26.96 -23.84
N VAL A 245 23.91 -25.76 -24.34
CA VAL A 245 24.52 -24.54 -23.82
C VAL A 245 23.47 -23.53 -23.37
N ALA A 246 22.33 -24.01 -22.89
CA ALA A 246 21.25 -23.11 -22.47
C ALA A 246 21.67 -22.30 -21.25
N GLY A 247 21.12 -21.09 -21.16
CA GLY A 247 21.43 -20.21 -20.05
C GLY A 247 22.75 -19.48 -20.13
N ASN A 248 23.46 -19.61 -21.24
CA ASN A 248 24.75 -18.95 -21.39
C ASN A 248 24.59 -17.63 -22.14
N PRO A 249 25.23 -16.56 -21.66
CA PRO A 249 25.12 -15.25 -22.33
C PRO A 249 25.97 -15.17 -23.59
N LEU A 250 25.61 -15.98 -24.59
CA LEU A 250 26.32 -15.98 -25.86
C LEU A 250 26.08 -14.67 -26.60
N SER A 251 27.14 -14.12 -27.18
CA SER A 251 27.06 -12.86 -27.90
C SER A 251 26.31 -13.04 -29.23
N GLY A 252 25.96 -11.91 -29.83
CA GLY A 252 25.22 -11.94 -31.09
C GLY A 252 26.02 -12.54 -32.22
N HIS A 253 27.32 -12.20 -32.31
CA HIS A 253 28.17 -12.83 -33.31
C HIS A 253 28.18 -14.34 -33.14
N THR A 254 28.23 -14.82 -31.90
CA THR A 254 28.27 -16.25 -31.64
C THR A 254 27.02 -16.96 -32.14
N MET A 255 25.84 -16.44 -31.80
CA MET A 255 24.62 -17.13 -32.18
C MET A 255 24.34 -16.99 -33.67
N ARG A 256 24.78 -15.87 -34.27
CA ARG A 256 24.72 -15.77 -35.72
C ARG A 256 25.60 -16.84 -36.39
N THR A 257 26.83 -17.01 -35.91
CA THR A 257 27.72 -18.03 -36.47
C THR A 257 27.16 -19.43 -36.29
N LEU A 258 26.64 -19.72 -35.09
CA LEU A 258 26.10 -21.05 -34.81
C LEU A 258 24.84 -21.30 -35.65
N GLN A 259 23.99 -20.30 -35.82
CA GLN A 259 22.82 -20.47 -36.67
C GLN A 259 23.22 -20.71 -38.13
N GLN A 260 24.25 -19.99 -38.60
CA GLN A 260 24.71 -20.20 -39.97
C GLN A 260 25.27 -21.60 -40.16
N ILE A 261 26.06 -22.08 -39.20
CA ILE A 261 26.72 -23.38 -39.36
C ILE A 261 25.73 -24.53 -39.19
N THR A 262 24.96 -24.52 -38.11
CA THR A 262 24.12 -25.66 -37.78
C THR A 262 22.95 -25.84 -38.74
N THR A 263 22.40 -24.75 -39.27
CA THR A 263 21.26 -24.83 -40.18
C THR A 263 21.67 -24.96 -41.64
N GLY A 264 22.97 -25.11 -41.91
CA GLY A 264 23.45 -25.28 -43.26
C GLY A 264 23.02 -26.62 -43.85
N PRO A 265 22.89 -26.67 -45.16
CA PRO A 265 22.44 -27.93 -45.80
C PRO A 265 23.44 -29.06 -45.65
N ASP A 266 24.73 -28.75 -45.52
CA ASP A 266 25.78 -29.77 -45.43
C ASP A 266 26.30 -29.95 -44.00
N TYR A 267 25.59 -29.44 -43.01
CA TYR A 267 26.04 -29.54 -41.63
C TYR A 267 25.96 -30.98 -41.15
N SER A 268 27.04 -31.47 -40.54
CA SER A 268 27.12 -32.84 -40.04
C SER A 268 27.63 -32.89 -38.60
N GLY A 269 27.57 -31.76 -37.89
CA GLY A 269 28.07 -31.71 -36.53
C GLY A 269 27.04 -32.18 -35.51
N PRO A 270 27.37 -32.00 -34.23
CA PRO A 270 26.46 -32.45 -33.17
C PRO A 270 25.25 -31.52 -33.05
N ARG A 271 24.22 -32.05 -32.39
CA ARG A 271 23.01 -31.29 -32.11
C ARG A 271 23.22 -30.43 -30.87
N ILE A 272 23.08 -29.12 -31.03
CA ILE A 272 23.33 -28.16 -29.97
C ILE A 272 22.00 -27.60 -29.49
N PHE A 273 21.75 -27.69 -28.19
CA PHE A 273 20.53 -27.18 -27.59
C PHE A 273 20.81 -25.84 -26.92
N PHE A 274 20.10 -24.80 -27.34
CA PHE A 274 20.22 -23.49 -26.73
C PHE A 274 19.14 -23.21 -25.70
N SER A 275 18.21 -24.15 -25.50
CA SER A 275 17.13 -23.96 -24.53
C SER A 275 16.78 -25.28 -23.85
N LEU B 3335 -15.04 7.80 44.10
CA LEU B 3335 -14.60 7.38 45.42
C LEU B 3335 -15.61 6.41 46.05
N SER B 3336 -15.10 5.45 46.82
CA SER B 3336 -15.95 4.43 47.41
C SER B 3336 -16.69 4.99 48.62
N GLU B 3337 -17.52 4.15 49.23
CA GLU B 3337 -18.36 4.57 50.34
C GLU B 3337 -17.52 4.84 51.58
N ASN B 3338 -17.99 5.80 52.39
CA ASN B 3338 -17.39 6.26 53.64
C ASN B 3338 -16.08 6.99 53.42
N ALA B 3339 -15.62 7.14 52.18
CA ALA B 3339 -14.41 7.89 51.87
C ALA B 3339 -14.80 9.29 51.42
N SER B 3340 -13.96 10.25 51.75
CA SER B 3340 -14.23 11.66 51.49
C SER B 3340 -13.11 12.26 50.67
N ASN B 3341 -13.32 13.51 50.24
CA ASN B 3341 -12.29 14.26 49.54
C ASN B 3341 -11.10 14.47 50.46
N ASN B 3342 -9.89 14.44 49.92
CA ASN B 3342 -8.71 14.68 50.74
C ASN B 3342 -8.62 16.14 51.20
N VAL B 3343 -9.10 17.07 50.39
CA VAL B 3343 -9.22 18.47 50.76
C VAL B 3343 -10.68 18.86 50.58
N PRO B 3344 -11.29 19.55 51.54
CA PRO B 3344 -12.72 19.88 51.42
C PRO B 3344 -12.98 20.76 50.21
N PHE B 3345 -14.14 20.55 49.57
CA PHE B 3345 -14.55 21.28 48.39
C PHE B 3345 -13.48 21.22 47.30
N SER B 3346 -12.93 20.03 47.13
CA SER B 3346 -11.84 19.81 46.18
C SER B 3346 -12.24 20.02 44.73
N TRP B 3347 -13.51 19.81 44.39
CA TRP B 3347 -13.96 20.02 43.02
C TRP B 3347 -14.07 21.49 42.66
N LYS B 3348 -14.54 22.32 43.60
CA LYS B 3348 -14.67 23.75 43.31
C LYS B 3348 -13.32 24.43 43.20
N ILE B 3349 -12.35 24.02 44.03
CA ILE B 3349 -11.02 24.60 43.94
C ILE B 3349 -10.41 24.31 42.57
N LYS B 3350 -10.54 23.05 42.12
CA LYS B 3350 -9.96 22.66 40.85
C LYS B 3350 -10.62 23.41 39.69
N ASP B 3351 -11.94 23.53 39.70
CA ASP B 3351 -12.61 24.22 38.61
C ASP B 3351 -12.41 25.73 38.65
N TYR B 3352 -12.23 26.30 39.83
CA TYR B 3352 -11.86 27.71 39.96
C TYR B 3352 -10.47 27.98 39.40
N LEU B 3353 -9.52 27.11 39.73
CA LEU B 3353 -8.17 27.26 39.20
C LEU B 3353 -8.14 27.04 37.69
N GLU B 3354 -8.95 26.10 37.20
CA GLU B 3354 -8.99 25.80 35.77
C GLU B 3354 -9.77 26.82 34.96
N GLU B 3355 -10.26 27.88 35.59
CA GLU B 3355 -10.75 29.04 34.85
C GLU B 3355 -9.89 30.27 35.06
N LEU B 3356 -9.25 30.41 36.23
CA LEU B 3356 -8.19 31.40 36.35
C LEU B 3356 -7.08 31.13 35.35
N TRP B 3357 -6.76 29.86 35.13
CA TRP B 3357 -5.78 29.47 34.13
C TRP B 3357 -6.24 29.86 32.73
N VAL B 3358 -7.52 29.67 32.43
CA VAL B 3358 -8.04 30.05 31.11
C VAL B 3358 -7.91 31.56 30.91
N GLN B 3359 -8.22 32.34 31.96
CA GLN B 3359 -8.05 33.78 31.87
C GLN B 3359 -6.59 34.14 31.60
N ALA B 3360 -5.67 33.51 32.35
CA ALA B 3360 -4.24 33.78 32.15
C ALA B 3360 -3.77 33.34 30.78
N GLN B 3361 -4.48 32.41 30.14
CA GLN B 3361 -4.09 31.99 28.80
C GLN B 3361 -4.11 33.15 27.81
N TYR B 3362 -5.23 33.87 27.75
CA TYR B 3362 -5.36 34.95 26.77
C TYR B 3362 -4.90 36.29 27.30
N ILE B 3363 -4.76 36.45 28.63
CA ILE B 3363 -4.27 37.73 29.13
C ILE B 3363 -2.81 37.93 28.77
N THR B 3364 -2.07 36.85 28.51
CA THR B 3364 -0.64 36.93 28.21
C THR B 3364 -0.31 35.90 27.14
N ASP B 3365 0.98 35.64 26.97
CA ASP B 3365 1.50 34.70 25.99
C ASP B 3365 1.97 33.42 26.69
N ALA B 3366 2.64 32.55 25.92
CA ALA B 3366 3.00 31.23 26.43
C ALA B 3366 3.92 31.31 27.65
N GLU B 3367 4.89 32.22 27.63
CA GLU B 3367 5.85 32.33 28.73
C GLU B 3367 5.32 33.17 29.88
N GLY B 3368 4.15 33.80 29.73
CA GLY B 3368 3.58 34.59 30.79
C GLY B 3368 2.70 33.79 31.72
N LEU B 3369 2.29 32.60 31.30
CA LEU B 3369 1.43 31.74 32.08
C LEU B 3369 2.03 31.37 33.43
N PRO B 3370 3.28 30.85 33.50
CA PRO B 3370 3.79 30.35 34.79
C PRO B 3370 3.83 31.42 35.87
N LYS B 3371 3.93 32.68 35.47
CA LYS B 3371 3.93 33.78 36.43
C LYS B 3371 2.53 34.32 36.68
N LYS B 3372 1.82 34.65 35.60
CA LYS B 3372 0.52 35.30 35.73
C LYS B 3372 -0.50 34.41 36.43
N PHE B 3373 -0.44 33.10 36.20
CA PHE B 3373 -1.36 32.20 36.90
C PHE B 3373 -1.14 32.28 38.40
N VAL B 3374 0.13 32.30 38.83
CA VAL B 3374 0.43 32.39 40.26
C VAL B 3374 -0.02 33.73 40.83
N ASP B 3375 0.23 34.83 40.11
CA ASP B 3375 -0.22 36.12 40.65
C ASP B 3375 -1.74 36.18 40.73
N ILE B 3376 -2.43 35.64 39.73
CA ILE B 3376 -3.90 35.68 39.73
C ILE B 3376 -4.44 34.88 40.90
N PHE B 3377 -3.88 33.70 41.16
CA PHE B 3377 -4.34 32.93 42.32
C PHE B 3377 -3.74 33.42 43.63
N GLN B 3378 -2.80 34.36 43.59
CA GLN B 3378 -2.24 34.91 44.82
C GLN B 3378 -2.96 36.17 45.28
N GLN B 3379 -3.50 36.97 44.36
CA GLN B 3379 -4.28 38.14 44.72
C GLN B 3379 -5.75 37.82 44.95
N THR B 3380 -6.21 36.63 44.59
CA THR B 3380 -7.57 36.23 44.87
C THR B 3380 -7.75 36.00 46.38
N PRO B 3381 -8.96 36.16 46.90
CA PRO B 3381 -9.17 35.93 48.34
C PRO B 3381 -8.74 34.55 48.81
N LEU B 3382 -8.94 33.52 47.99
CA LEU B 3382 -8.44 32.20 48.34
C LEU B 3382 -6.92 32.19 48.45
N GLY B 3383 -6.26 33.06 47.69
CA GLY B 3383 -4.81 33.17 47.75
C GLY B 3383 -4.31 33.55 49.12
N ARG B 3384 -4.90 34.58 49.73
CA ARG B 3384 -4.52 34.92 51.10
C ARG B 3384 -5.12 33.93 52.09
N PHE B 3385 -6.25 33.32 51.73
CA PHE B 3385 -6.85 32.30 52.58
C PHE B 3385 -5.90 31.13 52.78
N LEU B 3386 -5.09 30.81 51.78
CA LEU B 3386 -4.13 29.72 51.85
C LEU B 3386 -2.74 30.18 52.26
N ALA B 3387 -2.33 31.37 51.82
CA ALA B 3387 -0.97 31.84 52.05
C ALA B 3387 -0.71 32.09 53.52
N GLN B 3388 -1.76 32.46 54.28
CA GLN B 3388 -1.62 32.64 55.72
C GLN B 3388 -1.11 31.37 56.37
N LEU B 3389 -1.56 30.22 55.88
CA LEU B 3389 -1.06 28.94 56.35
C LEU B 3389 0.41 28.79 55.97
N HIS B 3390 1.23 28.37 56.92
CA HIS B 3390 2.67 28.29 56.73
C HIS B 3390 3.20 27.01 57.35
N GLY B 3391 4.43 26.66 56.97
CA GLY B 3391 5.08 25.50 57.52
C GLY B 3391 4.66 24.22 56.85
N GLU B 3392 4.97 23.11 57.54
CA GLU B 3392 4.68 21.78 57.02
C GLU B 3392 3.19 21.53 56.77
N PRO B 3393 2.23 22.22 57.46
CA PRO B 3393 0.84 22.08 57.04
C PRO B 3393 0.68 22.26 55.54
N GLN B 3394 1.45 23.21 54.98
CA GLN B 3394 1.50 23.39 53.53
C GLN B 3394 1.59 22.05 52.82
N GLN B 3395 2.68 21.31 53.04
CA GLN B 3395 2.87 20.06 52.30
C GLN B 3395 1.69 19.14 52.55
N GLU B 3396 1.17 19.12 53.77
CA GLU B 3396 -0.02 18.33 54.06
C GLU B 3396 -1.09 18.58 53.02
N LEU B 3397 -1.55 19.84 52.94
CA LEU B 3397 -2.57 20.20 51.97
C LEU B 3397 -2.17 19.76 50.58
N LEU B 3398 -0.92 20.06 50.19
CA LEU B 3398 -0.48 19.72 48.86
C LEU B 3398 -0.52 18.21 48.65
N GLN B 3399 0.02 17.45 49.62
CA GLN B 3399 0.02 16.00 49.47
C GLN B 3399 -1.39 15.45 49.39
N CYS B 3400 -2.36 16.21 49.89
CA CYS B 3400 -3.76 15.83 49.70
C CYS B 3400 -4.25 16.27 48.33
N TYR B 3401 -4.00 17.53 47.96
CA TYR B 3401 -4.67 18.12 46.80
C TYR B 3401 -4.33 17.36 45.52
N LEU B 3402 -3.05 17.18 45.24
CA LEU B 3402 -2.64 16.50 44.02
C LEU B 3402 -3.05 15.03 44.01
N LYS B 3403 -3.48 14.49 45.16
CA LYS B 3403 -4.17 13.21 45.11
C LYS B 3403 -5.55 13.36 44.49
N ASP B 3404 -6.38 14.22 45.08
CA ASP B 3404 -7.76 14.34 44.61
C ASP B 3404 -7.80 14.81 43.16
N PHE B 3405 -6.87 15.66 42.77
CA PHE B 3405 -6.78 16.09 41.38
C PHE B 3405 -6.76 14.88 40.45
N ILE B 3406 -5.89 13.90 40.75
CA ILE B 3406 -5.85 12.68 39.94
C ILE B 3406 -7.21 12.02 39.94
N LEU B 3407 -7.82 11.89 41.12
CA LEU B 3407 -9.14 11.28 41.21
C LEU B 3407 -10.17 12.02 40.37
N LEU B 3408 -10.00 13.33 40.20
CA LEU B 3408 -10.95 14.11 39.42
C LEU B 3408 -10.54 14.25 37.96
N THR B 3409 -9.43 13.63 37.55
CA THR B 3409 -8.99 13.72 36.17
C THR B 3409 -8.76 12.37 35.52
N MET B 3410 -8.20 11.40 36.23
CA MET B 3410 -7.97 10.07 35.68
C MET B 3410 -8.92 9.08 36.33
N ARG B 3411 -8.78 7.79 36.00
CA ARG B 3411 -9.56 6.72 36.62
C ARG B 3411 -8.56 5.68 37.10
N VAL B 3412 -8.13 5.82 38.35
CA VAL B 3412 -7.13 4.91 38.91
C VAL B 3412 -7.81 3.58 39.22
N SER B 3413 -7.31 2.51 38.63
CA SER B 3413 -7.89 1.18 38.87
C SER B 3413 -7.70 0.75 40.32
N THR B 3414 -6.50 0.97 40.87
CA THR B 3414 -6.19 0.58 42.24
C THR B 3414 -5.60 1.77 42.98
N GLU B 3415 -5.37 1.58 44.28
CA GLU B 3415 -4.76 2.63 45.08
C GLU B 3415 -3.26 2.75 44.83
N GLU B 3416 -2.60 1.65 44.45
CA GLU B 3416 -1.18 1.71 44.15
C GLU B 3416 -0.91 2.61 42.95
N GLU B 3417 -1.74 2.49 41.91
CA GLU B 3417 -1.63 3.38 40.76
C GLU B 3417 -1.86 4.82 41.18
N LEU B 3418 -2.79 5.05 42.10
CA LEU B 3418 -3.05 6.39 42.60
C LEU B 3418 -1.81 6.95 43.28
N LYS B 3419 -1.13 6.14 44.10
CA LYS B 3419 0.07 6.59 44.77
C LYS B 3419 1.19 6.89 43.77
N PHE B 3420 1.33 6.03 42.75
CA PHE B 3420 2.36 6.25 41.75
C PHE B 3420 2.12 7.54 40.98
N LEU B 3421 0.87 7.78 40.58
CA LEU B 3421 0.55 9.02 39.89
C LEU B 3421 0.74 10.21 40.80
N GLN B 3422 0.42 10.06 42.10
CA GLN B 3422 0.67 11.12 43.07
C GLN B 3422 2.13 11.51 43.09
N MET B 3423 3.03 10.53 43.23
CA MET B 3423 4.44 10.85 43.33
C MET B 3423 4.98 11.39 42.00
N ALA B 3424 4.47 10.88 40.88
CA ALA B 3424 4.88 11.41 39.59
C ALA B 3424 4.49 12.88 39.43
N LEU B 3425 3.25 13.22 39.79
CA LEU B 3425 2.80 14.59 39.66
C LEU B 3425 3.51 15.51 40.65
N TRP B 3426 3.83 14.98 41.84
CA TRP B 3426 4.63 15.75 42.80
C TRP B 3426 6.01 16.05 42.25
N SER B 3427 6.62 15.05 41.61
CA SER B 3427 7.92 15.27 40.99
C SER B 3427 7.83 16.32 39.89
N CYS B 3428 6.78 16.24 39.06
CA CYS B 3428 6.60 17.23 38.00
C CYS B 3428 6.42 18.63 38.58
N THR B 3429 5.63 18.75 39.66
CA THR B 3429 5.41 20.04 40.29
C THR B 3429 6.69 20.62 40.84
N ARG B 3430 7.50 19.79 41.51
CA ARG B 3430 8.78 20.28 42.03
C ARG B 3430 9.70 20.69 40.88
N LYS B 3431 9.68 19.94 39.78
CA LYS B 3431 10.51 20.28 38.63
C LYS B 3431 10.11 21.64 38.07
N LEU B 3432 8.81 21.88 37.95
CA LEU B 3432 8.36 23.18 37.47
C LEU B 3432 8.73 24.29 38.44
N LYS B 3433 8.63 24.02 39.75
CA LYS B 3433 9.00 25.02 40.74
C LYS B 3433 10.51 25.25 40.81
N ALA B 3434 11.31 24.34 40.23
CA ALA B 3434 12.76 24.48 40.29
C ALA B 3434 13.22 25.77 39.62
N ALA B 3435 12.64 26.10 38.47
CA ALA B 3435 12.94 27.33 37.76
C ALA B 3435 11.67 28.19 37.79
N SER B 3436 11.52 28.98 38.86
CA SER B 3436 10.33 29.82 39.02
C SER B 3436 10.64 31.17 39.66
N GLU B 3437 11.91 31.56 39.74
CA GLU B 3437 12.35 32.82 40.35
C GLU B 3437 12.08 32.83 41.85
N ALA B 3438 11.54 31.74 42.38
CA ALA B 3438 11.39 31.53 43.81
C ALA B 3438 11.42 30.04 44.11
N PRO B 3439 12.52 29.35 43.81
CA PRO B 3439 12.52 27.89 43.92
C PRO B 3439 12.50 27.43 45.38
N GLU B 3440 11.58 26.51 45.67
CA GLU B 3440 11.48 25.85 46.97
C GLU B 3440 11.38 26.83 48.13
N GLU B 3441 10.81 28.01 47.88
CA GLU B 3441 10.50 28.94 48.95
C GLU B 3441 9.12 28.63 49.52
N GLU B 3442 8.09 28.68 48.68
CA GLU B 3442 6.76 28.22 49.03
C GLU B 3442 6.08 27.71 47.77
N VAL B 3443 5.46 26.54 47.88
CA VAL B 3443 4.78 25.94 46.75
C VAL B 3443 3.31 26.33 46.86
N SER B 3444 2.59 26.25 45.75
CA SER B 3444 1.20 26.71 45.73
C SER B 3444 0.38 25.79 44.84
N LEU B 3445 -0.93 25.84 45.03
CA LEU B 3445 -1.84 25.01 44.24
C LEU B 3445 -1.70 25.20 42.74
N PRO B 3446 -1.55 26.40 42.18
CA PRO B 3446 -1.50 26.53 40.71
C PRO B 3446 -0.37 25.72 40.07
N TRP B 3447 0.68 25.43 40.82
CA TRP B 3447 1.80 24.69 40.25
C TRP B 3447 1.39 23.27 39.87
N VAL B 3448 0.46 22.66 40.61
CA VAL B 3448 -0.01 21.34 40.24
C VAL B 3448 -0.72 21.38 38.89
N HIS B 3449 -1.58 22.38 38.68
CA HIS B 3449 -2.26 22.51 37.40
C HIS B 3449 -1.27 22.79 36.28
N LEU B 3450 -0.27 23.64 36.54
CA LEU B 3450 0.74 23.92 35.53
C LEU B 3450 1.50 22.65 35.15
N ALA B 3451 1.87 21.85 36.16
CA ALA B 3451 2.60 20.62 35.91
C ALA B 3451 1.75 19.64 35.10
N TYR B 3452 0.48 19.47 35.49
CA TYR B 3452 -0.36 18.53 34.75
C TYR B 3452 -0.58 18.99 33.32
N GLN B 3453 -0.85 20.28 33.13
CA GLN B 3453 -1.08 20.79 31.78
C GLN B 3453 0.15 20.64 30.90
N ARG B 3454 1.33 20.97 31.43
CA ARG B 3454 2.55 20.80 30.63
C ARG B 3454 2.88 19.33 30.43
N PHE B 3455 2.89 18.55 31.52
CA PHE B 3455 3.19 17.13 31.44
C PHE B 3455 1.92 16.29 31.45
N ARG B 3456 1.12 16.44 30.41
CA ARG B 3456 -0.09 15.62 30.29
C ARG B 3456 0.19 14.35 29.51
N SER B 3457 0.94 14.45 28.41
CA SER B 3457 1.20 13.29 27.57
C SER B 3457 1.95 12.22 28.35
N ARG B 3458 2.97 12.61 29.12
CA ARG B 3458 3.77 11.64 29.85
C ARG B 3458 2.95 10.96 30.94
N LEU B 3459 2.14 11.73 31.67
CA LEU B 3459 1.30 11.13 32.71
C LEU B 3459 0.29 10.16 32.13
N GLN B 3460 -0.36 10.56 31.03
CA GLN B 3460 -1.37 9.67 30.45
C GLN B 3460 -0.72 8.45 29.80
N ASN B 3461 0.48 8.59 29.26
CA ASN B 3461 1.21 7.43 28.74
C ASN B 3461 1.61 6.48 29.87
N PHE B 3462 1.99 7.04 31.01
CA PHE B 3462 2.25 6.23 32.20
C PHE B 3462 1.00 5.45 32.61
N SER B 3463 -0.15 6.12 32.60
CA SER B 3463 -1.40 5.44 32.91
C SER B 3463 -1.68 4.33 31.91
N ARG B 3464 -1.43 4.58 30.63
CA ARG B 3464 -1.63 3.56 29.62
C ARG B 3464 -0.71 2.36 29.85
N ILE B 3465 0.55 2.62 30.22
CA ILE B 3465 1.49 1.54 30.48
C ILE B 3465 0.99 0.69 31.65
N LEU B 3466 0.56 1.34 32.73
CA LEU B 3466 0.11 0.60 33.90
C LEU B 3466 -1.30 0.04 33.75
N THR B 3467 -2.00 0.36 32.68
CA THR B 3467 -3.28 -0.30 32.42
C THR B 3467 -3.22 -1.36 31.33
N ILE B 3468 -2.15 -1.40 30.52
CA ILE B 3468 -2.00 -2.46 29.53
C ILE B 3468 -1.71 -3.77 30.24
N TYR B 3469 -0.81 -3.74 31.21
CA TYR B 3469 -0.54 -4.88 32.07
C TYR B 3469 -0.28 -4.38 33.49
N PRO B 3470 -1.19 -4.65 34.42
CA PRO B 3470 -1.01 -4.13 35.78
C PRO B 3470 0.24 -4.65 36.49
N GLN B 3471 0.75 -5.82 36.09
CA GLN B 3471 1.88 -6.41 36.80
C GLN B 3471 3.06 -5.46 36.88
N VAL B 3472 3.19 -4.56 35.88
CA VAL B 3472 4.30 -3.61 35.87
C VAL B 3472 4.33 -2.81 37.16
N LEU B 3473 3.16 -2.36 37.63
CA LEU B 3473 3.14 -1.59 38.88
C LEU B 3473 3.59 -2.44 40.05
N HIS B 3474 3.22 -3.72 40.07
CA HIS B 3474 3.59 -4.58 41.19
C HIS B 3474 5.11 -4.66 41.32
N SER B 3475 5.80 -4.99 40.22
CA SER B 3475 7.26 -4.96 40.24
C SER B 3475 7.76 -3.53 40.47
N LEU B 3476 7.00 -2.54 40.04
CA LEU B 3476 7.37 -1.16 40.31
C LEU B 3476 7.14 -0.79 41.77
N MET B 3477 6.32 -1.55 42.49
CA MET B 3477 6.05 -1.24 43.89
C MET B 3477 7.32 -1.31 44.72
N GLU B 3478 8.09 -2.38 44.58
CA GLU B 3478 9.38 -2.46 45.25
C GLU B 3478 10.46 -1.69 44.51
N ALA B 3479 10.17 -1.18 43.32
CA ALA B 3479 11.15 -0.39 42.58
C ALA B 3479 11.14 1.05 43.06
N ARG B 3480 11.18 1.23 44.38
CA ARG B 3480 11.54 2.50 45.00
C ARG B 3480 12.69 2.36 45.97
N TRP B 3481 12.79 1.24 46.69
CA TRP B 3481 14.03 0.78 47.30
C TRP B 3481 14.93 0.11 46.28
N ASN B 3482 14.36 -0.74 45.42
CA ASN B 3482 15.13 -1.32 44.33
C ASN B 3482 15.58 -0.26 43.33
N HIS B 3483 14.70 0.69 43.02
CA HIS B 3483 15.00 1.83 42.16
C HIS B 3483 14.89 3.08 43.02
N GLU B 3484 16.01 3.49 43.61
CA GLU B 3484 16.02 4.67 44.48
C GLU B 3484 15.49 5.87 43.72
N LEU B 3485 14.34 6.39 44.17
CA LEU B 3485 13.61 7.43 43.45
C LEU B 3485 13.84 8.76 44.13
N ALA B 3486 14.75 9.56 43.58
CA ALA B 3486 14.97 10.93 44.02
C ALA B 3486 14.08 11.84 43.18
N GLY B 3487 13.13 12.52 43.82
CA GLY B 3487 12.13 13.26 43.09
C GLY B 3487 12.50 14.69 42.79
N CYS B 3488 13.03 14.93 41.60
CA CYS B 3488 13.23 16.28 41.09
C CYS B 3488 12.82 16.42 39.63
N GLU B 3489 12.61 15.33 38.92
CA GLU B 3489 12.13 15.34 37.54
C GLU B 3489 11.22 14.14 37.35
N MET B 3490 10.41 14.19 36.29
CA MET B 3490 9.53 13.07 35.96
C MET B 3490 10.35 11.92 35.36
N THR B 3491 10.81 11.05 36.25
CA THR B 3491 11.54 9.87 35.82
C THR B 3491 10.74 8.59 35.98
N LEU B 3492 9.56 8.65 36.59
CA LEU B 3492 8.81 7.44 36.93
C LEU B 3492 8.37 6.68 35.68
N ASP B 3493 8.02 7.41 34.61
CA ASP B 3493 7.56 6.74 33.39
C ASP B 3493 8.65 5.86 32.80
N ALA B 3494 9.88 6.35 32.77
CA ALA B 3494 10.98 5.55 32.23
C ALA B 3494 11.25 4.32 33.08
N PHE B 3495 11.15 4.47 34.41
CA PHE B 3495 11.33 3.31 35.28
C PHE B 3495 10.23 2.28 35.05
N ALA B 3496 8.99 2.73 34.85
CA ALA B 3496 7.93 1.80 34.49
C ALA B 3496 8.21 1.12 33.17
N ALA B 3497 8.76 1.87 32.21
CA ALA B 3497 9.10 1.29 30.92
C ALA B 3497 10.15 0.20 31.08
N MET B 3498 11.17 0.45 31.90
CA MET B 3498 12.17 -0.59 32.15
C MET B 3498 11.57 -1.79 32.84
N ALA B 3499 10.72 -1.59 33.84
CA ALA B 3499 10.10 -2.73 34.49
C ALA B 3499 9.33 -3.57 33.48
N CYS B 3500 8.57 -2.90 32.61
CA CYS B 3500 7.78 -3.61 31.61
C CYS B 3500 8.67 -4.34 30.61
N THR B 3501 9.76 -3.71 30.17
CA THR B 3501 10.60 -4.33 29.14
C THR B 3501 11.42 -5.47 29.73
N GLU B 3502 11.81 -5.38 31.01
CA GLU B 3502 12.44 -6.52 31.67
C GLU B 3502 11.46 -7.67 31.82
N MET B 3503 10.19 -7.36 32.14
CA MET B 3503 9.17 -8.40 32.15
C MET B 3503 9.06 -9.06 30.78
N LEU B 3504 9.10 -8.26 29.72
CA LEU B 3504 9.01 -8.79 28.36
C LEU B 3504 10.20 -9.70 28.05
N THR B 3505 11.41 -9.27 28.43
CA THR B 3505 12.60 -10.06 28.17
C THR B 3505 12.56 -11.37 28.94
N ARG B 3506 12.12 -11.32 30.19
CA ARG B 3506 12.09 -12.51 31.04
C ARG B 3506 10.87 -13.39 30.81
N ASN B 3507 9.92 -12.96 29.98
CA ASN B 3507 8.74 -13.77 29.72
C ASN B 3507 8.51 -13.99 28.24
N THR B 3508 9.57 -14.23 27.47
CA THR B 3508 9.42 -14.44 26.04
C THR B 3508 8.70 -15.75 25.76
N LEU B 3509 7.69 -15.68 24.88
CA LEU B 3509 6.98 -16.84 24.35
C LEU B 3509 6.21 -17.61 25.41
N LYS B 3510 6.18 -17.14 26.64
CA LYS B 3510 5.69 -17.97 27.75
C LYS B 3510 4.21 -18.28 27.60
N PRO B 3511 3.30 -17.30 27.65
CA PRO B 3511 1.87 -17.65 27.64
C PRO B 3511 1.26 -17.75 26.23
N SER B 3512 1.52 -18.88 25.55
CA SER B 3512 0.94 -19.11 24.22
C SER B 3512 1.34 -18.01 23.26
N PRO B 3513 2.57 -18.05 22.71
CA PRO B 3513 3.23 -16.84 22.14
C PRO B 3513 2.34 -15.88 21.37
N GLN B 3514 1.22 -16.35 20.81
CA GLN B 3514 0.25 -15.43 20.23
C GLN B 3514 -0.10 -14.32 21.22
N ALA B 3515 -0.35 -14.67 22.48
CA ALA B 3515 -0.64 -13.68 23.50
C ALA B 3515 0.56 -12.78 23.77
N TRP B 3516 1.78 -13.34 23.78
CA TRP B 3516 2.96 -12.51 23.94
C TRP B 3516 3.10 -11.54 22.78
N LEU B 3517 2.79 -12.00 21.56
CA LEU B 3517 2.82 -11.13 20.40
C LEU B 3517 1.82 -9.98 20.55
N GLN B 3518 0.60 -10.30 20.97
CA GLN B 3518 -0.39 -9.24 21.13
C GLN B 3518 -0.01 -8.28 22.25
N LEU B 3519 0.61 -8.79 23.31
CA LEU B 3519 1.02 -7.94 24.42
C LEU B 3519 2.12 -6.98 24.00
N VAL B 3520 3.12 -7.47 23.27
CA VAL B 3520 4.17 -6.58 22.78
C VAL B 3520 3.61 -5.60 21.76
N LYS B 3521 2.65 -6.03 20.93
CA LYS B 3521 2.06 -5.10 19.98
C LYS B 3521 1.21 -4.03 20.66
N ASN B 3522 0.53 -4.38 21.76
CA ASN B 3522 -0.19 -3.37 22.53
C ASN B 3522 0.75 -2.40 23.22
N LEU B 3523 1.91 -2.88 23.66
CA LEU B 3523 2.91 -1.99 24.25
C LEU B 3523 3.73 -1.24 23.20
N SER B 3524 3.58 -1.59 21.92
CA SER B 3524 4.37 -0.93 20.88
C SER B 3524 4.26 0.58 20.96
N MET B 3525 3.03 1.13 21.02
CA MET B 3525 2.90 2.58 21.03
C MET B 3525 3.49 3.21 22.29
N PRO B 3526 3.07 2.84 23.51
CA PRO B 3526 3.61 3.53 24.69
C PRO B 3526 5.12 3.41 24.81
N LEU B 3527 5.67 2.23 24.54
CA LEU B 3527 7.10 2.03 24.68
C LEU B 3527 7.88 2.77 23.61
N GLU B 3528 7.33 2.88 22.40
CA GLU B 3528 7.97 3.67 21.37
C GLU B 3528 7.93 5.16 21.72
N LEU B 3529 6.81 5.63 22.26
CA LEU B 3529 6.73 7.02 22.69
C LEU B 3529 7.76 7.31 23.78
N ILE B 3530 7.90 6.39 24.74
CA ILE B 3530 8.94 6.52 25.75
C ILE B 3530 10.31 6.55 25.07
N CYS B 3531 10.53 5.68 24.10
CA CYS B 3531 11.79 5.66 23.36
C CYS B 3531 11.90 6.85 22.42
N SER B 3532 10.77 7.42 21.99
CA SER B 3532 10.80 8.54 21.07
C SER B 3532 11.46 9.76 21.72
N ASP B 3533 12.26 10.49 20.93
CA ASP B 3533 13.00 11.62 21.48
C ASP B 3533 12.08 12.80 21.77
N GLU B 3534 11.04 13.01 20.97
CA GLU B 3534 10.15 14.14 21.18
C GLU B 3534 9.00 13.79 22.14
N HIS B 3535 9.35 13.15 23.24
CA HIS B 3535 8.45 12.84 24.33
C HIS B 3535 9.08 13.13 25.68
N MET B 3536 10.41 13.12 25.77
CA MET B 3536 11.15 13.32 27.01
C MET B 3536 12.04 14.55 26.91
N GLN B 3537 11.49 15.66 26.41
CA GLN B 3537 12.27 16.86 26.11
C GLN B 3537 13.04 17.38 27.32
N GLY B 3538 12.35 17.57 28.44
CA GLY B 3538 12.97 18.18 29.60
C GLY B 3538 13.59 17.20 30.56
N SER B 3539 13.83 15.98 30.09
CA SER B 3539 14.35 14.93 30.96
C SER B 3539 15.79 15.24 31.38
N GLY B 3540 16.19 14.61 32.49
CA GLY B 3540 17.51 14.81 33.05
C GLY B 3540 18.47 13.70 32.68
N SER B 3541 19.66 13.76 33.31
CA SER B 3541 20.70 12.79 33.01
C SER B 3541 20.26 11.37 33.33
N LEU B 3542 19.66 11.17 34.50
CA LEU B 3542 19.16 9.85 34.86
C LEU B 3542 18.09 9.39 33.87
N ALA B 3543 17.17 10.29 33.52
CA ALA B 3543 16.11 9.95 32.59
C ALA B 3543 16.67 9.64 31.21
N GLN B 3544 17.66 10.42 30.76
CA GLN B 3544 18.26 10.14 29.45
C GLN B 3544 18.94 8.79 29.45
N ALA B 3545 19.65 8.45 30.53
CA ALA B 3545 20.31 7.15 30.61
C ALA B 3545 19.30 6.01 30.58
N VAL B 3546 18.21 6.14 31.33
CA VAL B 3546 17.26 5.04 31.40
C VAL B 3546 16.53 4.90 30.07
N ILE B 3547 16.33 6.04 29.37
CA ILE B 3547 15.76 5.99 28.02
C ILE B 3547 16.71 5.26 27.08
N ARG B 3548 18.02 5.54 27.18
CA ARG B 3548 19.01 4.81 26.38
C ARG B 3548 18.87 3.32 26.60
N GLU B 3549 18.82 2.91 27.87
CA GLU B 3549 18.78 1.49 28.19
C GLU B 3549 17.49 0.84 27.69
N VAL B 3550 16.35 1.52 27.85
CA VAL B 3550 15.09 0.94 27.41
C VAL B 3550 15.03 0.88 25.89
N ARG B 3551 15.64 1.85 25.20
CA ARG B 3551 15.75 1.74 23.74
C ARG B 3551 16.56 0.51 23.36
N ALA B 3552 17.67 0.28 24.08
CA ALA B 3552 18.53 -0.85 23.78
C ALA B 3552 17.77 -2.16 23.91
N GLN B 3553 16.96 -2.30 24.96
CA GLN B 3553 16.19 -3.55 25.09
C GLN B 3553 15.03 -3.60 24.12
N TRP B 3554 14.41 -2.47 23.82
CA TRP B 3554 13.25 -2.47 22.93
C TRP B 3554 13.65 -2.87 21.52
N SER B 3555 14.86 -2.52 21.09
CA SER B 3555 15.30 -2.93 19.77
C SER B 3555 15.25 -4.45 19.61
N ARG B 3556 15.89 -5.18 20.53
CA ARG B 3556 15.90 -6.63 20.43
C ARG B 3556 14.52 -7.23 20.66
N ILE B 3557 13.74 -6.63 21.57
CA ILE B 3557 12.41 -7.17 21.82
C ILE B 3557 11.53 -7.05 20.58
N PHE B 3558 11.64 -5.91 19.90
CA PHE B 3558 10.81 -5.65 18.71
C PHE B 3558 11.34 -6.22 17.42
N SER B 3559 12.65 -6.24 17.21
CA SER B 3559 13.17 -6.91 16.02
C SER B 3559 12.86 -8.38 16.24
N THR B 3560 12.96 -8.93 17.45
CA THR B 3560 12.56 -10.37 17.65
C THR B 3560 11.18 -10.57 17.59
N ALA B 3561 10.52 -9.50 17.82
CA ALA B 3561 9.15 -9.66 17.88
C ALA B 3561 8.58 -10.03 16.58
N LEU B 3562 9.09 -9.46 15.51
CA LEU B 3562 8.53 -9.68 14.23
C LEU B 3562 8.88 -11.06 13.79
N PHE B 3563 9.65 -11.83 14.54
CA PHE B 3563 10.08 -13.12 14.04
C PHE B 3563 9.04 -13.90 14.50
N VAL B 3564 8.71 -13.64 15.70
CA VAL B 3564 7.76 -14.42 16.33
C VAL B 3564 6.51 -14.23 15.53
N GLU B 3565 6.37 -13.17 14.75
CA GLU B 3565 5.10 -12.96 14.07
C GLU B 3565 5.04 -13.58 12.73
N HIS B 3566 6.08 -13.41 11.95
CA HIS B 3566 5.99 -13.93 10.62
C HIS B 3566 6.41 -15.35 10.64
N VAL B 3567 7.41 -15.69 11.42
CA VAL B 3567 7.87 -17.04 11.34
C VAL B 3567 7.22 -18.06 12.25
N LEU B 3568 6.98 -17.70 13.46
CA LEU B 3568 6.64 -18.75 14.34
C LEU B 3568 5.29 -18.87 14.38
N LEU B 3569 4.71 -17.77 14.07
CA LEU B 3569 3.36 -17.84 14.38
C LEU B 3569 2.83 -18.40 13.20
N GLY B 3570 3.48 -18.09 12.11
CA GLY B 3570 2.88 -18.51 10.90
C GLY B 3570 3.50 -19.56 10.05
N THR B 3571 4.78 -19.80 10.24
CA THR B 3571 5.45 -20.72 9.35
C THR B 3571 4.75 -21.95 9.53
N GLU B 3572 4.38 -22.17 10.73
CA GLU B 3572 3.88 -23.43 11.00
C GLU B 3572 2.47 -23.62 11.27
N SER B 3573 1.71 -22.60 11.06
CA SER B 3573 0.34 -22.87 11.16
C SER B 3573 0.27 -23.77 10.00
N ARG B 3574 0.95 -23.39 8.95
CA ARG B 3574 0.92 -24.18 7.75
C ARG B 3574 1.95 -25.29 7.69
N VAL B 3575 3.23 -25.00 7.77
CA VAL B 3575 4.18 -26.04 7.66
C VAL B 3575 4.47 -26.41 9.03
N PRO B 3576 3.81 -27.42 9.54
CA PRO B 3576 3.95 -27.76 10.95
C PRO B 3576 5.21 -28.31 11.51
N GLU B 3577 5.84 -29.24 10.83
CA GLU B 3577 7.00 -29.86 11.40
C GLU B 3577 7.93 -28.83 11.87
N LEU B 3578 7.91 -27.71 11.20
CA LEU B 3578 8.89 -26.71 11.57
C LEU B 3578 8.54 -25.99 12.86
N GLN B 3579 7.27 -26.06 13.29
CA GLN B 3579 6.80 -25.20 14.38
C GLN B 3579 7.70 -25.27 15.60
N GLY B 3580 7.75 -26.43 16.25
CA GLY B 3580 8.65 -26.60 17.38
C GLY B 3580 10.08 -26.32 17.00
N LEU B 3581 10.49 -26.75 15.81
CA LEU B 3581 11.83 -26.47 15.31
C LEU B 3581 12.13 -24.97 15.38
N VAL B 3582 11.17 -24.14 14.94
CA VAL B 3582 11.41 -22.70 14.94
C VAL B 3582 11.57 -22.19 16.37
N THR B 3583 10.82 -22.78 17.31
CA THR B 3583 10.94 -22.37 18.70
C THR B 3583 12.36 -22.56 19.22
N GLU B 3584 13.11 -23.46 18.58
CA GLU B 3584 14.51 -23.66 18.95
C GLU B 3584 15.33 -22.39 18.69
N HIS B 3585 15.13 -21.77 17.54
CA HIS B 3585 16.03 -20.70 17.12
C HIS B 3585 15.61 -19.33 17.62
N VAL B 3586 14.34 -19.13 17.97
CA VAL B 3586 13.88 -17.82 18.40
C VAL B 3586 14.71 -17.32 19.57
N PHE B 3587 14.88 -18.17 20.59
CA PHE B 3587 15.73 -17.78 21.72
C PHE B 3587 17.14 -17.48 21.26
N LEU B 3588 17.70 -18.33 20.40
CA LEU B 3588 19.02 -18.07 19.85
C LEU B 3588 19.10 -16.68 19.23
N LEU B 3589 18.02 -16.27 18.57
CA LEU B 3589 17.99 -14.94 17.97
C LEU B 3589 18.26 -13.87 19.02
N ASP B 3590 17.54 -13.94 20.15
CA ASP B 3590 17.79 -12.98 21.22
C ASP B 3590 19.23 -13.05 21.69
N LYS B 3591 19.78 -14.27 21.76
CA LYS B 3591 21.19 -14.40 22.13
C LYS B 3591 22.07 -13.61 21.17
N CYS B 3592 21.81 -13.73 19.87
CA CYS B 3592 22.58 -12.99 18.89
C CYS B 3592 22.45 -11.49 19.11
N LEU B 3593 21.28 -11.05 19.58
CA LEU B 3593 21.08 -9.63 19.87
C LEU B 3593 21.30 -9.30 21.34
N ARG B 3594 21.66 -10.28 22.17
CA ARG B 3594 21.71 -10.04 23.60
C ARG B 3594 22.83 -9.06 23.97
N GLU B 3595 24.03 -9.30 23.45
CA GLU B 3595 25.16 -8.43 23.78
C GLU B 3595 24.96 -7.03 23.21
N ASN B 3596 24.57 -6.95 21.94
CA ASN B 3596 24.28 -5.67 21.30
C ASN B 3596 23.06 -5.82 20.43
N SER B 3597 22.21 -4.79 20.40
CA SER B 3597 20.95 -4.83 19.67
C SER B 3597 20.77 -3.59 18.80
N ASP B 3598 21.85 -2.88 18.51
CA ASP B 3598 21.80 -1.71 17.63
C ASP B 3598 21.94 -2.21 16.20
N VAL B 3599 20.81 -2.63 15.60
CA VAL B 3599 20.82 -3.28 14.30
C VAL B 3599 21.37 -2.40 13.19
N LYS B 3600 21.28 -1.08 13.33
CA LYS B 3600 21.80 -0.16 12.32
C LYS B 3600 23.29 0.06 12.59
N THR B 3601 24.03 -1.05 12.58
CA THR B 3601 25.48 -1.03 12.79
C THR B 3601 26.10 -2.24 12.13
N HIS B 3602 27.39 -2.17 11.81
CA HIS B 3602 28.06 -3.29 11.16
C HIS B 3602 27.96 -4.57 11.98
N GLY B 3603 28.37 -4.48 13.25
CA GLY B 3603 28.43 -5.64 14.11
C GLY B 3603 27.11 -6.36 14.28
N PRO B 3604 26.14 -5.71 14.92
CA PRO B 3604 24.84 -6.38 15.14
C PRO B 3604 24.12 -6.77 13.87
N PHE B 3605 24.22 -5.99 12.79
CA PHE B 3605 23.51 -6.36 11.57
C PHE B 3605 24.13 -7.59 10.92
N GLU B 3606 25.45 -7.60 10.78
CA GLU B 3606 26.09 -8.81 10.29
C GLU B 3606 25.81 -10.00 11.19
N ALA B 3607 25.17 -9.76 12.31
CA ALA B 3607 24.75 -10.91 13.12
C ALA B 3607 23.37 -11.45 12.94
N VAL B 3608 22.45 -10.55 12.76
CA VAL B 3608 21.12 -11.04 12.53
C VAL B 3608 21.15 -11.75 11.24
N MET B 3609 21.93 -11.22 10.34
CA MET B 3609 21.88 -11.81 9.07
C MET B 3609 22.30 -13.24 9.27
N ARG B 3610 23.33 -13.44 10.06
CA ARG B 3610 23.84 -14.77 10.26
C ARG B 3610 22.88 -15.75 10.94
N THR B 3611 22.20 -15.31 11.98
CA THR B 3611 21.27 -16.25 12.57
C THR B 3611 20.25 -16.61 11.59
N LEU B 3612 19.78 -15.65 10.86
CA LEU B 3612 18.74 -16.03 10.00
C LEU B 3612 19.23 -17.01 8.98
N CYS B 3613 20.40 -16.78 8.42
CA CYS B 3613 20.77 -17.70 7.37
C CYS B 3613 20.85 -19.06 7.96
N GLU B 3614 21.39 -19.14 9.16
CA GLU B 3614 21.54 -20.45 9.72
C GLU B 3614 20.27 -21.16 9.96
N CYS B 3615 19.28 -20.49 10.48
CA CYS B 3615 18.04 -21.25 10.61
C CYS B 3615 17.53 -21.68 9.30
N LYS B 3616 17.63 -20.85 8.29
CA LYS B 3616 17.08 -21.34 7.07
C LYS B 3616 17.74 -22.58 6.67
N GLU B 3617 19.04 -22.59 6.69
CA GLU B 3617 19.65 -23.82 6.21
C GLU B 3617 19.32 -25.04 7.05
N THR B 3618 19.32 -24.88 8.35
CA THR B 3618 19.11 -26.03 9.16
C THR B 3618 17.78 -26.58 8.86
N ALA B 3619 16.79 -25.73 8.75
CA ALA B 3619 15.51 -26.41 8.49
C ALA B 3619 15.28 -26.92 7.15
N SER B 3620 15.91 -26.33 6.21
CA SER B 3620 15.77 -26.91 4.94
C SER B 3620 16.30 -28.31 5.01
N LYS B 3621 17.44 -28.45 5.66
CA LYS B 3621 17.96 -29.80 5.80
C LYS B 3621 17.02 -30.73 6.49
N THR B 3622 16.45 -30.30 7.58
CA THR B 3622 15.65 -31.26 8.22
C THR B 3622 14.58 -31.67 7.30
N LEU B 3623 13.81 -30.74 6.78
CA LEU B 3623 12.75 -31.03 5.86
C LEU B 3623 13.03 -32.14 4.93
N SER B 3624 14.27 -32.31 4.47
CA SER B 3624 14.60 -33.48 3.61
C SER B 3624 15.80 -34.30 3.97
N ARG B 3625 15.88 -35.51 3.49
CA ARG B 3625 16.96 -36.36 3.94
C ARG B 3625 18.28 -35.70 3.64
N PHE B 3626 18.43 -35.14 2.47
CA PHE B 3626 19.72 -34.62 2.09
C PHE B 3626 19.85 -33.14 2.05
N GLY B 3627 18.79 -32.42 2.35
CA GLY B 3627 18.83 -30.98 2.19
C GLY B 3627 18.22 -30.65 0.85
N ILE B 3628 17.36 -29.65 0.79
CA ILE B 3628 16.66 -29.42 -0.46
C ILE B 3628 17.30 -28.31 -1.27
N GLN B 3629 17.54 -28.56 -2.56
CA GLN B 3629 18.15 -27.56 -3.41
C GLN B 3629 17.48 -27.62 -4.77
N PRO B 3630 17.41 -26.50 -5.49
CA PRO B 3630 16.73 -26.51 -6.78
C PRO B 3630 17.44 -27.39 -7.80
N CYS B 3631 16.66 -27.90 -8.76
CA CYS B 3631 17.20 -28.80 -9.80
C CYS B 3631 18.10 -28.07 -10.77
N SER B 3632 19.09 -28.76 -11.31
CA SER B 3632 20.10 -28.10 -12.16
C SER B 3632 19.69 -27.26 -13.36
N ILE B 3633 19.15 -27.88 -14.41
CA ILE B 3633 18.87 -27.12 -15.63
C ILE B 3633 17.86 -26.00 -15.46
N CYS B 3634 16.77 -26.27 -14.75
CA CYS B 3634 15.76 -25.26 -14.56
C CYS B 3634 16.32 -24.11 -13.78
N LEU B 3635 17.10 -24.42 -12.74
CA LEU B 3635 17.67 -23.38 -11.88
C LEU B 3635 16.51 -22.52 -11.39
N GLY B 3636 15.40 -23.16 -11.08
CA GLY B 3636 14.22 -22.44 -10.65
C GLY B 3636 13.75 -23.01 -9.34
N ASP B 3637 13.21 -24.23 -9.39
CA ASP B 3637 12.71 -24.85 -8.17
C ASP B 3637 12.67 -26.32 -8.42
N ALA B 3638 11.49 -26.90 -8.25
CA ALA B 3638 11.34 -28.31 -8.57
C ALA B 3638 9.85 -28.64 -8.62
N LYS B 3639 9.44 -29.37 -9.65
CA LYS B 3639 8.03 -29.65 -9.84
C LYS B 3639 7.88 -30.97 -10.58
N ASP B 3640 6.90 -31.77 -10.16
CA ASP B 3640 6.63 -33.12 -10.68
C ASP B 3640 7.90 -33.94 -10.82
N PRO B 3641 8.77 -34.01 -9.79
CA PRO B 3641 10.04 -34.69 -9.96
C PRO B 3641 10.00 -36.17 -9.57
N VAL B 3642 11.15 -36.83 -9.63
CA VAL B 3642 11.27 -38.23 -9.23
C VAL B 3642 12.67 -38.44 -8.68
N CYS B 3643 12.79 -39.30 -7.68
CA CYS B 3643 14.09 -39.67 -7.11
C CYS B 3643 14.68 -40.79 -7.95
N LEU B 3644 15.47 -40.42 -8.95
CA LEU B 3644 16.13 -41.35 -9.85
C LEU B 3644 17.22 -42.11 -9.10
N PRO B 3645 17.90 -43.07 -9.74
CA PRO B 3645 19.10 -43.64 -9.11
C PRO B 3645 20.14 -42.57 -8.79
N CYS B 3646 20.15 -41.47 -9.54
CA CYS B 3646 20.96 -40.31 -9.19
C CYS B 3646 20.48 -39.65 -7.90
N ASP B 3647 19.28 -39.97 -7.44
CA ASP B 3647 18.68 -39.34 -6.25
C ASP B 3647 18.65 -37.83 -6.40
N HIS B 3648 18.09 -37.38 -7.52
CA HIS B 3648 18.02 -35.96 -7.86
C HIS B 3648 16.63 -35.67 -8.40
N VAL B 3649 15.82 -35.00 -7.62
CA VAL B 3649 14.47 -34.75 -8.04
C VAL B 3649 14.43 -33.75 -9.16
N HIS B 3650 14.38 -34.23 -10.39
CA HIS B 3650 14.44 -33.26 -11.47
C HIS B 3650 13.09 -33.13 -12.13
N CYS B 3651 12.67 -31.90 -12.37
CA CYS B 3651 11.35 -31.67 -12.91
C CYS B 3651 11.17 -32.26 -14.28
N LEU B 3652 9.98 -32.71 -14.57
CA LEU B 3652 9.77 -33.37 -15.82
C LEU B 3652 9.99 -32.56 -17.08
N ARG B 3653 9.14 -31.57 -17.32
CA ARG B 3653 9.17 -30.84 -18.58
C ARG B 3653 10.46 -30.05 -18.77
N CYS B 3654 11.26 -29.89 -17.73
CA CYS B 3654 12.55 -29.24 -17.95
C CYS B 3654 13.52 -30.35 -18.32
N LEU B 3655 13.43 -31.50 -17.63
CA LEU B 3655 14.25 -32.63 -18.02
C LEU B 3655 13.82 -33.20 -19.37
N ARG B 3656 12.92 -32.49 -20.07
CA ARG B 3656 12.48 -32.94 -21.39
C ARG B 3656 13.63 -33.05 -22.38
N ALA B 3657 14.71 -32.30 -22.18
CA ALA B 3657 15.89 -32.48 -23.01
C ALA B 3657 16.35 -33.94 -22.99
N TRP B 3658 16.30 -34.56 -21.82
CA TRP B 3658 16.54 -36.00 -21.72
C TRP B 3658 15.26 -36.80 -21.93
N PHE B 3659 14.10 -36.19 -21.70
CA PHE B 3659 12.83 -36.89 -21.90
C PHE B 3659 12.37 -36.87 -23.35
N ALA B 3660 13.01 -36.08 -24.20
CA ALA B 3660 12.71 -36.05 -25.63
C ALA B 3660 13.81 -36.64 -26.49
N SER B 3661 15.08 -36.35 -26.19
CA SER B 3661 16.17 -36.97 -26.91
C SER B 3661 16.42 -38.41 -26.45
N GLU B 3662 15.74 -38.85 -25.40
CA GLU B 3662 15.82 -40.23 -24.89
C GLU B 3662 17.25 -40.57 -24.49
N GLN B 3663 17.80 -39.75 -23.60
CA GLN B 3663 19.04 -40.05 -22.89
C GLN B 3663 18.73 -39.97 -21.41
N MET B 3664 19.44 -40.77 -20.62
CA MET B 3664 19.01 -41.07 -19.26
C MET B 3664 20.04 -40.70 -18.21
N ILE B 3665 20.57 -39.48 -18.28
CA ILE B 3665 21.40 -38.94 -17.22
C ILE B 3665 20.84 -37.59 -16.80
N CYS B 3666 21.10 -37.23 -15.55
CA CYS B 3666 20.82 -35.91 -15.03
C CYS B 3666 22.11 -35.09 -15.01
N PRO B 3667 22.01 -33.77 -15.20
CA PRO B 3667 23.24 -32.96 -15.28
C PRO B 3667 24.12 -33.06 -14.04
N TYR B 3668 23.52 -33.28 -12.87
CA TYR B 3668 24.30 -33.33 -11.64
C TYR B 3668 25.17 -34.58 -11.57
N CYS B 3669 24.60 -35.76 -11.79
CA CYS B 3669 25.29 -37.02 -11.54
C CYS B 3669 25.80 -37.72 -12.79
N LEU B 3670 25.07 -37.61 -13.90
CA LEU B 3670 25.39 -38.26 -15.18
C LEU B 3670 25.29 -39.79 -15.11
N THR B 3671 24.77 -40.35 -14.04
CA THR B 3671 24.59 -41.79 -13.98
C THR B 3671 23.42 -42.20 -14.87
N ALA B 3672 23.56 -43.37 -15.49
CA ALA B 3672 22.61 -43.81 -16.52
C ALA B 3672 22.33 -45.30 -16.38
N LEU B 3673 21.11 -45.62 -15.99
CA LEU B 3673 20.59 -46.96 -16.22
C LEU B 3673 20.01 -47.03 -17.63
N PRO B 3674 20.02 -48.21 -18.27
CA PRO B 3674 19.63 -48.30 -19.69
C PRO B 3674 18.26 -47.72 -20.00
N ASP B 3675 18.00 -47.48 -21.29
CA ASP B 3675 16.87 -46.66 -21.71
C ASP B 3675 15.51 -47.28 -21.39
N GLU B 3676 15.47 -48.47 -20.82
CA GLU B 3676 14.20 -49.18 -20.64
C GLU B 3676 13.33 -48.61 -19.54
N PHE B 3677 13.91 -47.98 -18.51
CA PHE B 3677 13.11 -47.52 -17.38
C PHE B 3677 12.28 -46.30 -17.78
N SER B 3678 11.07 -46.21 -17.21
CA SER B 3678 10.15 -45.13 -17.53
C SER B 3678 10.12 -44.12 -16.40
N PRO B 3679 10.54 -42.88 -16.63
CA PRO B 3679 10.46 -41.85 -15.58
C PRO B 3679 9.02 -41.51 -15.23
N ALA B 3680 8.81 -41.08 -13.99
CA ALA B 3680 7.45 -40.74 -13.54
C ALA B 3680 7.48 -39.58 -12.57
N VAL B 3681 6.43 -39.45 -11.76
CA VAL B 3681 6.36 -38.36 -10.78
C VAL B 3681 6.16 -38.88 -9.36
N SER B 3682 6.99 -38.43 -8.42
CA SER B 3682 6.79 -38.82 -7.03
C SER B 3682 6.10 -37.68 -6.30
N GLN B 3683 4.79 -37.78 -6.17
CA GLN B 3683 4.01 -36.69 -5.58
C GLN B 3683 4.26 -36.41 -4.10
N ALA B 3684 4.49 -37.44 -3.30
CA ALA B 3684 4.64 -37.20 -1.88
C ALA B 3684 5.86 -36.31 -1.67
N HIS B 3685 6.96 -36.61 -2.35
CA HIS B 3685 8.12 -35.74 -2.28
C HIS B 3685 7.84 -34.41 -2.97
N ARG B 3686 7.14 -34.45 -4.11
CA ARG B 3686 6.90 -33.22 -4.87
C ARG B 3686 6.12 -32.19 -4.08
N GLU B 3687 5.08 -32.63 -3.39
CA GLU B 3687 4.27 -31.66 -2.66
C GLU B 3687 5.12 -31.02 -1.61
N ALA B 3688 5.93 -31.83 -0.92
CA ALA B 3688 6.73 -31.28 0.16
C ALA B 3688 7.72 -30.24 -0.35
N ILE B 3689 8.40 -30.54 -1.45
CA ILE B 3689 9.40 -29.60 -1.96
C ILE B 3689 8.76 -28.30 -2.40
N GLU B 3690 7.68 -28.40 -3.17
CA GLU B 3690 7.03 -27.20 -3.67
C GLU B 3690 6.44 -26.38 -2.54
N LYS B 3691 5.76 -27.06 -1.62
CA LYS B 3691 5.14 -26.37 -0.51
C LYS B 3691 6.14 -25.69 0.41
N HIS B 3692 7.22 -26.39 0.71
CA HIS B 3692 8.24 -25.80 1.57
C HIS B 3692 8.83 -24.59 0.90
N ALA B 3693 9.09 -24.68 -0.41
CA ALA B 3693 9.78 -23.57 -1.04
C ALA B 3693 8.96 -22.30 -0.98
N ARG B 3694 7.67 -22.37 -1.30
CA ARG B 3694 6.90 -21.15 -1.30
C ARG B 3694 6.81 -20.55 0.09
N PHE B 3695 6.50 -21.39 1.08
CA PHE B 3695 6.33 -20.90 2.44
C PHE B 3695 7.63 -20.39 3.07
N ARG B 3696 8.72 -21.09 2.86
CA ARG B 3696 9.99 -20.69 3.45
C ARG B 3696 10.38 -19.34 2.89
N GLN B 3697 10.17 -19.15 1.59
CA GLN B 3697 10.54 -17.89 0.97
C GLN B 3697 9.70 -16.72 1.44
N MET B 3698 8.43 -16.96 1.78
CA MET B 3698 7.58 -15.85 2.16
C MET B 3698 7.88 -15.38 3.58
N CYS B 3699 7.99 -16.32 4.51
CA CYS B 3699 8.16 -15.89 5.89
C CYS B 3699 9.48 -15.15 6.04
N ASN B 3700 10.52 -15.67 5.41
CA ASN B 3700 11.82 -15.06 5.56
C ASN B 3700 11.87 -13.67 4.94
N SER B 3701 11.24 -13.51 3.78
CA SER B 3701 11.23 -12.20 3.15
C SER B 3701 10.51 -11.23 4.08
N PHE B 3702 9.38 -11.66 4.66
CA PHE B 3702 8.67 -10.71 5.50
C PHE B 3702 9.56 -10.31 6.67
N PHE B 3703 10.23 -11.29 7.26
CA PHE B 3703 11.06 -10.97 8.42
C PHE B 3703 12.19 -10.01 8.06
N VAL B 3704 12.82 -10.24 6.92
CA VAL B 3704 13.92 -9.36 6.48
C VAL B 3704 13.43 -7.95 6.22
N ASP B 3705 12.26 -7.84 5.60
CA ASP B 3705 11.71 -6.53 5.33
C ASP B 3705 11.49 -5.82 6.65
N LEU B 3706 10.96 -6.54 7.64
CA LEU B 3706 10.67 -5.87 8.90
C LEU B 3706 11.94 -5.44 9.65
N VAL B 3707 13.05 -6.14 9.43
CA VAL B 3707 14.34 -5.76 10.03
C VAL B 3707 14.93 -4.51 9.37
N SER B 3708 14.84 -4.41 8.05
CA SER B 3708 15.36 -3.24 7.36
C SER B 3708 14.59 -1.99 7.75
N THR B 3709 13.37 -2.16 8.24
CA THR B 3709 12.51 -1.04 8.62
C THR B 3709 12.58 -0.72 10.11
N ILE B 3710 13.27 -1.54 10.90
CA ILE B 3710 13.74 -1.12 12.21
C ILE B 3710 15.19 -0.64 12.15
N CYS B 3711 15.92 -1.02 11.11
CA CYS B 3711 17.22 -0.45 10.79
C CYS B 3711 17.11 0.94 10.17
N PHE B 3712 16.14 1.14 9.29
CA PHE B 3712 15.88 2.45 8.66
C PHE B 3712 14.75 3.16 9.40
N LYS B 3713 15.01 3.57 10.64
CA LYS B 3713 13.93 4.12 11.44
C LYS B 3713 14.08 5.58 11.84
N ASP B 3714 15.13 5.96 12.57
CA ASP B 3714 14.93 7.11 13.45
C ASP B 3714 15.11 8.46 12.78
N ASN B 3715 16.35 8.88 12.53
CA ASN B 3715 16.57 10.15 11.86
C ASN B 3715 17.81 10.17 10.97
N ALA B 3716 18.53 9.07 10.84
CA ALA B 3716 19.82 9.09 10.19
C ALA B 3716 20.01 7.72 9.56
N PRO B 3717 20.63 7.62 8.37
CA PRO B 3717 20.77 6.33 7.74
C PRO B 3717 21.80 5.48 8.46
N PRO B 3718 21.65 4.16 8.44
CA PRO B 3718 22.65 3.28 9.04
C PRO B 3718 24.06 3.55 8.52
N GLU B 3719 25.06 3.05 9.25
CA GLU B 3719 26.44 3.29 8.86
C GLU B 3719 26.73 2.73 7.48
N LYS B 3720 27.77 3.27 6.83
CA LYS B 3720 28.06 3.00 5.43
C LYS B 3720 28.10 1.50 5.14
N GLU B 3721 28.69 0.73 6.04
CA GLU B 3721 28.79 -0.71 5.85
C GLU B 3721 27.41 -1.37 5.79
N VAL B 3722 26.48 -0.91 6.63
CA VAL B 3722 25.14 -1.49 6.66
C VAL B 3722 24.44 -1.31 5.32
N ILE B 3723 24.43 -0.07 4.82
CA ILE B 3723 23.75 0.22 3.55
C ILE B 3723 24.46 -0.45 2.40
N GLU B 3724 25.80 -0.51 2.47
CA GLU B 3724 26.55 -1.20 1.43
C GLU B 3724 26.18 -2.67 1.36
N SER B 3725 26.12 -3.33 2.52
CA SER B 3725 25.73 -4.74 2.54
C SER B 3725 24.29 -4.92 2.09
N LEU B 3726 23.42 -3.96 2.43
CA LEU B 3726 22.02 -4.07 2.04
C LEU B 3726 21.87 -3.99 0.52
N LEU B 3727 22.34 -2.89 -0.08
CA LEU B 3727 22.20 -2.74 -1.52
C LEU B 3727 23.03 -3.73 -2.31
N SER B 3728 24.13 -4.23 -1.75
CA SER B 3728 24.91 -5.28 -2.40
C SER B 3728 24.24 -6.64 -2.32
N LEU B 3729 23.18 -6.76 -1.54
CA LEU B 3729 22.46 -8.01 -1.37
C LEU B 3729 21.40 -8.23 -2.45
N LEU B 3730 21.26 -7.29 -3.37
CA LEU B 3730 20.24 -7.35 -4.42
C LEU B 3730 20.66 -8.19 -5.61
N PHE B 3731 21.85 -8.77 -5.60
CA PHE B 3731 22.42 -9.42 -6.76
C PHE B 3731 22.94 -10.80 -6.39
N VAL B 3732 23.02 -11.67 -7.39
CA VAL B 3732 23.49 -13.05 -7.21
C VAL B 3732 24.92 -13.22 -7.71
N GLN B 3733 25.45 -12.27 -8.49
CA GLN B 3733 26.78 -12.37 -9.08
C GLN B 3733 26.96 -13.67 -9.86
N CYS B 3745 22.09 -15.46 -13.45
CA CYS B 3745 21.05 -14.44 -13.33
C CYS B 3745 21.39 -13.46 -12.22
N GLU B 3746 22.14 -12.42 -12.55
CA GLU B 3746 22.44 -11.38 -11.59
C GLU B 3746 21.22 -10.51 -11.33
N HIS B 3747 21.27 -9.75 -10.24
CA HIS B 3747 20.27 -8.74 -9.87
C HIS B 3747 18.85 -9.18 -10.18
N THR B 3748 18.53 -10.39 -9.74
CA THR B 3748 17.15 -10.86 -9.70
C THR B 3748 16.76 -11.25 -8.28
N LYS B 3749 17.41 -10.63 -7.31
CA LYS B 3749 17.21 -10.93 -5.90
C LYS B 3749 16.18 -9.96 -5.32
N SER B 3750 15.19 -10.50 -4.62
CA SER B 3750 14.12 -9.70 -4.04
C SER B 3750 14.45 -9.32 -2.60
N LEU B 3751 15.61 -8.67 -2.44
CA LEU B 3751 16.11 -8.21 -1.15
C LEU B 3751 16.03 -9.31 -0.10
N SER B 3752 16.81 -10.36 -0.33
CA SER B 3752 16.87 -11.49 0.57
C SER B 3752 18.32 -11.81 0.91
N PRO B 3753 18.60 -12.25 2.13
CA PRO B 3753 19.96 -12.64 2.48
C PRO B 3753 20.36 -14.01 1.96
N PHE B 3754 19.42 -14.77 1.38
CA PHE B 3754 19.72 -16.09 0.85
C PHE B 3754 20.35 -15.94 -0.55
N ASN B 3755 20.50 -17.07 -1.24
CA ASN B 3755 20.98 -17.05 -2.62
C ASN B 3755 20.23 -18.05 -3.50
N ASP B 3756 19.08 -18.57 -3.06
CA ASP B 3756 18.42 -19.66 -3.74
C ASP B 3756 17.31 -19.24 -4.68
N VAL B 3757 16.60 -18.15 -4.39
CA VAL B 3757 15.48 -17.75 -5.25
C VAL B 3757 15.95 -16.68 -6.23
N VAL B 3758 15.70 -16.92 -7.52
CA VAL B 3758 16.01 -16.00 -8.60
C VAL B 3758 14.81 -15.97 -9.54
N ASP B 3759 14.38 -14.76 -9.92
CA ASP B 3759 13.15 -14.68 -10.69
C ASP B 3759 13.39 -14.92 -12.18
N LYS B 3760 14.09 -14.00 -12.83
CA LYS B 3760 14.27 -14.04 -14.27
C LYS B 3760 15.26 -12.95 -14.66
N THR B 3761 15.33 -12.62 -15.95
CA THR B 3761 15.98 -11.42 -16.48
C THR B 3761 15.63 -10.22 -15.60
N PRO B 3762 16.51 -9.23 -15.48
CA PRO B 3762 16.47 -8.31 -14.32
C PRO B 3762 15.12 -7.64 -14.13
N VAL B 3763 14.73 -7.52 -12.87
CA VAL B 3763 13.52 -6.81 -12.48
C VAL B 3763 13.87 -5.80 -11.40
N ILE B 3764 14.17 -4.57 -11.82
CA ILE B 3764 14.67 -3.58 -10.86
C ILE B 3764 13.50 -3.07 -10.03
N ARG B 3765 13.60 -3.20 -8.72
CA ARG B 3765 12.53 -2.85 -7.80
C ARG B 3765 12.91 -1.63 -6.98
N SER B 3766 11.92 -1.07 -6.29
CA SER B 3766 12.09 0.11 -5.48
C SER B 3766 12.01 -0.16 -3.98
N VAL B 3767 12.09 -1.42 -3.56
CA VAL B 3767 12.00 -1.73 -2.13
C VAL B 3767 13.18 -1.11 -1.38
N ILE B 3768 14.39 -1.22 -1.94
CA ILE B 3768 15.57 -0.70 -1.26
C ILE B 3768 15.74 0.80 -1.46
N LEU B 3769 15.25 1.35 -2.56
CA LEU B 3769 15.45 2.77 -2.82
C LEU B 3769 14.60 3.65 -1.91
N LYS B 3770 13.36 3.23 -1.64
CA LYS B 3770 12.46 4.08 -0.87
C LYS B 3770 12.87 4.15 0.60
N LEU B 3771 13.17 3.00 1.21
CA LEU B 3771 13.63 3.01 2.59
C LEU B 3771 14.97 3.72 2.75
N LEU B 3772 15.74 3.85 1.68
CA LEU B 3772 16.98 4.61 1.70
C LEU B 3772 16.77 6.09 1.42
N LEU B 3773 15.69 6.44 0.74
CA LEU B 3773 15.38 7.83 0.41
C LEU B 3773 14.44 8.48 1.41
N LYS B 3774 14.02 7.75 2.44
CA LYS B 3774 13.14 8.34 3.46
C LYS B 3774 13.80 9.50 4.18
N TYR B 3775 15.13 9.50 4.28
CA TYR B 3775 15.86 10.59 4.91
C TYR B 3775 16.02 11.74 3.91
N SER B 3776 16.82 12.74 4.27
CA SER B 3776 17.02 13.90 3.42
C SER B 3776 17.96 13.56 2.26
N PHE B 3777 17.79 14.27 1.15
CA PHE B 3777 18.68 14.10 0.01
C PHE B 3777 19.94 14.93 0.21
N HIS B 3778 20.57 14.78 1.36
CA HIS B 3778 21.88 15.37 1.62
C HIS B 3778 22.80 14.40 2.34
N ASP B 3779 22.35 13.17 2.61
CA ASP B 3779 23.16 12.16 3.25
C ASP B 3779 23.03 10.80 2.59
N VAL B 3780 22.20 10.67 1.55
CA VAL B 3780 22.00 9.40 0.87
C VAL B 3780 22.24 9.59 -0.62
N LYS B 3781 22.80 10.74 -0.98
CA LYS B 3781 23.11 11.04 -2.39
C LYS B 3781 24.12 10.03 -2.93
N ASP B 3782 25.23 9.86 -2.23
CA ASP B 3782 26.30 8.97 -2.69
C ASP B 3782 25.80 7.54 -2.79
N TYR B 3783 25.00 7.11 -1.82
CA TYR B 3783 24.51 5.73 -1.84
C TYR B 3783 23.66 5.47 -3.08
N ILE B 3784 22.78 6.41 -3.43
CA ILE B 3784 21.90 6.20 -4.57
C ILE B 3784 22.69 6.29 -5.87
N GLN B 3785 23.65 7.22 -5.96
CA GLN B 3785 24.44 7.31 -7.18
C GLN B 3785 25.26 6.04 -7.38
N GLU B 3786 25.81 5.49 -6.31
CA GLU B 3786 26.51 4.21 -6.42
C GLU B 3786 25.55 3.11 -6.84
N TYR B 3787 24.34 3.10 -6.27
CA TYR B 3787 23.37 2.07 -6.59
C TYR B 3787 23.02 2.09 -8.07
N LEU B 3788 22.78 3.27 -8.64
CA LEU B 3788 22.42 3.31 -10.05
C LEU B 3788 23.63 3.09 -10.95
N THR B 3789 24.82 3.53 -10.53
CA THR B 3789 26.00 3.29 -11.36
C THR B 3789 26.32 1.81 -11.47
N LEU B 3790 26.18 1.06 -10.38
CA LEU B 3790 26.30 -0.39 -10.49
C LEU B 3790 25.03 -1.03 -11.05
N LEU B 3791 23.93 -0.28 -11.11
CA LEU B 3791 22.72 -0.80 -11.73
C LEU B 3791 22.86 -0.88 -13.25
N LYS B 3792 23.52 0.12 -13.85
CA LYS B 3792 23.70 0.16 -15.29
C LYS B 3792 24.80 -0.78 -15.77
N LYS B 3793 25.67 -1.24 -14.87
CA LYS B 3793 26.70 -2.21 -15.20
C LYS B 3793 26.27 -3.64 -14.96
N LYS B 3794 24.97 -3.85 -14.71
CA LYS B 3794 24.48 -5.15 -14.26
C LYS B 3794 24.72 -6.26 -15.27
N ALA B 3795 24.03 -6.21 -16.41
CA ALA B 3795 24.18 -7.21 -17.47
C ALA B 3795 24.10 -6.56 -18.83
N PHE B 3796 24.80 -5.43 -19.01
CA PHE B 3796 24.68 -4.62 -20.22
C PHE B 3796 23.24 -4.17 -20.41
N ILE B 3797 22.75 -3.36 -19.46
CA ILE B 3797 21.39 -2.84 -19.46
C ILE B 3797 21.09 -2.23 -20.82
N THR B 3798 19.89 -2.50 -21.34
CA THR B 3798 19.51 -2.04 -22.66
C THR B 3798 19.69 -0.53 -22.80
N GLU B 3799 20.07 -0.10 -24.00
CA GLU B 3799 20.34 1.30 -24.28
C GLU B 3799 19.12 2.18 -24.12
N ASP B 3800 17.92 1.62 -24.18
CA ASP B 3800 16.66 2.35 -24.07
C ASP B 3800 16.35 2.55 -22.59
N LYS B 3801 17.09 3.47 -21.96
CA LYS B 3801 16.97 3.73 -20.52
C LYS B 3801 16.06 4.91 -20.19
N THR B 3802 14.82 4.89 -20.65
CA THR B 3802 13.88 5.93 -20.22
C THR B 3802 12.86 5.41 -19.21
N GLU B 3803 12.76 4.09 -19.06
CA GLU B 3803 11.87 3.49 -18.05
C GLU B 3803 12.62 3.09 -16.79
N LEU B 3804 13.93 3.35 -16.72
CA LEU B 3804 14.66 3.27 -15.46
C LEU B 3804 14.79 4.63 -14.80
N TYR B 3805 15.11 5.66 -15.57
CA TYR B 3805 15.18 7.01 -15.00
C TYR B 3805 13.82 7.47 -14.53
N MET B 3806 12.75 7.01 -15.16
CA MET B 3806 11.39 7.33 -14.73
C MET B 3806 10.94 6.50 -13.54
N LEU B 3807 11.78 5.56 -13.08
CA LEU B 3807 11.61 4.92 -11.79
C LEU B 3807 12.31 5.68 -10.68
N PHE B 3808 13.57 6.06 -10.90
CA PHE B 3808 14.29 6.84 -9.91
C PHE B 3808 13.63 8.20 -9.71
N ILE B 3809 13.17 8.81 -10.80
CA ILE B 3809 12.49 10.10 -10.68
C ILE B 3809 11.16 9.93 -9.94
N ASN B 3810 10.45 8.83 -10.20
CA ASN B 3810 9.21 8.58 -9.47
C ASN B 3810 9.48 8.43 -7.98
N CYS B 3811 10.52 7.67 -7.62
CA CYS B 3811 10.84 7.47 -6.21
C CYS B 3811 11.35 8.72 -5.54
N LEU B 3812 12.11 9.56 -6.25
CA LEU B 3812 12.52 10.86 -5.72
C LEU B 3812 11.34 11.80 -5.53
N GLU B 3813 10.42 11.84 -6.50
CA GLU B 3813 9.24 12.67 -6.38
C GLU B 3813 8.36 12.23 -5.22
N ASP B 3814 8.18 10.91 -5.05
CA ASP B 3814 7.39 10.42 -3.94
C ASP B 3814 8.01 10.82 -2.61
N SER B 3815 9.33 10.67 -2.48
CA SER B 3815 10.00 11.00 -1.24
C SER B 3815 9.90 12.49 -0.94
N ILE B 3816 10.12 13.33 -1.96
CA ILE B 3816 10.03 14.77 -1.75
C ILE B 3816 8.61 15.16 -1.36
N LEU B 3817 7.61 14.58 -2.01
CA LEU B 3817 6.21 14.92 -1.78
C LEU B 3817 5.65 14.37 -0.48
N GLU B 3818 6.24 13.30 0.06
CA GLU B 3818 5.74 12.70 1.29
C GLU B 3818 6.71 12.84 2.46
N LYS B 3819 7.79 13.60 2.30
CA LYS B 3819 8.76 13.79 3.37
C LYS B 3819 8.70 15.18 3.98
N THR B 3820 8.66 16.22 3.14
CA THR B 3820 8.56 17.58 3.64
C THR B 3820 7.52 18.41 2.90
N SER B 3821 7.03 17.94 1.76
CA SER B 3821 6.01 18.68 1.03
C SER B 3821 4.64 18.56 1.65
N ALA B 3822 4.29 17.40 2.21
CA ALA B 3822 3.04 17.23 2.94
C ALA B 3822 3.35 16.65 4.31
N TYR B 3823 3.80 17.51 5.21
CA TYR B 3823 3.81 17.36 6.66
C TYR B 3823 3.42 18.65 7.37
N SER B 3824 3.64 19.80 6.73
CA SER B 3824 3.54 21.08 7.41
C SER B 3824 2.13 21.64 7.36
N ARG B 3825 1.90 22.68 8.18
CA ARG B 3825 0.63 23.38 8.22
C ARG B 3825 0.78 24.85 7.84
N ASN B 3826 1.85 25.50 8.28
CA ASN B 3826 2.14 26.89 7.92
C ASN B 3826 3.46 27.04 7.18
N ASP B 3827 4.37 26.08 7.32
CA ASP B 3827 5.67 26.17 6.65
C ASP B 3827 5.53 26.17 5.14
N GLU B 3828 4.38 25.75 4.61
CA GLU B 3828 4.14 25.88 3.18
C GLU B 3828 4.27 27.34 2.74
N LEU B 3829 3.83 28.27 3.56
CA LEU B 3829 3.99 29.69 3.27
C LEU B 3829 5.44 30.04 3.01
N ASN B 3830 6.37 29.35 3.67
CA ASN B 3830 7.79 29.48 3.37
C ASN B 3830 8.24 28.51 2.29
N HIS B 3831 7.66 27.31 2.24
CA HIS B 3831 8.02 26.35 1.19
C HIS B 3831 7.72 26.91 -0.19
N LEU B 3832 6.54 27.51 -0.36
CA LEU B 3832 6.19 28.17 -1.61
C LEU B 3832 7.13 29.31 -1.94
N GLU B 3833 7.86 29.83 -0.96
CA GLU B 3833 8.90 30.81 -1.24
C GLU B 3833 10.21 30.09 -1.49
N GLU B 3834 10.47 29.04 -0.72
CA GLU B 3834 11.74 28.33 -0.83
C GLU B 3834 11.90 27.72 -2.22
N GLU B 3835 10.84 27.07 -2.73
CA GLU B 3835 10.89 26.55 -4.08
C GLU B 3835 11.06 27.69 -5.08
N GLY B 3836 10.47 28.86 -4.79
CA GLY B 3836 10.73 30.03 -5.61
C GLY B 3836 12.20 30.36 -5.66
N ARG B 3837 12.90 30.21 -4.53
CA ARG B 3837 14.35 30.36 -4.54
C ARG B 3837 15.00 29.35 -5.47
N PHE B 3838 14.55 28.09 -5.44
CA PHE B 3838 15.11 27.12 -6.38
C PHE B 3838 14.29 27.34 -7.66
N LEU B 3839 14.21 28.60 -8.06
CA LEU B 3839 13.90 29.02 -9.42
C LEU B 3839 14.77 30.18 -9.85
N LYS B 3840 15.47 30.85 -8.92
CA LYS B 3840 16.36 31.96 -9.27
C LYS B 3840 17.70 31.43 -9.76
N ALA B 3841 18.32 30.54 -8.99
CA ALA B 3841 19.59 29.96 -9.36
C ALA B 3841 19.38 28.56 -9.93
N TYR B 3842 19.77 28.37 -11.19
CA TYR B 3842 19.61 27.09 -11.86
C TYR B 3842 20.44 27.05 -13.14
N ALA B 3855 22.82 10.52 -16.57
CA ALA B 3855 22.19 11.40 -15.60
C ALA B 3855 22.51 10.96 -14.17
N SER B 3856 23.08 11.87 -13.38
CA SER B 3856 23.45 11.56 -12.01
C SER B 3856 22.26 11.76 -11.07
N VAL B 3857 22.48 11.53 -9.78
CA VAL B 3857 21.40 11.66 -8.82
C VAL B 3857 21.11 13.11 -8.46
N GLU B 3858 22.12 13.97 -8.45
CA GLU B 3858 21.84 15.38 -8.22
C GLU B 3858 20.97 15.95 -9.34
N TYR B 3859 21.26 15.57 -10.58
CA TYR B 3859 20.45 16.05 -11.70
C TYR B 3859 19.08 15.41 -11.69
N LEU B 3860 18.98 14.14 -11.31
CA LEU B 3860 17.67 13.50 -11.21
C LEU B 3860 16.83 14.15 -10.13
N GLN B 3861 17.44 14.48 -8.99
CA GLN B 3861 16.72 15.17 -7.93
C GLN B 3861 16.27 16.56 -8.38
N GLU B 3862 17.14 17.27 -9.11
CA GLU B 3862 16.74 18.55 -9.66
C GLU B 3862 15.54 18.39 -10.59
N VAL B 3863 15.57 17.38 -11.46
CA VAL B 3863 14.48 17.18 -12.41
C VAL B 3863 13.19 16.87 -11.67
N ALA B 3864 13.26 15.99 -10.67
CA ALA B 3864 12.06 15.62 -9.91
C ALA B 3864 11.50 16.82 -9.15
N ARG B 3865 12.38 17.63 -8.55
CA ARG B 3865 11.91 18.78 -7.81
C ARG B 3865 11.31 19.84 -8.74
N ILE B 3866 11.87 19.98 -9.94
CA ILE B 3866 11.26 20.88 -10.93
C ILE B 3866 9.91 20.34 -11.37
N ARG B 3867 9.80 19.02 -11.55
CA ARG B 3867 8.52 18.44 -11.91
C ARG B 3867 7.46 18.67 -10.84
N LEU B 3868 7.82 18.52 -9.57
CA LEU B 3868 6.86 18.83 -8.50
C LEU B 3868 6.56 20.31 -8.36
N CYS B 3869 7.54 21.18 -8.58
CA CYS B 3869 7.30 22.61 -8.57
C CYS B 3869 6.29 23.00 -9.66
N LEU B 3870 6.50 22.49 -10.87
CA LEU B 3870 5.56 22.74 -11.95
C LEU B 3870 4.22 22.06 -11.70
N ASP B 3871 4.22 20.90 -11.03
CA ASP B 3871 2.99 20.24 -10.66
C ASP B 3871 2.16 21.12 -9.73
N ARG B 3872 2.77 21.74 -8.73
CA ARG B 3872 2.04 22.69 -7.88
C ARG B 3872 1.62 23.95 -8.62
N ALA B 3873 2.48 24.47 -9.51
CA ALA B 3873 2.09 25.61 -10.32
C ALA B 3873 0.91 25.27 -11.23
N ALA B 3874 0.75 24.00 -11.59
CA ALA B 3874 -0.37 23.60 -12.45
C ALA B 3874 -1.71 23.73 -11.75
N ASP B 3875 -1.82 23.23 -10.52
CA ASP B 3875 -3.11 23.30 -9.85
C ASP B 3875 -3.25 24.62 -9.09
N PHE B 3876 -2.20 25.43 -9.08
CA PHE B 3876 -2.38 26.85 -8.84
C PHE B 3876 -2.88 27.58 -10.07
N LEU B 3877 -2.55 27.09 -11.26
CA LEU B 3877 -2.94 27.70 -12.53
C LEU B 3877 -4.29 27.23 -13.02
N SER B 3878 -4.83 26.15 -12.44
CA SER B 3878 -6.10 25.58 -12.89
C SER B 3878 -6.99 25.41 -11.66
N GLU B 3879 -7.68 26.49 -11.29
CA GLU B 3879 -8.70 26.45 -10.26
C GLU B 3879 -9.84 27.32 -10.77
N PRO B 3880 -11.08 27.01 -10.43
CA PRO B 3880 -12.22 27.75 -11.01
C PRO B 3880 -12.13 29.24 -10.73
N GLU B 3881 -12.23 30.03 -11.80
CA GLU B 3881 -12.23 31.47 -11.67
C GLU B 3881 -13.60 31.98 -11.22
N GLY B 3882 -13.58 33.06 -10.46
CA GLY B 3882 -14.79 33.62 -9.87
C GLY B 3882 -14.55 34.01 -8.43
N GLY B 3883 -13.71 33.23 -7.74
CA GLY B 3883 -13.12 33.63 -6.48
C GLY B 3883 -11.69 34.14 -6.59
N PRO B 3884 -11.45 35.28 -7.25
CA PRO B 3884 -10.07 35.75 -7.44
C PRO B 3884 -9.53 36.39 -6.16
N GLU B 3885 -8.62 35.70 -5.50
CA GLU B 3885 -8.01 36.19 -4.26
C GLU B 3885 -6.73 35.41 -4.01
N MET B 3886 -6.18 35.56 -2.81
CA MET B 3886 -4.94 34.90 -2.39
C MET B 3886 -3.81 35.30 -3.36
N ALA B 3887 -3.47 36.58 -3.30
CA ALA B 3887 -2.59 37.17 -4.29
C ALA B 3887 -1.12 36.88 -4.00
N LYS B 3888 -0.67 37.18 -2.78
CA LYS B 3888 0.75 37.13 -2.45
C LYS B 3888 1.40 35.82 -2.87
N GLU B 3889 0.94 34.70 -2.30
CA GLU B 3889 1.63 33.43 -2.50
C GLU B 3889 1.55 32.99 -3.96
N LYS B 3890 0.32 32.88 -4.49
CA LYS B 3890 0.10 32.30 -5.80
C LYS B 3890 0.49 33.24 -6.94
N GLN B 3891 0.86 34.47 -6.63
CA GLN B 3891 1.39 35.36 -7.65
C GLN B 3891 2.90 35.52 -7.57
N CYS B 3892 3.48 35.57 -6.37
CA CYS B 3892 4.94 35.53 -6.27
C CYS B 3892 5.48 34.21 -6.80
N TYR B 3893 4.85 33.09 -6.44
CA TYR B 3893 5.26 31.80 -6.96
C TYR B 3893 5.07 31.73 -8.48
N LEU B 3894 3.95 32.29 -8.97
CA LEU B 3894 3.71 32.28 -10.40
C LEU B 3894 4.74 33.11 -11.15
N GLN B 3895 5.13 34.26 -10.60
CA GLN B 3895 6.16 35.06 -11.25
C GLN B 3895 7.52 34.38 -11.20
N GLN B 3896 7.81 33.67 -10.11
CA GLN B 3896 9.04 32.89 -10.04
C GLN B 3896 9.07 31.83 -11.12
N VAL B 3897 7.94 31.12 -11.31
CA VAL B 3897 7.86 30.13 -12.38
C VAL B 3897 7.96 30.81 -13.74
N LYS B 3898 7.39 32.01 -13.86
CA LYS B 3898 7.48 32.78 -15.10
C LYS B 3898 8.93 33.00 -15.49
N GLN B 3899 9.73 33.53 -14.56
CA GLN B 3899 11.13 33.80 -14.82
C GLN B 3899 11.91 32.51 -15.03
N PHE B 3900 11.60 31.45 -14.28
CA PHE B 3900 12.30 30.19 -14.49
C PHE B 3900 12.08 29.68 -15.90
N CYS B 3901 10.81 29.62 -16.34
CA CYS B 3901 10.51 29.07 -17.66
C CYS B 3901 11.12 29.92 -18.76
N ILE B 3902 10.73 31.20 -18.87
CA ILE B 3902 11.49 31.96 -19.84
C ILE B 3902 12.65 32.66 -19.14
N ARG B 3903 13.55 31.87 -18.57
CA ARG B 3903 14.96 32.14 -18.41
C ARG B 3903 15.85 30.94 -18.71
N VAL B 3904 15.37 29.71 -18.45
CA VAL B 3904 16.20 28.54 -18.68
C VAL B 3904 16.42 28.30 -20.16
N GLU B 3905 15.42 28.61 -20.98
CA GLU B 3905 15.35 28.44 -22.44
C GLU B 3905 15.08 26.99 -22.82
N ASN B 3906 14.79 26.11 -21.88
CA ASN B 3906 14.41 24.74 -22.18
C ASN B 3906 12.90 24.67 -22.32
N ASP B 3907 12.43 24.18 -23.47
CA ASP B 3907 11.01 24.15 -23.79
C ASP B 3907 10.35 22.83 -23.42
N TRP B 3908 10.91 22.09 -22.46
CA TRP B 3908 10.28 20.86 -21.99
C TRP B 3908 9.41 21.11 -20.77
N HIS B 3909 9.82 22.02 -19.89
CA HIS B 3909 9.03 22.33 -18.71
C HIS B 3909 7.64 22.82 -19.09
N ARG B 3910 7.56 23.66 -20.13
CA ARG B 3910 6.26 24.13 -20.58
C ARG B 3910 5.44 23.00 -21.17
N VAL B 3911 6.10 22.03 -21.81
CA VAL B 3911 5.39 20.86 -22.31
C VAL B 3911 4.78 20.07 -21.15
N TYR B 3912 5.54 19.90 -20.06
CA TYR B 3912 4.99 19.24 -18.89
C TYR B 3912 3.84 20.04 -18.30
N LEU B 3913 3.96 21.37 -18.28
CA LEU B 3913 2.88 22.20 -17.76
C LEU B 3913 1.61 22.00 -18.56
N VAL B 3914 1.72 21.99 -19.89
CA VAL B 3914 0.55 21.76 -20.74
C VAL B 3914 -0.03 20.38 -20.48
N ARG B 3915 0.84 19.37 -20.36
CA ARG B 3915 0.35 18.02 -20.11
C ARG B 3915 -0.42 17.95 -18.80
N LYS B 3916 0.11 18.56 -17.74
CA LYS B 3916 -0.54 18.52 -16.44
C LYS B 3916 -1.85 19.30 -16.47
N LEU B 3917 -1.86 20.46 -17.13
CA LEU B 3917 -3.08 21.25 -17.24
C LEU B 3917 -4.17 20.47 -17.97
N SER B 3918 -3.80 19.82 -19.07
CA SER B 3918 -4.77 19.06 -19.84
C SER B 3918 -5.24 17.82 -19.09
N SER B 3919 -4.38 17.20 -18.28
CA SER B 3919 -4.79 16.07 -17.48
C SER B 3919 -5.56 16.48 -16.23
N GLN B 3920 -5.55 17.77 -15.89
CA GLN B 3920 -6.28 18.25 -14.72
C GLN B 3920 -7.66 18.79 -15.06
N ARG B 3921 -7.78 19.53 -16.17
CA ARG B 3921 -9.04 20.13 -16.56
C ARG B 3921 -9.58 19.63 -17.90
N GLY B 3922 -8.72 19.31 -18.85
CA GLY B 3922 -9.15 18.82 -20.15
C GLY B 3922 -8.47 19.56 -21.28
N MET B 3923 -8.68 19.02 -22.49
CA MET B 3923 -8.09 19.61 -23.69
C MET B 3923 -8.66 21.01 -23.95
N GLU B 3924 -9.98 21.17 -23.80
CA GLU B 3924 -10.61 22.42 -24.19
C GLU B 3924 -10.13 23.59 -23.35
N PHE B 3925 -9.91 23.37 -22.06
CA PHE B 3925 -9.42 24.44 -21.19
C PHE B 3925 -8.06 24.93 -21.65
N VAL B 3926 -7.15 24.01 -21.96
CA VAL B 3926 -5.82 24.41 -22.42
C VAL B 3926 -5.90 25.10 -23.78
N GLN B 3927 -6.74 24.58 -24.68
CA GLN B 3927 -6.89 25.20 -25.99
C GLN B 3927 -7.40 26.62 -25.87
N GLY B 3928 -8.41 26.83 -25.03
CA GLY B 3928 -8.94 28.16 -24.80
C GLY B 3928 -8.10 29.03 -23.90
N LEU B 3929 -7.06 28.47 -23.29
CA LEU B 3929 -6.13 29.26 -22.49
C LEU B 3929 -5.17 30.08 -23.35
N SER B 3930 -5.14 29.84 -24.66
CA SER B 3930 -4.22 30.56 -25.55
C SER B 3930 -4.96 30.91 -26.83
N LYS B 3931 -5.49 32.13 -26.90
CA LYS B 3931 -6.05 32.70 -28.12
C LYS B 3931 -5.68 34.17 -28.18
N PRO B 3932 -4.86 34.58 -29.18
CA PRO B 3932 -4.32 35.93 -29.23
C PRO B 3932 -5.25 37.06 -28.80
N GLY B 3933 -4.77 37.90 -27.89
CA GLY B 3933 -5.49 39.09 -27.48
C GLY B 3933 -6.46 38.92 -26.34
N ARG B 3934 -6.66 37.70 -25.84
CA ARG B 3934 -7.60 37.52 -24.73
C ARG B 3934 -7.05 38.15 -23.46
N PRO B 3935 -7.91 38.76 -22.63
CA PRO B 3935 -7.39 39.39 -21.40
C PRO B 3935 -6.97 38.39 -20.35
N HIS B 3936 -7.74 37.31 -20.16
CA HIS B 3936 -7.33 36.26 -19.24
C HIS B 3936 -6.12 35.50 -19.75
N GLN B 3937 -5.76 35.70 -21.01
CA GLN B 3937 -4.69 34.93 -21.64
C GLN B 3937 -3.33 35.49 -21.26
N TRP B 3938 -2.52 34.66 -20.61
CA TRP B 3938 -1.07 34.79 -20.64
C TRP B 3938 -0.57 33.55 -21.39
N VAL B 3939 0.11 33.76 -22.51
CA VAL B 3939 0.53 32.59 -23.28
C VAL B 3939 1.87 32.20 -22.70
N PHE B 3940 1.83 31.50 -21.58
CA PHE B 3940 3.10 30.98 -21.11
C PHE B 3940 3.51 29.62 -21.66
N PRO B 3941 2.76 28.54 -21.38
CA PRO B 3941 3.40 27.22 -21.43
C PRO B 3941 3.41 26.57 -22.81
N LYS B 3942 3.66 27.31 -23.87
CA LYS B 3942 3.54 26.56 -25.12
C LYS B 3942 4.73 26.68 -26.05
N ASP B 3943 5.30 27.88 -26.19
CA ASP B 3943 6.30 28.16 -27.22
C ASP B 3943 5.77 27.82 -28.61
N VAL B 3944 4.45 27.68 -28.75
CA VAL B 3944 3.81 27.21 -29.96
C VAL B 3944 2.61 28.07 -30.34
N VAL B 3945 2.50 29.26 -29.74
CA VAL B 3945 1.30 30.09 -29.90
C VAL B 3945 1.13 30.51 -31.35
N LYS B 3946 2.22 30.87 -32.02
CA LYS B 3946 2.14 31.34 -33.40
C LYS B 3946 1.66 30.23 -34.34
N GLN B 3947 2.17 29.01 -34.14
CA GLN B 3947 1.78 27.90 -35.01
C GLN B 3947 0.30 27.57 -34.86
N GLN B 3948 -0.20 27.58 -33.62
CA GLN B 3948 -1.62 27.32 -33.41
C GLN B 3948 -2.47 28.48 -33.93
N GLY B 3949 -1.98 29.71 -33.78
CA GLY B 3949 -2.73 30.86 -34.27
C GLY B 3949 -2.79 30.93 -35.78
N LEU B 3950 -1.80 30.34 -36.46
CA LEU B 3950 -1.90 30.21 -37.90
C LEU B 3950 -3.07 29.30 -38.28
N ARG B 3951 -3.25 28.21 -37.54
CA ARG B 3951 -4.39 27.32 -37.70
C ARG B 3951 -5.47 27.67 -36.65
N GLN B 3952 -6.03 28.86 -36.81
CA GLN B 3952 -7.03 29.35 -35.86
C GLN B 3952 -8.45 29.19 -36.35
N ASP B 3953 -8.65 28.64 -37.55
CA ASP B 3953 -10.00 28.47 -38.08
C ASP B 3953 -10.80 27.51 -37.22
N HIS B 3954 -10.20 26.40 -36.82
CA HIS B 3954 -10.81 25.44 -35.90
C HIS B 3954 -9.89 25.23 -34.71
N PRO B 3955 -10.20 25.78 -33.53
CA PRO B 3955 -9.34 25.57 -32.38
C PRO B 3955 -9.16 24.11 -32.01
N GLY B 3956 -10.18 23.29 -32.23
CA GLY B 3956 -10.07 21.87 -31.97
C GLY B 3956 -11.17 21.33 -31.06
N GLN B 3957 -11.88 20.31 -31.53
CA GLN B 3957 -12.90 19.64 -30.74
C GLN B 3957 -12.76 18.14 -30.95
N MET B 3958 -12.59 17.40 -29.87
CA MET B 3958 -12.39 15.96 -29.92
C MET B 3958 -13.74 15.26 -29.92
N ASP B 3959 -13.98 14.44 -30.92
CA ASP B 3959 -15.20 13.63 -30.98
C ASP B 3959 -15.03 12.49 -29.97
N ARG B 3960 -15.49 12.76 -28.74
CA ARG B 3960 -15.35 11.76 -27.70
C ARG B 3960 -16.30 10.58 -27.89
N TYR B 3961 -17.24 10.67 -28.83
CA TYR B 3961 -18.06 9.51 -29.18
C TYR B 3961 -17.30 8.50 -29.98
N LEU B 3962 -15.99 8.69 -30.18
CA LEU B 3962 -15.22 7.82 -31.05
C LEU B 3962 -14.98 6.44 -30.46
N VAL B 3963 -15.52 6.13 -29.29
CA VAL B 3963 -15.43 4.76 -28.79
C VAL B 3963 -16.59 3.98 -29.36
N TYR B 3964 -16.51 3.66 -30.65
CA TYR B 3964 -17.45 2.76 -31.31
C TYR B 3964 -16.81 1.86 -32.35
N GLY B 3965 -15.58 2.13 -32.75
CA GLY B 3965 -14.96 1.53 -33.91
C GLY B 3965 -14.78 2.57 -35.01
N ASP B 3966 -14.26 2.11 -36.14
CA ASP B 3966 -14.13 2.98 -37.29
C ASP B 3966 -15.46 3.17 -38.02
N GLU B 3967 -16.50 2.42 -37.63
CA GLU B 3967 -17.79 2.52 -38.30
C GLU B 3967 -18.43 3.88 -38.06
N TYR B 3968 -18.49 4.31 -36.80
CA TYR B 3968 -18.98 5.66 -36.51
C TYR B 3968 -18.04 6.72 -37.08
N LYS B 3969 -16.74 6.41 -37.11
CA LYS B 3969 -15.77 7.34 -37.71
C LYS B 3969 -16.12 7.60 -39.17
N ALA B 3970 -16.51 6.56 -39.90
CA ALA B 3970 -16.92 6.74 -41.29
C ALA B 3970 -18.29 7.39 -41.41
N LEU B 3971 -19.22 7.02 -40.53
CA LEU B 3971 -20.58 7.55 -40.62
C LEU B 3971 -20.60 9.05 -40.38
N ARG B 3972 -19.83 9.53 -39.40
CA ARG B 3972 -19.82 10.97 -39.14
C ARG B 3972 -19.21 11.74 -40.31
N ASP B 3973 -18.17 11.18 -40.93
CA ASP B 3973 -17.59 11.81 -42.10
C ASP B 3973 -18.60 11.86 -43.25
N ALA B 3974 -19.32 10.77 -43.46
CA ALA B 3974 -20.32 10.74 -44.51
C ALA B 3974 -21.43 11.74 -44.25
N VAL B 3975 -21.89 11.84 -43.00
CA VAL B 3975 -22.95 12.79 -42.67
C VAL B 3975 -22.46 14.22 -42.86
N ALA B 3976 -21.23 14.51 -42.44
CA ALA B 3976 -20.69 15.86 -42.63
C ALA B 3976 -20.58 16.21 -44.11
N LYS B 3977 -20.12 15.26 -44.93
CA LYS B 3977 -20.04 15.49 -46.37
C LYS B 3977 -21.42 15.74 -46.96
N ALA B 3978 -22.40 14.93 -46.56
CA ALA B 3978 -23.75 15.08 -47.06
C ALA B 3978 -24.31 16.45 -46.70
N VAL B 3979 -24.08 16.89 -45.46
CA VAL B 3979 -24.56 18.19 -45.03
C VAL B 3979 -23.89 19.33 -45.78
N LEU B 3980 -22.55 19.27 -45.95
CA LEU B 3980 -21.88 20.42 -46.56
C LEU B 3980 -22.14 20.49 -48.06
N GLU B 3981 -22.40 19.35 -48.70
CA GLU B 3981 -22.76 19.35 -50.11
C GLU B 3981 -24.27 19.36 -50.33
N CYS B 3982 -25.06 19.30 -49.25
CA CYS B 3982 -26.52 19.37 -49.32
C CYS B 3982 -27.14 18.22 -50.09
N LYS B 3983 -26.32 17.25 -50.50
CA LYS B 3983 -26.80 16.06 -51.20
C LYS B 3983 -26.65 14.87 -50.28
N PRO B 3984 -27.67 14.50 -49.50
CA PRO B 3984 -27.51 13.48 -48.47
C PRO B 3984 -27.85 12.05 -48.88
N LEU B 3985 -28.10 11.79 -50.16
CA LEU B 3985 -28.42 10.44 -50.60
C LEU B 3985 -27.31 9.44 -50.27
N GLY B 3986 -26.06 9.91 -50.19
CA GLY B 3986 -24.98 9.02 -49.80
C GLY B 3986 -25.20 8.37 -48.45
N ILE B 3987 -25.84 9.10 -47.53
CA ILE B 3987 -26.17 8.51 -46.23
C ILE B 3987 -26.97 7.24 -46.42
N LYS B 3988 -27.95 7.27 -47.33
CA LYS B 3988 -28.81 6.11 -47.55
C LYS B 3988 -28.04 4.90 -48.07
N THR B 3989 -26.84 5.08 -48.58
CA THR B 3989 -26.00 3.94 -48.87
C THR B 3989 -24.93 3.69 -47.81
N ALA B 3990 -24.53 4.74 -47.08
CA ALA B 3990 -23.57 4.56 -45.99
C ALA B 3990 -24.16 3.65 -44.92
N LEU B 3991 -25.43 3.87 -44.58
CA LEU B 3991 -26.14 2.95 -43.68
C LEU B 3991 -26.11 1.53 -44.23
N LYS B 3992 -26.22 1.39 -45.55
CA LYS B 3992 -26.10 0.07 -46.15
C LYS B 3992 -24.65 -0.39 -46.22
N ALA B 3993 -23.73 0.57 -46.34
CA ALA B 3993 -22.31 0.21 -46.43
C ALA B 3993 -21.82 -0.43 -45.13
N CYS B 3994 -22.22 0.13 -43.99
CA CYS B 3994 -21.83 -0.42 -42.71
C CYS B 3994 -22.71 -1.62 -42.36
N LYS B 3995 -22.35 -2.33 -41.29
CA LYS B 3995 -23.07 -3.55 -40.93
C LYS B 3995 -23.00 -3.76 -39.43
N THR B 3996 -24.05 -3.36 -38.73
CA THR B 3996 -24.24 -3.66 -37.32
C THR B 3996 -25.72 -3.91 -37.08
N PRO B 3997 -26.10 -4.37 -35.89
CA PRO B 3997 -27.52 -4.44 -35.55
C PRO B 3997 -28.19 -3.07 -35.71
N GLN B 3998 -29.44 -3.10 -36.17
CA GLN B 3998 -30.12 -1.86 -36.57
C GLN B 3998 -30.24 -0.87 -35.42
N SER B 3999 -30.32 -1.36 -34.18
CA SER B 3999 -30.36 -0.45 -33.03
C SER B 3999 -29.07 0.35 -32.94
N GLN B 4000 -27.93 -0.32 -33.11
CA GLN B 4000 -26.66 0.40 -33.13
C GLN B 4000 -26.55 1.32 -34.33
N GLN B 4001 -27.15 0.94 -35.46
CA GLN B 4001 -27.22 1.82 -36.61
C GLN B 4001 -27.94 3.12 -36.25
N SER B 4002 -29.10 3.00 -35.62
CA SER B 4002 -29.87 4.19 -35.24
C SER B 4002 -29.09 5.04 -34.23
N ALA B 4003 -28.46 4.39 -33.25
CA ALA B 4003 -27.70 5.15 -32.26
C ALA B 4003 -26.53 5.89 -32.90
N TYR B 4004 -25.80 5.23 -33.79
CA TYR B 4004 -24.69 5.88 -34.46
C TYR B 4004 -25.17 7.04 -35.32
N PHE B 4005 -26.31 6.86 -36.01
CA PHE B 4005 -26.82 7.95 -36.83
C PHE B 4005 -27.21 9.15 -35.97
N LEU B 4006 -27.92 8.91 -34.86
CA LEU B 4006 -28.31 10.01 -33.99
C LEU B 4006 -27.09 10.74 -33.45
N LEU B 4007 -26.07 9.99 -33.05
CA LEU B 4007 -24.85 10.63 -32.56
C LEU B 4007 -24.16 11.41 -33.67
N THR B 4008 -24.25 10.94 -34.91
CA THR B 4008 -23.67 11.71 -36.02
C THR B 4008 -24.40 13.03 -36.21
N LEU B 4009 -25.73 13.02 -36.12
CA LEU B 4009 -26.45 14.30 -36.21
C LEU B 4009 -26.04 15.22 -35.07
N PHE B 4010 -25.89 14.68 -33.86
CA PHE B 4010 -25.47 15.55 -32.76
C PHE B 4010 -24.06 16.10 -32.98
N ARG B 4011 -23.15 15.29 -33.53
CA ARG B 4011 -21.75 15.68 -33.59
C ARG B 4011 -21.46 16.59 -34.78
N GLU B 4012 -22.22 16.46 -35.86
CA GLU B 4012 -21.93 17.22 -37.08
C GLU B 4012 -23.01 18.25 -37.42
N VAL B 4013 -24.25 18.03 -36.98
CA VAL B 4013 -25.34 18.93 -37.33
C VAL B 4013 -25.76 19.76 -36.12
N ALA B 4014 -26.16 19.07 -35.05
CA ALA B 4014 -26.78 19.76 -33.92
C ALA B 4014 -25.78 20.62 -33.17
N ILE B 4015 -24.55 20.15 -33.01
CA ILE B 4015 -23.57 20.87 -32.19
C ILE B 4015 -23.19 22.21 -32.83
N LEU B 4016 -23.48 22.39 -34.11
CA LEU B 4016 -23.14 23.66 -34.75
C LEU B 4016 -24.01 24.80 -34.23
N TYR B 4017 -25.15 24.48 -33.60
CA TYR B 4017 -25.97 25.49 -32.94
C TYR B 4017 -25.43 25.80 -31.54
N ARG B 4018 -24.12 26.05 -31.50
CA ARG B 4018 -23.43 26.35 -30.25
C ARG B 4018 -22.56 27.58 -30.45
N SER B 4019 -22.11 27.80 -31.67
CA SER B 4019 -21.27 28.95 -31.97
C SER B 4019 -22.10 30.23 -31.90
N HIS B 4020 -21.60 31.21 -31.14
CA HIS B 4020 -22.27 32.50 -31.07
C HIS B 4020 -22.26 33.19 -32.43
N ASN B 4021 -21.29 32.85 -33.28
CA ASN B 4021 -21.24 33.37 -34.64
C ASN B 4021 -22.31 32.70 -35.48
N ALA B 4022 -23.49 33.33 -35.57
CA ALA B 4022 -24.62 32.70 -36.22
C ALA B 4022 -24.37 32.43 -37.70
N SER B 4023 -23.38 33.11 -38.29
CA SER B 4023 -23.06 32.86 -39.69
C SER B 4023 -22.61 31.43 -39.91
N LEU B 4024 -21.97 30.83 -38.91
CA LEU B 4024 -21.49 29.46 -39.03
C LEU B 4024 -22.55 28.42 -38.72
N HIS B 4025 -23.75 28.85 -38.35
CA HIS B 4025 -24.84 27.94 -38.02
C HIS B 4025 -25.26 27.16 -39.25
N PRO B 4026 -25.82 25.96 -39.10
CA PRO B 4026 -26.27 25.20 -40.28
C PRO B 4026 -27.34 25.95 -41.05
N THR B 4027 -27.02 26.32 -42.28
CA THR B 4027 -27.97 27.02 -43.12
C THR B 4027 -29.16 26.12 -43.42
N PRO B 4028 -30.36 26.69 -43.55
CA PRO B 4028 -31.55 25.85 -43.72
C PRO B 4028 -31.52 25.01 -44.99
N GLU B 4029 -30.69 25.38 -45.96
CA GLU B 4029 -30.63 24.65 -47.23
C GLU B 4029 -30.40 23.16 -47.01
N GLN B 4030 -29.35 22.82 -46.26
CA GLN B 4030 -29.09 21.41 -45.96
C GLN B 4030 -30.02 20.87 -44.88
N CYS B 4031 -30.53 21.74 -44.01
CA CYS B 4031 -31.43 21.27 -42.94
C CYS B 4031 -32.70 20.69 -43.52
N GLU B 4032 -33.26 21.33 -44.55
CA GLU B 4032 -34.45 20.78 -45.20
C GLU B 4032 -34.19 19.39 -45.75
N ALA B 4033 -33.05 19.21 -46.43
CA ALA B 4033 -32.74 17.91 -47.03
C ALA B 4033 -32.54 16.84 -45.97
N VAL B 4034 -31.81 17.16 -44.90
CA VAL B 4034 -31.55 16.12 -43.89
C VAL B 4034 -32.84 15.78 -43.15
N SER B 4035 -33.69 16.77 -42.88
CA SER B 4035 -34.99 16.47 -42.28
C SER B 4035 -35.81 15.56 -43.18
N LYS B 4036 -35.81 15.86 -44.49
CA LYS B 4036 -36.50 14.99 -45.43
C LYS B 4036 -35.95 13.57 -45.37
N PHE B 4037 -34.62 13.45 -45.27
CA PHE B 4037 -34.05 12.11 -45.34
C PHE B 4037 -34.12 11.35 -44.02
N ILE B 4038 -34.35 12.03 -42.89
CA ILE B 4038 -34.86 11.32 -41.71
C ILE B 4038 -36.28 10.86 -41.97
N GLY B 4039 -37.05 11.67 -42.69
CA GLY B 4039 -38.39 11.25 -43.08
C GLY B 4039 -38.40 9.97 -43.89
N GLU B 4040 -37.48 9.86 -44.87
CA GLU B 4040 -37.42 8.65 -45.69
C GLU B 4040 -36.49 7.60 -45.10
N CYS B 4041 -35.92 7.86 -43.93
CA CYS B 4041 -35.06 6.87 -43.29
C CYS B 4041 -35.89 5.77 -42.63
N LYS B 4042 -35.72 4.54 -43.12
CA LYS B 4042 -36.45 3.40 -42.55
C LYS B 4042 -35.76 2.80 -41.33
N ILE B 4043 -34.48 3.08 -41.12
CA ILE B 4043 -33.82 2.64 -39.90
C ILE B 4043 -34.43 3.35 -38.69
N LEU B 4044 -34.75 4.62 -38.84
CA LEU B 4044 -35.42 5.39 -37.79
C LEU B 4044 -36.94 5.27 -37.91
N SER B 4045 -37.42 4.03 -37.96
CA SER B 4045 -38.84 3.74 -38.15
C SER B 4045 -39.68 4.04 -36.91
N PRO B 4046 -39.26 3.67 -35.70
CA PRO B 4046 -40.08 3.97 -34.52
C PRO B 4046 -40.29 5.47 -34.36
N PRO B 4047 -41.46 5.88 -33.87
CA PRO B 4047 -41.77 7.33 -33.86
C PRO B 4047 -40.83 8.16 -33.00
N ASP B 4048 -40.55 7.71 -31.77
CA ASP B 4048 -39.81 8.54 -30.83
C ASP B 4048 -38.40 8.87 -31.34
N ILE B 4049 -37.71 7.87 -31.91
CA ILE B 4049 -36.37 8.10 -32.42
C ILE B 4049 -36.40 9.11 -33.57
N SER B 4050 -37.38 8.97 -34.45
CA SER B 4050 -37.50 9.90 -35.57
C SER B 4050 -37.76 11.31 -35.08
N ARG B 4051 -38.66 11.47 -34.10
CA ARG B 4051 -38.94 12.78 -33.55
C ARG B 4051 -37.70 13.37 -32.89
N PHE B 4052 -36.94 12.54 -32.17
CA PHE B 4052 -35.74 13.04 -31.52
C PHE B 4052 -34.70 13.48 -32.55
N ALA B 4053 -34.54 12.70 -33.63
CA ALA B 4053 -33.59 13.08 -34.66
C ALA B 4053 -33.98 14.40 -35.32
N THR B 4054 -35.27 14.54 -35.66
CA THR B 4054 -35.73 15.78 -36.28
C THR B 4054 -35.57 16.96 -35.33
N SER B 4055 -35.82 16.76 -34.04
CA SER B 4055 -35.62 17.82 -33.07
C SER B 4055 -34.15 18.19 -32.96
N LEU B 4056 -33.27 17.19 -33.02
CA LEU B 4056 -31.84 17.45 -32.94
C LEU B 4056 -31.35 18.24 -34.14
N VAL B 4057 -31.86 17.93 -35.33
CA VAL B 4057 -31.38 18.59 -36.54
C VAL B 4057 -31.70 20.07 -36.54
N ASP B 4058 -32.92 20.45 -36.17
CA ASP B 4058 -33.40 21.82 -36.28
C ASP B 4058 -33.22 22.61 -34.98
N ASN B 4059 -32.41 22.07 -34.07
CA ASN B 4059 -32.15 22.65 -32.76
C ASN B 4059 -33.51 22.91 -32.11
N SER B 4060 -34.24 21.85 -31.80
CA SER B 4060 -35.47 21.95 -31.02
C SER B 4060 -35.51 20.87 -29.94
N VAL B 4061 -34.35 20.42 -29.49
CA VAL B 4061 -34.24 19.50 -28.37
C VAL B 4061 -34.26 20.33 -27.09
N PRO B 4062 -35.13 20.04 -26.13
CA PRO B 4062 -35.25 20.92 -24.96
C PRO B 4062 -33.97 21.08 -24.16
N LEU B 4063 -33.10 20.05 -24.15
CA LEU B 4063 -31.85 20.16 -23.41
C LEU B 4063 -30.96 21.26 -23.99
N LEU B 4064 -30.79 21.28 -25.31
CA LEU B 4064 -29.98 22.30 -25.96
C LEU B 4064 -30.83 23.55 -26.20
N ARG B 4065 -31.20 24.19 -25.10
CA ARG B 4065 -32.05 25.37 -25.11
C ARG B 4065 -31.16 26.60 -25.29
N ALA B 4066 -31.79 27.73 -25.64
CA ALA B 4066 -31.06 28.94 -25.96
C ALA B 4066 -30.04 29.32 -24.89
N GLY B 4067 -30.42 29.21 -23.62
CA GLY B 4067 -29.49 29.47 -22.54
C GLY B 4067 -29.05 28.22 -21.80
N PRO B 4068 -27.85 27.73 -22.11
CA PRO B 4068 -27.22 26.71 -21.28
C PRO B 4068 -26.42 27.33 -20.14
N SER B 4069 -25.66 26.51 -19.42
CA SER B 4069 -24.72 27.03 -18.44
C SER B 4069 -23.70 27.94 -19.11
N ASP B 4070 -23.00 28.73 -18.29
CA ASP B 4070 -22.16 29.82 -18.82
C ASP B 4070 -21.01 29.30 -19.67
N SER B 4071 -20.36 28.24 -19.23
CA SER B 4071 -19.12 27.78 -19.87
C SER B 4071 -19.23 26.33 -20.30
N ASN B 4072 -18.10 25.72 -20.65
CA ASN B 4072 -18.12 24.33 -21.11
C ASN B 4072 -18.23 23.37 -19.93
N LEU B 4073 -19.19 23.62 -19.04
CA LEU B 4073 -19.68 22.65 -18.08
C LEU B 4073 -20.96 22.00 -18.59
N ASP B 4074 -21.78 22.78 -19.28
CA ASP B 4074 -22.88 22.27 -20.08
C ASP B 4074 -22.43 21.83 -21.45
N GLY B 4075 -21.13 21.66 -21.67
CA GLY B 4075 -20.63 21.16 -22.93
C GLY B 4075 -20.34 19.68 -22.91
N THR B 4076 -19.58 19.22 -21.91
CA THR B 4076 -19.31 17.80 -21.77
C THR B 4076 -20.55 17.06 -21.26
N VAL B 4077 -21.25 17.67 -20.31
CA VAL B 4077 -22.48 17.07 -19.79
C VAL B 4077 -23.52 16.97 -20.90
N THR B 4078 -23.55 17.93 -21.83
CA THR B 4078 -24.43 17.80 -22.98
C THR B 4078 -24.05 16.59 -23.82
N GLU B 4079 -22.76 16.37 -24.04
CA GLU B 4079 -22.32 15.20 -24.79
C GLU B 4079 -22.79 13.92 -24.12
N MET B 4080 -22.55 13.81 -22.81
CA MET B 4080 -22.94 12.61 -22.08
C MET B 4080 -24.46 12.42 -22.11
N ALA B 4081 -25.21 13.50 -21.96
CA ALA B 4081 -26.66 13.40 -21.94
C ALA B 4081 -27.22 13.02 -23.31
N ILE B 4082 -26.60 13.51 -24.39
CA ILE B 4082 -27.04 13.12 -25.72
C ILE B 4082 -26.73 11.65 -25.97
N HIS B 4083 -25.57 11.19 -25.49
CA HIS B 4083 -25.26 9.77 -25.61
C HIS B 4083 -26.28 8.93 -24.83
N ALA B 4084 -26.65 9.39 -23.64
CA ALA B 4084 -27.68 8.70 -22.88
C ALA B 4084 -29.01 8.72 -23.61
N ALA B 4085 -29.34 9.84 -24.26
CA ALA B 4085 -30.55 9.91 -25.06
C ALA B 4085 -30.54 8.85 -26.15
N ALA B 4086 -29.42 8.72 -26.86
CA ALA B 4086 -29.31 7.73 -27.91
C ALA B 4086 -29.46 6.32 -27.36
N VAL B 4087 -28.79 6.04 -26.24
CA VAL B 4087 -28.81 4.68 -25.69
C VAL B 4087 -30.21 4.32 -25.18
N LEU B 4088 -30.93 5.29 -24.62
CA LEU B 4088 -32.27 4.99 -24.11
C LEU B 4088 -33.28 4.89 -25.24
N LEU B 4089 -33.13 5.71 -26.28
CA LEU B 4089 -34.08 5.67 -27.39
C LEU B 4089 -33.89 4.40 -28.23
N CYS B 4090 -32.66 4.10 -28.60
CA CYS B 4090 -32.39 2.99 -29.51
C CYS B 4090 -32.12 1.68 -28.78
N GLY B 4091 -31.83 1.73 -27.48
CA GLY B 4091 -31.56 0.51 -26.75
C GLY B 4091 -32.80 -0.36 -26.66
N GLN B 4092 -32.57 -1.68 -26.57
CA GLN B 4092 -33.65 -2.65 -26.50
C GLN B 4092 -33.63 -3.46 -25.20
N ASN B 4093 -32.62 -3.27 -24.37
CA ASN B 4093 -32.51 -4.03 -23.13
C ASN B 4093 -33.66 -3.70 -22.19
N GLU B 4094 -34.14 -4.71 -21.47
CA GLU B 4094 -35.33 -4.56 -20.63
C GLU B 4094 -35.06 -3.95 -19.27
N LEU B 4095 -33.80 -3.89 -18.83
CA LEU B 4095 -33.46 -3.24 -17.56
C LEU B 4095 -33.08 -1.77 -17.75
N LEU B 4096 -33.13 -1.27 -18.98
CA LEU B 4096 -32.93 0.15 -19.24
C LEU B 4096 -34.22 0.95 -19.09
N GLU B 4097 -35.35 0.28 -18.88
CA GLU B 4097 -36.63 0.99 -18.77
C GLU B 4097 -36.68 1.97 -17.61
N PRO B 4098 -36.21 1.66 -16.39
CA PRO B 4098 -36.26 2.67 -15.34
C PRO B 4098 -35.52 3.95 -15.67
N LEU B 4099 -34.35 3.85 -16.32
CA LEU B 4099 -33.65 5.06 -16.75
C LEU B 4099 -34.41 5.76 -17.87
N LYS B 4100 -35.11 4.99 -18.70
CA LYS B 4100 -35.94 5.59 -19.74
C LYS B 4100 -37.06 6.42 -19.13
N ASN B 4101 -37.69 5.90 -18.08
CA ASN B 4101 -38.83 6.59 -17.48
C ASN B 4101 -38.38 7.71 -16.56
N LEU B 4102 -37.16 7.62 -16.03
CA LEU B 4102 -36.60 8.77 -15.33
C LEU B 4102 -36.46 9.97 -16.27
N ALA B 4103 -36.30 9.69 -17.56
CA ALA B 4103 -36.42 10.67 -18.62
C ALA B 4103 -37.76 10.46 -19.32
N PHE B 4104 -37.97 11.15 -20.44
CA PHE B 4104 -39.08 10.82 -21.34
C PHE B 4104 -40.42 10.77 -20.62
N SER B 4105 -40.92 11.94 -20.20
CA SER B 4105 -42.06 12.08 -19.30
C SER B 4105 -41.75 11.51 -17.92
N PRO B 4106 -40.88 12.18 -17.14
CA PRO B 4106 -40.57 11.75 -15.78
C PRO B 4106 -41.67 12.12 -14.77
N ALA B 4107 -42.91 11.86 -15.16
CA ALA B 4107 -44.04 12.03 -14.26
C ALA B 4107 -44.61 10.70 -13.78
N THR B 4108 -44.44 9.62 -14.55
CA THR B 4108 -44.74 8.29 -14.04
C THR B 4108 -43.81 7.90 -12.91
N MET B 4109 -42.57 8.39 -12.94
CA MET B 4109 -41.57 8.07 -11.93
C MET B 4109 -41.65 9.05 -10.76
N ALA B 4110 -42.87 9.21 -10.25
CA ALA B 4110 -43.12 10.11 -9.12
C ALA B 4110 -43.16 9.38 -7.79
N HIS B 4111 -43.20 8.05 -7.80
CA HIS B 4111 -43.27 7.25 -6.59
C HIS B 4111 -42.30 6.09 -6.66
N ALA B 4112 -41.08 6.36 -7.11
CA ALA B 4112 -40.07 5.33 -7.32
C ALA B 4112 -38.80 5.68 -6.58
N PHE B 4113 -38.11 4.64 -6.11
CA PHE B 4113 -36.85 4.80 -5.41
C PHE B 4113 -35.74 4.92 -6.44
N LEU B 4114 -35.14 6.10 -6.54
CA LEU B 4114 -34.06 6.32 -7.48
C LEU B 4114 -32.85 5.47 -7.10
N PRO B 4115 -32.16 4.87 -8.06
CA PRO B 4115 -30.99 4.04 -7.73
C PRO B 4115 -29.91 4.87 -7.05
N THR B 4116 -29.10 4.19 -6.23
CA THR B 4116 -27.99 4.79 -5.51
C THR B 4116 -28.44 5.97 -4.66
N MET B 4117 -29.43 5.71 -3.81
CA MET B 4117 -29.93 6.69 -2.87
C MET B 4117 -29.76 6.13 -1.46
N PRO B 4118 -29.59 6.99 -0.46
CA PRO B 4118 -29.45 6.49 0.90
C PRO B 4118 -30.63 5.65 1.33
N GLU B 4119 -30.33 4.58 2.07
CA GLU B 4119 -31.33 3.66 2.58
C GLU B 4119 -31.37 3.74 4.10
N ASP B 4120 -32.46 3.26 4.68
CA ASP B 4120 -32.60 3.17 6.13
C ASP B 4120 -31.84 1.95 6.59
N LEU B 4121 -30.65 2.17 7.15
CA LEU B 4121 -29.77 1.06 7.51
C LEU B 4121 -30.38 0.17 8.59
N LEU B 4122 -31.33 0.70 9.36
CA LEU B 4122 -32.00 -0.13 10.36
C LEU B 4122 -33.20 -0.82 9.74
N ALA B 4123 -32.98 -1.49 8.61
CA ALA B 4123 -34.04 -2.25 7.95
C ALA B 4123 -33.62 -3.63 7.46
N GLN B 4124 -32.33 -3.88 7.23
CA GLN B 4124 -31.87 -5.16 6.70
C GLN B 4124 -31.02 -5.93 7.68
N ALA B 4125 -30.20 -5.25 8.47
CA ALA B 4125 -29.31 -5.88 9.45
C ALA B 4125 -28.40 -6.92 8.81
N ARG B 4133 -28.63 -3.75 17.43
CA ARG B 4133 -27.81 -4.65 18.22
C ARG B 4133 -27.45 -4.01 19.55
N VAL B 4134 -26.22 -3.49 19.62
CA VAL B 4134 -25.74 -2.77 20.80
C VAL B 4134 -26.38 -1.38 20.79
N HIS B 4135 -27.18 -1.10 19.76
CA HIS B 4135 -27.78 0.21 19.60
C HIS B 4135 -28.83 0.47 20.66
N TRP B 4136 -29.24 1.73 20.74
CA TRP B 4136 -30.18 2.16 21.77
C TRP B 4136 -31.56 1.56 21.53
N TYR B 4137 -32.20 1.12 22.61
CA TYR B 4137 -33.56 0.60 22.54
C TYR B 4137 -34.56 1.70 22.90
N THR B 4138 -35.77 1.55 22.37
CA THR B 4138 -36.83 2.54 22.54
C THR B 4138 -37.76 2.12 23.66
N CYS B 4139 -38.03 3.05 24.58
CA CYS B 4139 -39.01 2.84 25.63
C CYS B 4139 -40.40 2.98 25.01
N PRO B 4140 -41.46 2.56 25.72
CA PRO B 4140 -42.81 2.71 25.16
C PRO B 4140 -43.15 4.13 24.74
N ASN B 4141 -42.69 5.13 25.48
CA ASN B 4141 -42.89 6.53 25.10
C ASN B 4141 -41.70 7.06 24.30
N GLY B 4142 -41.30 6.31 23.28
CA GLY B 4142 -40.29 6.72 22.32
C GLY B 4142 -39.06 7.43 22.85
N HIS B 4143 -38.32 6.79 23.75
CA HIS B 4143 -37.06 7.34 24.22
C HIS B 4143 -35.94 6.31 24.01
N PRO B 4144 -34.86 6.69 23.35
CA PRO B 4144 -33.73 5.75 23.19
C PRO B 4144 -32.98 5.54 24.49
N CYS B 4145 -33.11 4.36 25.07
CA CYS B 4145 -32.43 4.01 26.32
C CYS B 4145 -31.00 3.58 26.03
N SER B 4146 -30.30 3.19 27.10
CA SER B 4146 -28.88 2.89 27.00
C SER B 4146 -28.68 1.50 26.38
N VAL B 4147 -27.45 1.00 26.48
CA VAL B 4147 -27.09 -0.27 25.83
C VAL B 4147 -28.01 -1.39 26.32
N GLY B 4148 -28.42 -2.23 25.38
CA GLY B 4148 -29.26 -3.37 25.70
C GLY B 4148 -29.25 -4.44 24.63
N GLN B 4156 -35.80 -3.70 38.95
CA GLN B 4156 -35.59 -4.08 37.56
C GLN B 4156 -34.80 -3.02 36.81
N SER B 4157 -34.87 -3.08 35.49
CA SER B 4157 -34.28 -2.06 34.62
C SER B 4157 -35.41 -1.22 34.03
N ILE B 4158 -35.25 0.10 34.14
CA ILE B 4158 -36.25 1.06 33.68
C ILE B 4158 -35.56 2.07 32.77
N CYS B 4159 -36.36 2.84 32.05
CA CYS B 4159 -35.82 3.87 31.17
C CYS B 4159 -35.27 5.02 31.99
N ILE B 4160 -34.16 5.59 31.52
CA ILE B 4160 -33.49 6.67 32.24
C ILE B 4160 -34.42 7.88 32.30
N ASP B 4161 -35.17 8.11 31.22
CA ASP B 4161 -36.07 9.25 31.16
C ASP B 4161 -37.49 8.72 31.01
N CYS B 4162 -38.42 9.34 31.73
CA CYS B 4162 -39.86 9.04 31.82
C CYS B 4162 -40.13 7.78 32.63
N HIS B 4163 -39.10 7.02 33.01
CA HIS B 4163 -39.21 5.89 33.94
C HIS B 4163 -40.34 4.93 33.55
N ALA B 4164 -40.18 4.31 32.40
CA ALA B 4164 -41.11 3.32 31.89
C ALA B 4164 -40.66 1.92 32.28
N PRO B 4165 -41.60 0.97 32.39
CA PRO B 4165 -41.23 -0.41 32.78
C PRO B 4165 -40.69 -1.21 31.59
N ILE B 4166 -39.55 -0.77 31.07
CA ILE B 4166 -38.86 -1.43 29.96
C ILE B 4166 -37.37 -1.27 30.20
N GLY B 4167 -36.57 -1.98 29.40
CA GLY B 4167 -35.13 -1.85 29.50
C GLY B 4167 -34.35 -2.94 28.81
N GLY B 4168 -33.28 -2.56 28.13
CA GLY B 4168 -32.42 -3.52 27.47
C GLY B 4168 -31.35 -4.05 28.38
N ILE B 4169 -31.38 -5.36 28.65
CA ILE B 4169 -30.38 -5.99 29.50
C ILE B 4169 -30.18 -7.44 29.08
N ASP B 4182 -41.53 1.23 14.98
CA ASP B 4182 -41.20 -0.17 14.75
C ASP B 4182 -40.62 -0.36 13.36
N LYS B 4183 -41.45 -0.23 12.34
CA LYS B 4183 -41.05 -0.37 10.95
C LYS B 4183 -41.18 0.95 10.20
N ALA B 4184 -40.78 2.05 10.84
CA ALA B 4184 -40.78 3.36 10.21
C ALA B 4184 -39.52 3.48 9.36
N ASP B 4185 -39.58 2.86 8.19
CA ASP B 4185 -38.47 2.89 7.24
C ASP B 4185 -38.23 4.32 6.79
N ARG B 4186 -37.08 4.88 7.18
CA ARG B 4186 -36.74 6.26 6.83
C ARG B 4186 -36.35 6.43 5.38
N THR B 4187 -36.48 5.39 4.55
CA THR B 4187 -36.17 5.51 3.14
C THR B 4187 -37.12 6.48 2.46
N GLN B 4188 -36.60 7.24 1.51
CA GLN B 4188 -37.39 8.20 0.74
C GLN B 4188 -37.19 7.96 -0.74
N THR B 4189 -38.23 8.29 -1.51
CA THR B 4189 -38.17 8.19 -2.96
C THR B 4189 -37.48 9.41 -3.55
N GLY B 4190 -37.20 9.34 -4.84
CA GLY B 4190 -36.67 10.49 -5.54
C GLY B 4190 -35.24 10.83 -5.17
N HIS B 4191 -34.84 12.04 -5.57
CA HIS B 4191 -33.49 12.53 -5.38
C HIS B 4191 -33.28 12.97 -3.93
N VAL B 4192 -32.90 12.03 -3.06
CA VAL B 4192 -32.87 12.30 -1.63
C VAL B 4192 -31.75 13.26 -1.23
N LEU B 4193 -30.54 13.07 -1.76
CA LEU B 4193 -29.42 13.88 -1.30
C LEU B 4193 -29.61 15.33 -1.74
N GLY B 4194 -28.89 16.24 -1.09
CA GLY B 4194 -29.12 17.65 -1.24
C GLY B 4194 -27.95 18.35 -1.93
N ASN B 4195 -27.53 19.45 -1.32
CA ASN B 4195 -26.53 20.37 -1.87
C ASN B 4195 -25.27 19.63 -2.28
N PRO B 4196 -24.98 19.55 -3.58
CA PRO B 4196 -23.77 18.85 -4.04
C PRO B 4196 -22.48 19.52 -3.62
N GLN B 4197 -22.53 20.79 -3.19
CA GLN B 4197 -21.30 21.49 -2.81
C GLN B 4197 -20.60 20.84 -1.61
N ARG B 4198 -21.34 20.10 -0.79
CA ARG B 4198 -20.76 19.33 0.32
C ARG B 4198 -20.85 17.86 -0.04
N ARG B 4199 -19.85 17.37 -0.77
CA ARG B 4199 -19.83 16.00 -1.23
C ARG B 4199 -18.40 15.65 -1.63
N ASP B 4200 -17.77 14.73 -0.90
CA ASP B 4200 -16.37 14.42 -1.13
C ASP B 4200 -16.07 12.95 -1.40
N VAL B 4201 -16.72 12.02 -0.71
CA VAL B 4201 -16.47 10.60 -0.91
C VAL B 4201 -17.80 9.88 -1.04
N VAL B 4202 -17.85 8.90 -1.92
CA VAL B 4202 -19.06 8.10 -2.12
C VAL B 4202 -19.06 6.94 -1.14
N THR B 4203 -20.19 6.77 -0.45
CA THR B 4203 -20.38 5.65 0.47
C THR B 4203 -21.67 4.96 0.07
N CYS B 4204 -21.61 3.63 -0.07
CA CYS B 4204 -22.73 2.88 -0.60
C CYS B 4204 -23.08 1.71 0.32
N ASP B 4205 -23.96 0.86 -0.18
CA ASP B 4205 -24.37 -0.36 0.50
C ASP B 4205 -24.68 -1.40 -0.57
N ARG B 4206 -25.39 -2.46 -0.17
CA ARG B 4206 -25.85 -3.50 -1.09
C ARG B 4206 -24.69 -4.23 -1.77
N GLY B 4207 -23.50 -4.17 -1.19
CA GLY B 4207 -22.35 -4.88 -1.73
C GLY B 4207 -21.96 -4.50 -3.14
N LEU B 4208 -21.89 -3.21 -3.42
CA LEU B 4208 -21.52 -2.74 -4.74
C LEU B 4208 -20.20 -1.99 -4.70
N PRO B 4209 -19.32 -2.18 -5.69
CA PRO B 4209 -18.08 -1.41 -5.73
C PRO B 4209 -18.37 0.06 -5.90
N PRO B 4210 -17.58 0.93 -5.26
CA PRO B 4210 -17.80 2.38 -5.45
C PRO B 4210 -17.70 2.82 -6.89
N VAL B 4211 -16.86 2.18 -7.69
CA VAL B 4211 -16.75 2.57 -9.10
C VAL B 4211 -18.05 2.30 -9.83
N VAL B 4212 -18.61 1.11 -9.66
CA VAL B 4212 -19.91 0.79 -10.25
C VAL B 4212 -21.03 1.62 -9.62
N PHE B 4213 -20.97 1.88 -8.32
CA PHE B 4213 -21.98 2.68 -7.64
C PHE B 4213 -22.03 4.10 -8.17
N LEU B 4214 -20.88 4.73 -8.39
CA LEU B 4214 -20.87 6.08 -8.95
C LEU B 4214 -21.38 6.08 -10.39
N LEU B 4215 -20.97 5.09 -11.18
CA LEU B 4215 -21.38 5.02 -12.58
C LEU B 4215 -22.83 4.61 -12.75
N ILE B 4216 -23.53 4.28 -11.67
CA ILE B 4216 -24.98 4.19 -11.68
C ILE B 4216 -25.61 5.49 -11.19
N ARG B 4217 -25.02 6.12 -10.18
CA ARG B 4217 -25.42 7.45 -9.75
C ARG B 4217 -25.10 8.52 -10.77
N LEU B 4218 -24.27 8.21 -11.76
CA LEU B 4218 -24.01 9.12 -12.85
C LEU B 4218 -24.90 8.86 -14.07
N LEU B 4219 -25.43 7.64 -14.21
CA LEU B 4219 -26.40 7.35 -15.26
C LEU B 4219 -27.83 7.65 -14.83
N THR B 4220 -28.09 7.78 -13.53
CA THR B 4220 -29.38 8.29 -13.08
C THR B 4220 -29.46 9.80 -13.24
N HIS B 4221 -28.42 10.52 -12.83
CA HIS B 4221 -28.33 11.95 -13.11
C HIS B 4221 -28.22 12.24 -14.59
N LEU B 4222 -27.80 11.27 -15.41
CA LEU B 4222 -27.79 11.42 -16.85
C LEU B 4222 -29.10 10.98 -17.47
N ALA B 4223 -30.00 10.39 -16.68
CA ALA B 4223 -31.34 10.08 -17.12
C ALA B 4223 -32.37 10.98 -16.46
N LEU B 4224 -31.96 11.84 -15.54
CA LEU B 4224 -32.84 12.84 -14.95
C LEU B 4224 -32.59 14.23 -15.50
N LEU B 4225 -31.35 14.59 -15.81
CA LEU B 4225 -31.07 15.88 -16.41
C LEU B 4225 -31.80 16.03 -17.73
N LEU B 4226 -31.77 14.98 -18.56
CA LEU B 4226 -32.57 15.02 -19.78
C LEU B 4226 -34.05 15.03 -19.45
N GLY B 4227 -34.42 14.34 -18.36
CA GLY B 4227 -35.81 14.38 -17.93
C GLY B 4227 -36.24 15.76 -17.49
N ALA B 4228 -35.33 16.53 -16.91
CA ALA B 4228 -35.64 17.91 -16.55
C ALA B 4228 -35.53 18.81 -17.77
N SER B 4229 -36.15 18.37 -18.87
CA SER B 4229 -36.25 19.18 -20.08
C SER B 4229 -37.64 19.16 -20.69
N GLN B 4230 -38.44 18.14 -20.43
CA GLN B 4230 -39.81 18.06 -20.93
C GLN B 4230 -40.82 18.63 -19.96
N SER B 4231 -40.58 18.49 -18.65
CA SER B 4231 -41.48 19.06 -17.64
C SER B 4231 -40.67 19.25 -16.36
N SER B 4232 -40.29 20.50 -16.09
CA SER B 4232 -39.44 20.80 -14.94
C SER B 4232 -40.17 20.51 -13.63
N GLN B 4233 -41.47 20.83 -13.58
CA GLN B 4233 -42.20 20.73 -12.32
C GLN B 4233 -42.28 19.28 -11.83
N ALA B 4234 -42.39 18.33 -12.74
CA ALA B 4234 -42.46 16.93 -12.33
C ALA B 4234 -41.21 16.51 -11.56
N LEU B 4235 -40.04 16.91 -12.06
CA LEU B 4235 -38.82 16.61 -11.32
C LEU B 4235 -38.69 17.48 -10.08
N ILE B 4236 -39.29 18.68 -10.10
CA ILE B 4236 -39.33 19.49 -8.89
C ILE B 4236 -40.02 18.74 -7.76
N ASN B 4237 -40.99 17.89 -8.09
CA ASN B 4237 -41.62 17.02 -7.11
C ASN B 4237 -40.82 15.75 -6.83
N ILE B 4238 -39.71 15.55 -7.53
CA ILE B 4238 -38.84 14.40 -7.30
C ILE B 4238 -37.67 14.76 -6.42
N ILE B 4239 -37.00 15.88 -6.70
CA ILE B 4239 -35.97 16.38 -5.80
C ILE B 4239 -36.66 16.80 -4.52
N LYS B 4240 -36.49 16.02 -3.46
CA LYS B 4240 -37.28 16.18 -2.25
C LYS B 4240 -36.80 17.37 -1.41
N PRO B 4241 -35.50 17.66 -1.33
CA PRO B 4241 -35.07 18.98 -0.85
C PRO B 4241 -35.27 20.02 -1.94
N PRO B 4242 -36.45 20.65 -1.99
CA PRO B 4242 -36.88 21.33 -3.21
C PRO B 4242 -35.89 22.40 -3.66
N VAL B 4243 -35.70 22.49 -4.97
CA VAL B 4243 -34.79 23.45 -5.58
C VAL B 4243 -35.59 24.36 -6.50
N ARG B 4244 -34.89 25.29 -7.14
CA ARG B 4244 -35.55 26.24 -8.01
C ARG B 4244 -35.39 25.91 -9.49
N ASP B 4245 -34.26 25.33 -9.88
CA ASP B 4245 -34.00 24.98 -11.28
C ASP B 4245 -33.27 23.64 -11.33
N PRO B 4246 -33.97 22.57 -11.70
CA PRO B 4246 -33.34 21.25 -11.81
C PRO B 4246 -32.55 21.06 -13.10
N LYS B 4247 -31.83 22.10 -13.52
CA LYS B 4247 -30.90 22.00 -14.63
C LYS B 4247 -29.56 22.65 -14.34
N GLY B 4248 -29.47 23.51 -13.32
CA GLY B 4248 -28.20 23.98 -12.82
C GLY B 4248 -27.86 23.20 -11.57
N PHE B 4249 -28.88 22.50 -11.06
CA PHE B 4249 -28.69 21.57 -9.95
C PHE B 4249 -28.04 20.29 -10.44
N LEU B 4250 -28.68 19.63 -11.41
CA LEU B 4250 -28.21 18.33 -11.86
C LEU B 4250 -26.90 18.43 -12.64
N GLN B 4251 -26.67 19.54 -13.35
CA GLN B 4251 -25.41 19.65 -14.08
C GLN B 4251 -24.24 19.86 -13.12
N GLN B 4252 -24.43 20.69 -12.09
CA GLN B 4252 -23.39 20.84 -11.08
C GLN B 4252 -23.28 19.62 -10.18
N HIS B 4253 -24.29 18.76 -10.17
CA HIS B 4253 -24.20 17.46 -9.51
C HIS B 4253 -23.38 16.48 -10.32
N ILE B 4254 -23.61 16.45 -11.64
CA ILE B 4254 -22.85 15.58 -12.54
C ILE B 4254 -21.39 16.02 -12.61
N LEU B 4255 -21.14 17.33 -12.51
CA LEU B 4255 -19.76 17.79 -12.44
C LEU B 4255 -19.04 17.22 -11.22
N LYS B 4256 -19.72 17.22 -10.07
CA LYS B 4256 -19.13 16.61 -8.87
C LYS B 4256 -18.95 15.12 -9.06
N ASP B 4257 -19.91 14.45 -9.70
CA ASP B 4257 -19.77 13.02 -9.96
C ASP B 4257 -18.54 12.73 -10.82
N LEU B 4258 -18.33 13.52 -11.88
CA LEU B 4258 -17.16 13.36 -12.72
C LEU B 4258 -15.87 13.67 -11.97
N GLU B 4259 -15.86 14.70 -11.13
CA GLU B 4259 -14.66 15.00 -10.35
C GLU B 4259 -14.32 13.86 -9.40
N GLN B 4260 -15.32 13.27 -8.74
CA GLN B 4260 -15.05 12.13 -7.88
C GLN B 4260 -14.59 10.92 -8.67
N LEU B 4261 -15.19 10.68 -9.85
CA LEU B 4261 -14.79 9.55 -10.66
C LEU B 4261 -13.36 9.69 -11.15
N ALA B 4262 -12.95 10.91 -11.48
CA ALA B 4262 -11.57 11.13 -11.90
C ALA B 4262 -10.59 10.78 -10.79
N LYS B 4263 -10.89 11.23 -9.57
CA LYS B 4263 -10.02 10.92 -8.43
C LYS B 4263 -9.99 9.42 -8.16
N MET B 4264 -11.14 8.77 -8.26
CA MET B 4264 -11.24 7.35 -7.91
C MET B 4264 -10.52 6.48 -8.93
N LEU B 4265 -10.76 6.72 -10.22
CA LEU B 4265 -10.10 5.93 -11.25
C LEU B 4265 -8.65 6.35 -11.45
N GLY B 4266 -8.34 7.63 -11.27
CA GLY B 4266 -7.01 8.15 -11.48
C GLY B 4266 -6.72 8.62 -12.88
N HIS B 4267 -7.66 8.47 -13.81
CA HIS B 4267 -7.45 8.89 -15.18
C HIS B 4267 -7.60 10.41 -15.30
N SER B 4268 -7.23 10.93 -16.46
CA SER B 4268 -7.42 12.35 -16.75
C SER B 4268 -8.90 12.64 -17.00
N ALA B 4269 -9.23 13.93 -17.03
CA ALA B 4269 -10.63 14.33 -17.15
C ALA B 4269 -11.24 13.83 -18.46
N ASP B 4270 -10.52 14.00 -19.56
CA ASP B 4270 -11.01 13.52 -20.85
C ASP B 4270 -11.20 12.02 -20.84
N GLU B 4271 -10.27 11.29 -20.22
CA GLU B 4271 -10.40 9.83 -20.15
C GLU B 4271 -11.56 9.43 -19.24
N THR B 4272 -11.92 10.26 -18.26
CA THR B 4272 -13.06 9.92 -17.41
C THR B 4272 -14.37 10.14 -18.16
N ILE B 4273 -14.47 11.22 -18.92
CA ILE B 4273 -15.63 11.36 -19.79
C ILE B 4273 -15.67 10.20 -20.77
N GLY B 4274 -14.50 9.76 -21.22
CA GLY B 4274 -14.44 8.62 -22.12
C GLY B 4274 -14.93 7.33 -21.47
N VAL B 4275 -14.58 7.11 -20.20
CA VAL B 4275 -15.04 5.88 -19.54
C VAL B 4275 -16.54 5.95 -19.30
N VAL B 4276 -17.09 7.15 -19.05
CA VAL B 4276 -18.53 7.28 -18.99
C VAL B 4276 -19.16 6.90 -20.33
N HIS B 4277 -18.59 7.40 -21.43
CA HIS B 4277 -19.10 7.06 -22.75
C HIS B 4277 -18.98 5.57 -23.02
N LEU B 4278 -17.89 4.95 -22.57
CA LEU B 4278 -17.69 3.52 -22.80
C LEU B 4278 -18.70 2.70 -22.01
N VAL B 4279 -19.01 3.11 -20.79
CA VAL B 4279 -20.05 2.44 -20.02
C VAL B 4279 -21.40 2.56 -20.73
N LEU B 4280 -21.70 3.75 -21.26
CA LEU B 4280 -22.94 3.91 -22.02
C LEU B 4280 -22.95 3.01 -23.25
N ARG B 4281 -21.80 2.88 -23.92
CA ARG B 4281 -21.71 1.95 -25.06
C ARG B 4281 -21.98 0.52 -24.62
N ARG B 4282 -21.39 0.10 -23.51
CA ARG B 4282 -21.62 -1.25 -23.00
C ARG B 4282 -23.09 -1.48 -22.74
N LEU B 4283 -23.79 -0.47 -22.21
CA LEU B 4283 -25.24 -0.58 -22.12
C LEU B 4283 -25.88 -0.69 -23.49
N LEU B 4284 -25.36 0.05 -24.47
CA LEU B 4284 -25.96 0.04 -25.81
C LEU B 4284 -25.68 -1.26 -26.54
N GLN B 4285 -24.39 -1.60 -26.69
CA GLN B 4285 -23.99 -2.81 -27.40
C GLN B 4285 -24.45 -4.08 -26.72
N GLU B 4286 -25.11 -3.98 -25.57
CA GLU B 4286 -25.72 -5.13 -24.90
C GLU B 4286 -27.09 -5.35 -25.52
N GLN B 4287 -27.20 -6.37 -26.38
CA GLN B 4287 -28.47 -6.71 -27.00
C GLN B 4287 -29.16 -7.89 -26.34
N HIS B 4288 -28.45 -8.68 -25.55
CA HIS B 4288 -29.02 -9.81 -24.83
C HIS B 4288 -30.08 -9.31 -23.85
N PHE B 4298 -36.07 -5.59 -11.31
CA PHE B 4298 -36.82 -6.43 -12.23
C PHE B 4298 -38.08 -5.73 -12.71
N ASP B 4299 -38.35 -4.55 -12.16
CA ASP B 4299 -39.59 -3.83 -12.42
C ASP B 4299 -39.34 -2.65 -13.35
N THR B 4300 -40.39 -2.28 -14.08
CA THR B 4300 -40.36 -1.10 -14.94
C THR B 4300 -40.85 0.15 -14.22
N GLU B 4301 -41.19 0.04 -12.93
CA GLU B 4301 -41.65 1.17 -12.14
C GLU B 4301 -40.72 1.53 -10.99
N LEU B 4302 -39.89 0.59 -10.52
CA LEU B 4302 -39.06 0.80 -9.34
C LEU B 4302 -39.91 1.19 -8.13
N SER B 4303 -41.01 0.47 -7.95
CA SER B 4303 -42.02 0.84 -6.96
C SER B 4303 -41.61 0.50 -5.54
N THR B 4304 -40.87 -0.60 -5.35
CA THR B 4304 -40.50 -1.08 -4.03
C THR B 4304 -39.00 -1.00 -3.83
N LYS B 4305 -38.59 -0.85 -2.56
CA LYS B 4305 -37.17 -0.70 -2.24
C LYS B 4305 -36.35 -1.90 -2.68
N GLU B 4306 -36.84 -3.11 -2.38
CA GLU B 4306 -36.14 -4.31 -2.81
C GLU B 4306 -36.03 -4.38 -4.32
N MET B 4307 -37.01 -3.80 -5.02
CA MET B 4307 -36.97 -3.85 -6.48
C MET B 4307 -35.87 -2.91 -7.00
N ARG B 4308 -35.70 -1.76 -6.36
CA ARG B 4308 -34.58 -0.89 -6.67
C ARG B 4308 -33.26 -1.58 -6.38
N ASN B 4309 -33.18 -2.31 -5.27
CA ASN B 4309 -31.97 -3.06 -4.95
C ASN B 4309 -31.67 -4.08 -6.04
N ASN B 4310 -32.69 -4.80 -6.49
CA ASN B 4310 -32.50 -5.80 -7.54
C ASN B 4310 -32.06 -5.15 -8.85
N TRP B 4311 -32.67 -4.02 -9.21
CA TRP B 4311 -32.24 -3.33 -10.43
C TRP B 4311 -30.80 -2.88 -10.32
N GLU B 4312 -30.41 -2.36 -9.16
CA GLU B 4312 -29.01 -1.99 -8.93
C GLU B 4312 -28.08 -3.18 -9.17
N LYS B 4313 -28.39 -4.30 -8.52
CA LYS B 4313 -27.50 -5.46 -8.60
C LYS B 4313 -27.54 -6.14 -9.96
N GLU B 4314 -28.57 -5.88 -10.76
CA GLU B 4314 -28.64 -6.45 -12.10
C GLU B 4314 -28.03 -5.55 -13.16
N ILE B 4315 -27.94 -4.25 -12.92
CA ILE B 4315 -27.24 -3.36 -13.85
C ILE B 4315 -25.76 -3.35 -13.50
N ALA B 4316 -25.44 -3.67 -12.25
CA ALA B 4316 -24.04 -3.79 -11.86
C ALA B 4316 -23.34 -4.95 -12.55
N ALA B 4317 -24.08 -5.94 -13.03
CA ALA B 4317 -23.50 -7.06 -13.76
C ALA B 4317 -23.28 -6.75 -15.23
N VAL B 4318 -23.67 -5.57 -15.69
CA VAL B 4318 -23.47 -5.18 -17.08
C VAL B 4318 -22.52 -4.00 -17.14
N ILE B 4319 -22.57 -3.14 -16.12
CA ILE B 4319 -21.63 -2.03 -16.07
C ILE B 4319 -20.22 -2.51 -15.74
N SER B 4320 -20.11 -3.44 -14.79
CA SER B 4320 -18.79 -3.91 -14.36
C SER B 4320 -17.96 -4.60 -15.43
N PRO B 4321 -18.50 -5.53 -16.26
CA PRO B 4321 -17.63 -6.35 -17.12
C PRO B 4321 -16.56 -5.59 -17.90
N GLU B 4322 -16.94 -4.65 -18.77
CA GLU B 4322 -15.90 -3.85 -19.42
C GLU B 4322 -15.71 -2.51 -18.73
N LEU B 4323 -15.56 -2.58 -17.41
CA LEU B 4323 -15.02 -1.49 -16.62
C LEU B 4323 -13.62 -1.84 -16.13
N GLU B 4324 -13.33 -3.12 -15.94
CA GLU B 4324 -11.97 -3.58 -15.71
C GLU B 4324 -11.13 -3.58 -16.97
N HIS B 4325 -11.76 -3.43 -18.13
CA HIS B 4325 -11.05 -3.34 -19.41
C HIS B 4325 -10.70 -1.90 -19.75
N LEU B 4326 -10.07 -1.19 -18.80
CA LEU B 4326 -9.67 0.19 -19.02
C LEU B 4326 -8.18 0.33 -19.29
N ASP B 4327 -7.44 -0.76 -19.26
CA ASP B 4327 -6.02 -0.72 -19.57
C ASP B 4327 -5.75 -0.92 -21.06
N LYS B 4328 -6.76 -1.27 -21.84
CA LYS B 4328 -6.61 -1.47 -23.27
C LYS B 4328 -7.62 -0.69 -24.10
N THR B 4329 -8.84 -0.50 -23.59
CA THR B 4329 -9.85 0.22 -24.37
C THR B 4329 -9.57 1.72 -24.38
N LEU B 4330 -9.12 2.26 -23.26
CA LEU B 4330 -8.75 3.67 -23.22
C LEU B 4330 -7.59 4.01 -24.15
N PRO B 4331 -6.51 3.22 -24.25
CA PRO B 4331 -5.52 3.51 -25.30
C PRO B 4331 -6.11 3.48 -26.70
N THR B 4332 -7.04 2.57 -26.97
CA THR B 4332 -7.68 2.55 -28.28
C THR B 4332 -8.47 3.83 -28.52
N MET B 4333 -9.21 4.29 -27.50
CA MET B 4333 -9.93 5.55 -27.59
C MET B 4333 -8.99 6.71 -27.87
N ASN B 4334 -7.88 6.76 -27.13
CA ASN B 4334 -6.94 7.86 -27.30
C ASN B 4334 -6.31 7.84 -28.69
N ASN B 4335 -6.02 6.65 -29.21
CA ASN B 4335 -5.50 6.54 -30.57
C ASN B 4335 -6.51 7.06 -31.58
N LEU B 4336 -7.76 6.57 -31.49
CA LEU B 4336 -8.78 6.99 -32.45
C LEU B 4336 -9.07 8.48 -32.35
N ILE B 4337 -8.91 9.08 -31.16
CA ILE B 4337 -9.16 10.50 -31.01
C ILE B 4337 -8.00 11.31 -31.56
N SER B 4338 -6.79 11.06 -31.09
CA SER B 4338 -5.62 11.72 -31.65
C SER B 4338 -5.08 10.93 -32.84
N GLN B 4339 -5.99 10.53 -33.72
CA GLN B 4339 -5.67 10.05 -35.04
C GLN B 4339 -6.61 10.64 -36.10
N ASP B 4340 -7.73 11.21 -35.67
CA ASP B 4340 -8.74 11.70 -36.60
C ASP B 4340 -8.27 12.97 -37.31
N LYS B 4341 -8.94 13.30 -38.41
CA LYS B 4341 -8.57 14.46 -39.20
C LYS B 4341 -8.80 15.77 -38.45
N ARG B 4342 -9.78 15.82 -37.55
CA ARG B 4342 -10.19 17.08 -36.95
C ARG B 4342 -9.08 17.69 -36.09
N ILE B 4343 -8.39 16.87 -35.29
CA ILE B 4343 -7.41 17.41 -34.36
C ILE B 4343 -5.98 16.99 -34.65
N SER B 4344 -5.75 16.13 -35.63
CA SER B 4344 -4.37 15.73 -35.90
C SER B 4344 -3.67 16.79 -36.75
N SER B 4345 -3.87 18.05 -36.39
CA SER B 4345 -3.03 19.16 -36.83
C SER B 4345 -2.74 20.16 -35.73
N ASN B 4346 -3.55 20.21 -34.68
CA ASN B 4346 -3.40 21.19 -33.61
C ASN B 4346 -2.13 20.91 -32.82
N PRO B 4347 -1.28 21.92 -32.61
CA PRO B 4347 -0.09 21.72 -31.79
C PRO B 4347 -0.38 21.11 -30.43
N VAL B 4348 -1.34 21.71 -29.70
CA VAL B 4348 -1.69 21.22 -28.37
C VAL B 4348 -2.32 19.83 -28.40
N ALA B 4349 -2.91 19.43 -29.52
CA ALA B 4349 -3.46 18.09 -29.66
C ALA B 4349 -2.38 17.04 -29.88
N LYS B 4350 -1.14 17.46 -30.16
CA LYS B 4350 -0.01 16.55 -30.26
C LYS B 4350 0.86 16.54 -29.03
N ILE B 4351 0.94 17.67 -28.30
CA ILE B 4351 1.66 17.69 -27.05
C ILE B 4351 1.01 16.76 -26.04
N ILE B 4352 -0.31 16.78 -25.95
CA ILE B 4352 -1.02 15.98 -24.96
C ILE B 4352 -0.95 14.49 -25.28
N TYR B 4353 -1.08 14.09 -26.53
CA TYR B 4353 -1.19 12.69 -26.90
C TYR B 4353 0.05 12.14 -27.59
N GLY B 4354 0.56 12.80 -28.62
CA GLY B 4354 1.69 12.29 -29.35
C GLY B 4354 3.03 12.61 -28.72
N ASP B 4355 4.04 12.85 -29.55
CA ASP B 4355 5.38 13.15 -29.08
C ASP B 4355 5.80 14.50 -29.63
N PRO B 4356 6.17 15.46 -28.77
CA PRO B 4356 6.49 16.81 -29.25
C PRO B 4356 7.81 16.91 -30.00
N VAL B 4357 8.61 15.85 -30.07
CA VAL B 4357 9.88 15.95 -30.78
C VAL B 4357 9.65 16.00 -32.29
N THR B 4358 8.53 15.45 -32.76
CA THR B 4358 8.30 15.33 -34.20
C THR B 4358 8.03 16.69 -34.83
N PHE B 4359 7.22 17.52 -34.18
CA PHE B 4359 6.74 18.75 -34.79
C PHE B 4359 7.37 20.01 -34.23
N LEU B 4360 8.00 19.93 -33.07
CA LEU B 4360 8.68 21.10 -32.51
C LEU B 4360 10.18 21.03 -32.76
N PRO B 4361 10.74 21.82 -33.68
CA PRO B 4361 12.19 21.84 -33.89
C PRO B 4361 12.91 22.81 -32.96
N HIS B 4362 12.51 22.80 -31.68
CA HIS B 4362 13.15 23.67 -30.70
C HIS B 4362 13.34 22.98 -29.35
N LEU B 4363 12.97 21.72 -29.21
CA LEU B 4363 13.15 21.02 -27.95
C LEU B 4363 14.58 20.52 -27.81
N PRO B 4364 15.26 20.84 -26.72
CA PRO B 4364 16.64 20.35 -26.55
C PRO B 4364 16.68 18.84 -26.39
N ARG B 4365 17.24 18.15 -27.37
CA ARG B 4365 17.36 16.70 -27.33
C ARG B 4365 18.85 16.36 -27.43
N LYS B 4366 19.50 16.32 -26.27
CA LYS B 4366 20.90 15.94 -26.19
C LYS B 4366 21.13 14.86 -25.15
N SER B 4367 20.31 14.86 -24.10
CA SER B 4367 20.47 13.94 -23.00
C SER B 4367 19.29 12.96 -22.97
N VAL B 4368 19.41 11.92 -22.14
CA VAL B 4368 18.31 10.98 -21.92
C VAL B 4368 17.19 11.61 -21.12
N VAL B 4369 17.48 12.58 -20.27
CA VAL B 4369 16.49 13.23 -19.43
C VAL B 4369 15.53 14.10 -20.27
N HIS B 4370 15.81 14.26 -21.56
CA HIS B 4370 15.01 15.12 -22.42
C HIS B 4370 14.10 14.32 -23.36
N CYS B 4371 13.78 13.08 -23.01
CA CYS B 4371 12.86 12.26 -23.78
C CYS B 4371 11.43 12.52 -23.33
N SER B 4372 10.50 12.41 -24.27
CA SER B 4372 9.10 12.72 -23.96
C SER B 4372 8.41 11.53 -23.31
N LYS B 4373 9.03 10.96 -22.30
CA LYS B 4373 8.45 9.98 -21.38
C LYS B 4373 8.69 10.38 -19.94
N ILE B 4374 9.84 10.98 -19.65
CA ILE B 4374 10.13 11.47 -18.30
C ILE B 4374 9.20 12.62 -17.95
N TRP B 4375 8.90 13.49 -18.91
CA TRP B 4375 8.07 14.66 -18.66
C TRP B 4375 6.59 14.38 -18.86
N SER B 4376 6.19 13.12 -19.00
CA SER B 4376 4.77 12.78 -19.02
C SER B 4376 4.19 12.89 -17.63
N CYS B 4377 2.86 12.93 -17.55
CA CYS B 4377 2.15 13.14 -16.30
C CYS B 4377 1.72 11.80 -15.72
N ARG B 4378 2.20 11.49 -14.52
CA ARG B 4378 1.77 10.29 -13.82
C ARG B 4378 0.45 10.57 -13.11
N LYS B 4379 -0.13 9.52 -12.52
CA LYS B 4379 -1.40 9.64 -11.82
C LYS B 4379 -1.12 9.90 -10.34
N ARG B 4380 -1.67 10.99 -9.82
CA ARG B 4380 -1.52 11.31 -8.41
C ARG B 4380 -2.21 10.25 -7.55
N ILE B 4381 -1.55 9.89 -6.45
CA ILE B 4381 -2.06 8.86 -5.55
C ILE B 4381 -2.82 9.53 -4.42
N THR B 4382 -4.07 9.11 -4.22
CA THR B 4382 -4.92 9.66 -3.18
C THR B 4382 -5.59 8.51 -2.45
N VAL B 4383 -6.17 8.83 -1.29
CA VAL B 4383 -6.87 7.85 -0.48
C VAL B 4383 -8.03 7.23 -1.23
N GLU B 4384 -8.71 8.00 -2.07
CA GLU B 4384 -9.82 7.45 -2.85
C GLU B 4384 -9.37 6.53 -3.96
N TYR B 4385 -8.19 6.78 -4.55
CA TYR B 4385 -7.65 5.86 -5.54
C TYR B 4385 -7.37 4.50 -4.91
N LEU B 4386 -6.76 4.49 -3.73
CA LEU B 4386 -6.47 3.24 -3.04
C LEU B 4386 -7.73 2.46 -2.72
N GLN B 4387 -8.84 3.15 -2.47
CA GLN B 4387 -10.12 2.49 -2.23
C GLN B 4387 -10.61 1.72 -3.45
N HIS B 4388 -10.13 2.05 -4.64
CA HIS B 4388 -10.44 1.29 -5.85
C HIS B 4388 -9.51 0.11 -6.05
N ILE B 4389 -8.20 0.30 -5.82
CA ILE B 4389 -7.26 -0.81 -5.94
C ILE B 4389 -7.58 -1.89 -4.92
N VAL B 4390 -7.94 -1.49 -3.70
CA VAL B 4390 -8.21 -2.46 -2.64
C VAL B 4390 -9.37 -3.36 -3.03
N GLU B 4391 -10.41 -2.79 -3.65
CA GLU B 4391 -11.56 -3.59 -4.03
C GLU B 4391 -11.45 -4.21 -5.42
N GLN B 4392 -10.44 -3.83 -6.21
CA GLN B 4392 -10.18 -4.54 -7.45
C GLN B 4392 -9.31 -5.77 -7.19
N LYS B 4393 -8.12 -5.55 -6.65
CA LYS B 4393 -7.32 -6.65 -6.12
C LYS B 4393 -7.98 -7.10 -4.83
N ASN B 4394 -8.79 -8.17 -4.93
CA ASN B 4394 -9.83 -8.50 -3.96
C ASN B 4394 -9.40 -8.22 -2.53
N GLY B 4395 -10.17 -7.39 -1.84
CA GLY B 4395 -9.77 -6.92 -0.53
C GLY B 4395 -10.83 -7.07 0.53
N LYS B 4396 -11.98 -7.64 0.17
CA LYS B 4396 -13.00 -7.98 1.13
C LYS B 4396 -12.75 -9.33 1.78
N GLU B 4397 -11.75 -10.08 1.30
CA GLU B 4397 -11.31 -11.31 1.92
C GLU B 4397 -9.81 -11.38 2.14
N ARG B 4398 -9.03 -10.48 1.52
CA ARG B 4398 -7.57 -10.50 1.65
C ARG B 4398 -7.05 -9.43 2.61
N VAL B 4399 -7.66 -8.25 2.64
CA VAL B 4399 -7.29 -7.22 3.61
C VAL B 4399 -8.54 -6.68 4.26
N PRO B 4400 -9.26 -7.46 5.09
CA PRO B 4400 -10.54 -6.99 5.63
C PRO B 4400 -10.45 -5.70 6.43
N ILE B 4401 -9.41 -5.57 7.26
CA ILE B 4401 -9.26 -4.40 8.09
C ILE B 4401 -9.02 -3.13 7.27
N LEU B 4402 -8.17 -3.20 6.25
CA LEU B 4402 -7.98 -2.05 5.38
C LEU B 4402 -9.24 -1.68 4.62
N TRP B 4403 -10.01 -2.68 4.19
CA TRP B 4403 -11.26 -2.38 3.48
C TRP B 4403 -12.27 -1.70 4.40
N HIS B 4404 -12.44 -2.23 5.61
CA HIS B 4404 -13.37 -1.62 6.56
C HIS B 4404 -12.92 -0.23 7.00
N PHE B 4405 -11.62 0.07 6.87
CA PHE B 4405 -11.13 1.40 7.21
C PHE B 4405 -11.30 2.37 6.05
N LEU B 4406 -11.01 1.93 4.83
CA LEU B 4406 -11.08 2.83 3.68
C LEU B 4406 -12.53 3.12 3.30
N GLN B 4407 -13.38 2.09 3.27
CA GLN B 4407 -14.76 2.27 2.82
C GLN B 4407 -15.59 3.07 3.82
N LYS B 4408 -15.07 3.33 5.02
CA LYS B 4408 -15.72 4.24 5.95
C LYS B 4408 -14.79 5.38 6.36
N GLU B 4409 -13.76 5.67 5.56
CA GLU B 4409 -12.76 6.66 5.95
C GLU B 4409 -13.31 8.08 5.87
N ALA B 4410 -14.37 8.30 5.08
CA ALA B 4410 -14.86 9.66 4.86
C ALA B 4410 -15.31 10.32 6.15
N GLU B 4411 -16.06 9.60 6.99
CA GLU B 4411 -16.58 10.14 8.23
C GLU B 4411 -15.88 9.58 9.45
N LEU B 4412 -14.75 8.89 9.26
CA LEU B 4412 -13.99 8.33 10.36
C LEU B 4412 -12.95 9.30 10.91
N ARG B 4413 -12.50 10.26 10.11
CA ARG B 4413 -11.60 11.28 10.62
C ARG B 4413 -12.26 12.21 11.63
N LEU B 4414 -13.59 12.14 11.75
CA LEU B 4414 -14.32 12.93 12.73
C LEU B 4414 -14.38 12.27 14.10
N VAL B 4415 -14.00 11.00 14.21
CA VAL B 4415 -13.97 10.33 15.51
C VAL B 4415 -12.99 10.98 16.46
N LYS B 4416 -11.88 11.54 15.95
CA LYS B 4416 -10.91 12.21 16.79
C LYS B 4416 -11.48 13.45 17.48
N PHE B 4417 -12.63 13.95 17.02
CA PHE B 4417 -13.29 15.08 17.67
C PHE B 4417 -14.16 14.66 18.85
N LEU B 4418 -14.30 13.35 19.08
CA LEU B 4418 -15.11 12.88 20.21
C LEU B 4418 -14.66 13.40 21.56
N PRO B 4419 -13.35 13.44 21.90
CA PRO B 4419 -12.97 13.97 23.22
C PRO B 4419 -13.21 15.46 23.38
N GLU B 4420 -13.67 16.12 22.32
CA GLU B 4420 -14.05 17.52 22.40
C GLU B 4420 -15.55 17.75 22.54
N ILE B 4421 -16.36 16.97 21.82
CA ILE B 4421 -17.81 17.06 21.98
C ILE B 4421 -18.31 16.19 23.12
N LEU B 4422 -17.43 15.43 23.77
CA LEU B 4422 -17.73 14.81 25.05
C LEU B 4422 -17.23 15.62 26.22
N ALA B 4423 -16.67 16.81 25.95
CA ALA B 4423 -16.24 17.73 26.98
C ALA B 4423 -17.23 18.86 27.19
N LEU B 4424 -17.69 19.49 26.11
CA LEU B 4424 -18.72 20.51 26.23
C LEU B 4424 -20.11 19.92 26.40
N GLN B 4425 -20.28 18.62 26.16
CA GLN B 4425 -21.52 17.94 26.49
C GLN B 4425 -21.55 17.48 27.93
N ARG B 4426 -20.42 17.58 28.63
CA ARG B 4426 -20.35 17.32 30.06
C ARG B 4426 -20.05 18.56 30.87
N ASP B 4427 -19.48 19.60 30.27
CA ASP B 4427 -19.33 20.88 30.94
C ASP B 4427 -20.64 21.67 31.00
N LEU B 4428 -21.60 21.35 30.13
CA LEU B 4428 -22.91 21.98 30.18
C LEU B 4428 -23.81 21.28 31.18
N VAL B 4429 -23.78 19.94 31.21
CA VAL B 4429 -24.61 19.18 32.14
C VAL B 4429 -24.28 19.56 33.57
N LYS B 4430 -22.99 19.68 33.89
CA LYS B 4430 -22.58 20.15 35.20
C LYS B 4430 -23.09 21.57 35.45
N GLN B 4431 -22.89 22.46 34.49
CA GLN B 4431 -23.35 23.83 34.64
C GLN B 4431 -24.87 23.89 34.72
N PHE B 4432 -25.55 23.07 33.93
CA PHE B 4432 -27.01 23.09 33.89
C PHE B 4432 -27.59 21.99 34.77
N GLN B 4433 -27.55 22.28 36.07
CA GLN B 4433 -28.27 21.53 37.08
C GLN B 4433 -29.78 21.72 36.86
N ASN B 4434 -30.59 20.94 37.60
CA ASN B 4434 -32.01 20.88 37.23
C ASN B 4434 -32.73 22.20 37.47
N VAL B 4435 -32.91 22.93 36.36
CA VAL B 4435 -33.69 24.16 36.35
C VAL B 4435 -35.02 23.98 35.65
N GLN B 4436 -35.19 22.92 34.86
CA GLN B 4436 -36.46 22.46 34.28
C GLN B 4436 -37.12 23.50 33.38
N GLN B 4437 -36.47 24.65 33.18
CA GLN B 4437 -36.91 25.69 32.24
C GLN B 4437 -35.66 26.33 31.65
N VAL B 4438 -35.18 25.78 30.53
CA VAL B 4438 -34.14 26.43 29.76
C VAL B 4438 -34.84 27.19 28.64
N GLU B 4439 -35.17 28.45 28.90
CA GLU B 4439 -36.03 29.20 27.99
C GLU B 4439 -35.28 29.65 26.75
N TYR B 4440 -34.00 30.00 26.89
CA TYR B 4440 -33.30 30.67 25.81
C TYR B 4440 -32.95 29.69 24.70
N SER B 4441 -32.99 30.18 23.45
CA SER B 4441 -32.85 29.33 22.28
C SER B 4441 -31.94 29.94 21.24
N SER B 4442 -30.77 30.45 21.64
CA SER B 4442 -29.81 31.01 20.68
C SER B 4442 -28.41 30.83 21.26
N ILE B 4443 -27.59 30.04 20.57
CA ILE B 4443 -26.23 29.80 21.03
C ILE B 4443 -25.43 31.09 21.06
N ARG B 4444 -25.77 32.05 20.19
CA ARG B 4444 -25.06 33.32 20.16
C ARG B 4444 -25.22 34.07 21.48
N GLY B 4445 -26.44 34.09 22.02
CA GLY B 4445 -26.65 34.78 23.28
C GLY B 4445 -25.94 34.11 24.44
N PHE B 4446 -25.94 32.78 24.47
CA PHE B 4446 -25.16 32.06 25.47
C PHE B 4446 -23.69 32.43 25.38
N LEU B 4447 -23.16 32.44 24.16
CA LEU B 4447 -21.76 32.79 23.96
C LEU B 4447 -21.47 34.23 24.35
N SER B 4448 -22.45 35.11 24.25
CA SER B 4448 -22.28 36.49 24.69
C SER B 4448 -22.64 36.70 26.15
N LYS B 4449 -23.32 35.75 26.79
CA LYS B 4449 -23.71 35.89 28.18
C LYS B 4449 -22.53 35.71 29.14
N HIS B 4450 -21.48 35.01 28.73
CA HIS B 4450 -20.30 34.85 29.56
C HIS B 4450 -19.46 36.11 29.55
N SER B 4451 -18.97 36.49 30.72
CA SER B 4451 -18.03 37.57 30.87
C SER B 4451 -16.61 37.02 30.81
N SER B 4452 -15.62 37.90 30.97
CA SER B 4452 -14.21 37.52 30.96
C SER B 4452 -13.86 36.78 29.67
N ASP B 4453 -13.87 37.57 28.59
CA ASP B 4453 -13.93 37.12 27.20
C ASP B 4453 -13.20 35.80 26.92
N GLY B 4454 -12.01 35.61 27.49
CA GLY B 4454 -11.27 34.39 27.29
C GLY B 4454 -12.08 33.12 27.51
N LEU B 4455 -12.93 33.12 28.54
CA LEU B 4455 -13.76 31.96 28.80
C LEU B 4455 -14.81 31.76 27.70
N ARG B 4456 -15.48 32.84 27.29
CA ARG B 4456 -16.43 32.70 26.19
C ARG B 4456 -15.70 32.40 24.89
N GLN B 4457 -14.44 32.84 24.78
CA GLN B 4457 -13.64 32.45 23.61
C GLN B 4457 -13.38 30.94 23.59
N LEU B 4458 -13.09 30.36 24.75
CA LEU B 4458 -12.90 28.91 24.82
C LEU B 4458 -14.19 28.18 24.48
N LEU B 4459 -15.31 28.65 25.03
CA LEU B 4459 -16.60 28.04 24.70
C LEU B 4459 -16.92 28.20 23.22
N HIS B 4460 -16.52 29.32 22.62
CA HIS B 4460 -16.69 29.50 21.18
C HIS B 4460 -15.86 28.51 20.40
N ASN B 4461 -14.60 28.31 20.78
CA ASN B 4461 -13.74 27.37 20.08
C ASN B 4461 -14.26 25.94 20.20
N ARG B 4462 -14.92 25.60 21.30
CA ARG B 4462 -15.50 24.27 21.43
C ARG B 4462 -16.83 24.12 20.67
N ILE B 4463 -17.68 25.15 20.72
CA ILE B 4463 -18.96 25.10 20.03
C ILE B 4463 -18.74 25.09 18.52
N THR B 4464 -17.70 25.77 18.04
CA THR B 4464 -17.37 25.72 16.62
C THR B 4464 -16.98 24.29 16.22
N VAL B 4465 -16.23 23.60 17.08
CA VAL B 4465 -15.87 22.21 16.79
C VAL B 4465 -17.13 21.36 16.71
N PHE B 4466 -18.04 21.53 17.67
CA PHE B 4466 -19.27 20.74 17.63
C PHE B 4466 -20.08 21.04 16.37
N LEU B 4467 -20.19 22.32 16.01
CA LEU B 4467 -20.98 22.71 14.85
C LEU B 4467 -20.36 22.19 13.56
N SER B 4468 -19.03 22.24 13.45
CA SER B 4468 -18.35 21.71 12.28
C SER B 4468 -18.56 20.20 12.17
N THR B 4469 -18.48 19.49 13.29
CA THR B 4469 -18.71 18.06 13.26
C THR B 4469 -20.16 17.72 12.91
N TRP B 4470 -21.12 18.51 13.37
CA TRP B 4470 -22.52 18.23 13.04
C TRP B 4470 -22.83 18.54 11.59
N ASN B 4471 -22.39 19.70 11.10
CA ASN B 4471 -22.69 20.10 9.73
C ASN B 4471 -22.04 19.19 8.71
N LYS B 4472 -20.88 18.64 9.03
CA LYS B 4472 -20.15 17.77 8.10
C LYS B 4472 -20.55 16.31 8.24
N LEU B 4473 -21.53 16.01 9.09
CA LEU B 4473 -21.96 14.63 9.29
C LEU B 4473 -23.46 14.50 9.45
N ARG B 4474 -24.23 15.59 9.33
CA ARG B 4474 -25.66 15.53 9.63
C ARG B 4474 -26.41 14.65 8.65
N ARG B 4475 -26.03 14.70 7.37
CA ARG B 4475 -26.82 14.00 6.35
C ARG B 4475 -26.76 12.49 6.54
N SER B 4476 -25.61 11.97 6.98
CA SER B 4476 -25.50 10.54 7.22
C SER B 4476 -26.24 10.11 8.47
N LEU B 4477 -26.45 11.03 9.42
CA LEU B 4477 -27.09 10.66 10.69
C LEU B 4477 -28.53 10.21 10.49
N GLU B 4478 -29.27 10.88 9.61
CA GLU B 4478 -30.71 10.64 9.49
C GLU B 4478 -31.05 9.31 8.84
N THR B 4479 -30.13 8.70 8.10
CA THR B 4479 -30.40 7.44 7.42
C THR B 4479 -29.36 6.37 7.73
N ASN B 4480 -28.39 6.65 8.60
CA ASN B 4480 -27.36 5.69 8.95
C ASN B 4480 -27.31 5.40 10.44
N GLY B 4481 -27.70 6.35 11.27
CA GLY B 4481 -27.64 6.17 12.71
C GLY B 4481 -28.76 5.27 13.21
N GLU B 4482 -28.77 5.09 14.53
CA GLU B 4482 -29.76 4.24 15.18
C GLU B 4482 -30.72 5.00 16.07
N ILE B 4483 -30.35 6.19 16.55
CA ILE B 4483 -31.27 7.04 17.30
C ILE B 4483 -32.16 7.72 16.27
N ASN B 4484 -33.40 7.27 16.20
CA ASN B 4484 -34.34 7.81 15.22
C ASN B 4484 -34.52 9.30 15.42
N LEU B 4485 -34.02 10.08 14.48
CA LEU B 4485 -34.16 11.51 14.52
C LEU B 4485 -35.32 11.96 13.64
N PRO B 4486 -36.10 12.94 14.09
CA PRO B 4486 -37.16 13.48 13.22
C PRO B 4486 -36.59 13.96 11.89
N LYS B 4487 -37.31 13.65 10.82
CA LYS B 4487 -36.80 13.83 9.47
C LYS B 4487 -36.41 15.27 9.16
N ASP B 4488 -37.04 16.25 9.80
CA ASP B 4488 -36.67 17.64 9.63
C ASP B 4488 -35.33 17.98 10.26
N TYR B 4489 -34.86 17.17 11.22
CA TYR B 4489 -33.72 17.58 12.03
C TYR B 4489 -32.43 17.61 11.22
N CYS B 4490 -32.20 16.57 10.42
CA CYS B 4490 -31.01 16.48 9.59
C CYS B 4490 -31.33 16.94 8.16
N SER B 4491 -31.81 18.18 8.07
CA SER B 4491 -32.20 18.77 6.79
C SER B 4491 -31.34 19.97 6.40
N THR B 4492 -31.20 20.95 7.29
CA THR B 4492 -30.45 22.16 7.02
C THR B 4492 -29.24 22.24 7.94
N ASP B 4493 -28.20 22.92 7.46
CA ASP B 4493 -26.99 23.08 8.26
C ASP B 4493 -27.27 23.97 9.47
N LEU B 4494 -26.39 23.86 10.45
CA LEU B 4494 -26.49 24.63 11.69
C LEU B 4494 -25.33 25.61 11.78
N ASP B 4495 -25.53 26.65 12.58
CA ASP B 4495 -24.53 27.70 12.77
C ASP B 4495 -24.79 28.36 14.11
N LEU B 4496 -24.12 29.48 14.35
CA LEU B 4496 -24.25 30.16 15.63
C LEU B 4496 -25.50 31.02 15.67
N ASP B 4497 -26.63 30.45 15.26
CA ASP B 4497 -27.92 31.12 15.41
C ASP B 4497 -29.04 30.15 15.76
N THR B 4498 -28.74 28.87 15.95
CA THR B 4498 -29.76 27.88 16.24
C THR B 4498 -30.06 27.86 17.73
N GLU B 4499 -30.95 26.94 18.12
CA GLU B 4499 -31.36 26.84 19.51
C GLU B 4499 -30.19 26.39 20.37
N PHE B 4500 -30.22 26.80 21.64
CA PHE B 4500 -29.31 26.29 22.65
C PHE B 4500 -29.72 24.91 23.14
N GLU B 4501 -30.91 24.45 22.80
CA GLU B 4501 -31.37 23.13 23.17
C GLU B 4501 -30.71 22.03 22.35
N ILE B 4502 -29.87 22.40 21.38
CA ILE B 4502 -29.11 21.42 20.62
C ILE B 4502 -28.00 20.80 21.47
N LEU B 4503 -27.19 21.65 22.09
CA LEU B 4503 -25.97 21.16 22.73
C LEU B 4503 -26.27 20.20 23.88
N LEU B 4504 -27.29 20.51 24.66
CA LEU B 4504 -27.63 19.68 25.81
C LEU B 4504 -28.01 18.28 25.34
N PRO B 4505 -27.39 17.22 25.85
CA PRO B 4505 -27.62 15.86 25.33
C PRO B 4505 -28.90 15.23 25.87
N ARG B 4506 -30.01 15.96 25.74
CA ARG B 4506 -31.28 15.46 26.24
C ARG B 4506 -31.79 14.32 25.38
N ARG B 4507 -32.66 13.50 25.97
CA ARG B 4507 -33.19 12.30 25.34
C ARG B 4507 -34.47 12.55 24.56
N ARG B 4508 -34.94 13.80 24.49
CA ARG B 4508 -36.13 14.11 23.72
C ARG B 4508 -36.01 15.52 23.17
N GLY B 4509 -36.54 15.73 21.98
CA GLY B 4509 -36.55 17.06 21.39
C GLY B 4509 -35.23 17.48 20.78
N LEU B 4510 -34.91 18.77 20.91
CA LEU B 4510 -33.71 19.34 20.30
C LEU B 4510 -32.42 18.73 20.82
N GLY B 4511 -32.45 18.10 21.99
CA GLY B 4511 -31.25 17.53 22.55
C GLY B 4511 -30.92 16.16 21.99
N LEU B 4512 -31.82 15.62 21.16
CA LEU B 4512 -31.55 14.30 20.58
C LEU B 4512 -30.42 14.36 19.57
N CYS B 4513 -30.14 15.55 19.01
CA CYS B 4513 -29.02 15.69 18.09
C CYS B 4513 -27.70 15.39 18.80
N ALA B 4514 -27.34 16.20 19.79
CA ALA B 4514 -26.09 16.03 20.52
C ALA B 4514 -25.92 14.65 21.14
N THR B 4515 -26.97 13.83 21.15
CA THR B 4515 -26.82 12.44 21.54
C THR B 4515 -26.61 11.54 20.33
N ALA B 4516 -27.32 11.81 19.23
CA ALA B 4516 -27.17 11.00 18.03
C ALA B 4516 -25.78 11.14 17.44
N LEU B 4517 -25.23 12.36 17.45
CA LEU B 4517 -23.89 12.59 16.93
C LEU B 4517 -22.86 11.78 17.70
N VAL B 4518 -22.89 11.87 19.04
CA VAL B 4518 -21.94 11.15 19.87
C VAL B 4518 -22.12 9.65 19.71
N SER B 4519 -23.37 9.20 19.63
CA SER B 4519 -23.63 7.77 19.46
C SER B 4519 -23.08 7.27 18.13
N TYR B 4520 -23.24 8.05 17.06
CA TYR B 4520 -22.71 7.64 15.77
C TYR B 4520 -21.19 7.59 15.78
N LEU B 4521 -20.55 8.58 16.40
CA LEU B 4521 -19.09 8.55 16.49
C LEU B 4521 -18.61 7.34 17.27
N ILE B 4522 -19.27 7.05 18.40
CA ILE B 4522 -18.91 5.89 19.19
C ILE B 4522 -19.13 4.61 18.40
N ARG B 4523 -20.22 4.56 17.62
CA ARG B 4523 -20.50 3.38 16.81
C ARG B 4523 -19.41 3.17 15.77
N LEU B 4524 -18.96 4.24 15.10
CA LEU B 4524 -17.89 4.10 14.13
C LEU B 4524 -16.62 3.58 14.80
N HIS B 4525 -16.26 4.18 15.93
CA HIS B 4525 -15.03 3.80 16.60
C HIS B 4525 -15.06 2.34 17.04
N ASN B 4526 -16.14 1.93 17.71
CA ASN B 4526 -16.21 0.56 18.18
C ASN B 4526 -16.40 -0.44 17.04
N GLU B 4527 -16.99 -0.01 15.92
CA GLU B 4527 -17.05 -0.88 14.75
C GLU B 4527 -15.66 -1.15 14.20
N ILE B 4528 -14.84 -0.11 14.10
CA ILE B 4528 -13.46 -0.33 13.64
C ILE B 4528 -12.70 -1.21 14.63
N VAL B 4529 -12.87 -0.95 15.93
CA VAL B 4529 -12.15 -1.74 16.92
C VAL B 4529 -12.58 -3.21 16.88
N TYR B 4530 -13.87 -3.45 16.71
CA TYR B 4530 -14.35 -4.82 16.54
C TYR B 4530 -13.76 -5.45 15.28
N ALA B 4531 -13.67 -4.68 14.20
CA ALA B 4531 -12.98 -5.18 13.01
C ALA B 4531 -11.52 -5.48 13.30
N VAL B 4532 -10.94 -4.87 14.34
CA VAL B 4532 -9.60 -5.23 14.77
C VAL B 4532 -9.62 -6.42 15.72
N GLU B 4533 -10.68 -6.58 16.51
CA GLU B 4533 -10.87 -7.79 17.31
C GLU B 4533 -10.95 -9.04 16.43
N LYS B 4534 -10.96 -8.86 15.11
CA LYS B 4534 -10.71 -9.87 14.09
C LYS B 4534 -9.21 -10.10 14.03
N LEU B 4535 -8.68 -10.44 12.86
CA LEU B 4535 -7.48 -11.27 12.64
C LEU B 4535 -6.52 -11.36 13.81
N SER B 4536 -6.28 -10.27 14.54
CA SER B 4536 -5.63 -10.38 15.84
C SER B 4536 -6.25 -11.54 16.64
N LYS B 4537 -7.57 -11.71 16.50
CA LYS B 4537 -8.35 -12.91 16.77
C LYS B 4537 -8.57 -13.15 18.27
N GLU B 4538 -7.90 -12.43 19.15
CA GLU B 4538 -8.04 -12.64 20.59
C GLU B 4538 -8.85 -11.51 21.20
N ASN B 4539 -9.82 -11.87 22.03
CA ASN B 4539 -10.65 -10.87 22.68
C ASN B 4539 -9.81 -9.99 23.60
N ASN B 4540 -10.02 -8.68 23.50
CA ASN B 4540 -9.33 -7.71 24.35
C ASN B 4540 -10.27 -6.54 24.59
N SER B 4541 -10.66 -6.34 25.83
CA SER B 4541 -11.66 -5.32 26.18
C SER B 4541 -11.04 -4.34 27.17
N TYR B 4542 -10.36 -3.32 26.63
CA TYR B 4542 -10.02 -2.15 27.44
C TYR B 4542 -11.28 -1.45 27.93
N SER B 4543 -12.25 -1.25 27.05
CA SER B 4543 -13.61 -0.83 27.40
C SER B 4543 -13.62 0.44 28.26
N VAL B 4544 -13.10 1.52 27.68
CA VAL B 4544 -13.27 2.82 28.32
C VAL B 4544 -14.67 3.34 28.04
N ASP B 4545 -15.27 3.94 29.07
CA ASP B 4545 -16.64 4.43 29.00
C ASP B 4545 -16.64 5.92 28.67
N ALA B 4546 -17.79 6.41 28.22
CA ALA B 4546 -17.85 7.77 27.68
C ALA B 4546 -17.97 8.82 28.77
N ALA B 4547 -17.16 8.69 29.82
CA ALA B 4547 -16.83 9.79 30.71
C ALA B 4547 -15.35 9.88 31.01
N GLU B 4548 -14.60 8.80 30.86
CA GLU B 4548 -13.15 8.79 30.96
C GLU B 4548 -12.47 9.08 29.63
N VAL B 4549 -13.24 9.32 28.57
CA VAL B 4549 -12.70 9.41 27.22
C VAL B 4549 -11.70 10.55 27.14
N THR B 4550 -10.51 10.24 26.63
CA THR B 4550 -9.48 11.24 26.37
C THR B 4550 -8.96 11.03 24.96
N GLU B 4551 -7.97 11.85 24.58
CA GLU B 4551 -7.45 11.85 23.22
C GLU B 4551 -6.84 10.52 22.82
N LEU B 4552 -6.45 9.71 23.80
CA LEU B 4552 -5.75 8.46 23.50
C LEU B 4552 -6.67 7.35 23.01
N HIS B 4553 -7.92 7.31 23.46
CA HIS B 4553 -8.81 6.19 23.19
C HIS B 4553 -9.57 6.34 21.87
N VAL B 4554 -9.31 7.41 21.11
CA VAL B 4554 -10.00 7.65 19.86
C VAL B 4554 -9.01 7.51 18.72
N ILE B 4555 -9.51 7.13 17.54
CA ILE B 4555 -8.66 6.97 16.36
C ILE B 4555 -8.33 8.36 15.84
N SER B 4556 -7.16 8.88 16.19
CA SER B 4556 -6.78 10.25 15.88
C SER B 4556 -5.73 10.23 14.77
N TYR B 4557 -6.20 10.55 13.51
CA TYR B 4557 -5.41 10.49 12.25
C TYR B 4557 -5.59 11.50 11.12
N GLU B 4558 -5.00 12.65 11.16
CA GLU B 4558 -5.32 13.62 10.10
C GLU B 4558 -4.94 13.16 8.74
N VAL B 4559 -5.74 13.37 7.72
CA VAL B 4559 -5.45 12.80 6.44
C VAL B 4559 -4.21 13.22 5.72
N GLU B 4560 -3.78 14.44 5.72
CA GLU B 4560 -2.58 14.76 5.02
C GLU B 4560 -1.45 14.28 5.68
N ARG B 4561 -1.50 14.08 6.98
CA ARG B 4561 -0.29 13.65 7.68
C ARG B 4561 0.01 12.16 7.54
N ASP B 4562 -0.26 11.42 8.61
CA ASP B 4562 0.14 10.04 8.57
C ASP B 4562 -0.51 9.31 7.42
N LEU B 4563 -1.80 9.50 7.17
CA LEU B 4563 -2.39 8.70 6.11
C LEU B 4563 -1.74 8.95 4.74
N THR B 4564 -1.65 10.19 4.27
CA THR B 4564 -1.14 10.41 2.89
C THR B 4564 0.31 9.97 2.62
N PRO B 4565 1.27 10.49 3.41
CA PRO B 4565 2.62 9.95 3.21
C PRO B 4565 2.69 8.45 3.39
N LEU B 4566 1.97 7.82 4.31
CA LEU B 4566 2.11 6.36 4.43
C LEU B 4566 1.72 5.66 3.13
N ILE B 4567 0.60 6.06 2.53
CA ILE B 4567 0.19 5.46 1.26
C ILE B 4567 1.19 5.77 0.15
N LEU B 4568 1.74 6.98 0.14
CA LEU B 4568 2.74 7.31 -0.88
C LEU B 4568 3.98 6.45 -0.72
N SER B 4569 4.37 6.17 0.52
CA SER B 4569 5.54 5.37 0.79
C SER B 4569 5.37 3.94 0.33
N ASN B 4570 4.30 3.27 0.78
CA ASN B 4570 4.17 1.95 0.29
C ASN B 4570 3.84 1.74 -1.15
N CYS B 4571 3.67 2.78 -1.95
CA CYS B 4571 3.53 2.55 -3.40
C CYS B 4571 4.82 2.12 -4.13
N GLN B 4572 5.05 0.86 -4.48
CA GLN B 4572 6.37 0.45 -4.96
C GLN B 4572 6.37 0.17 -6.40
N TYR B 4573 7.43 0.48 -7.11
CA TYR B 4573 7.42 0.40 -8.53
C TYR B 4573 8.36 -0.52 -9.13
N GLN B 4574 7.92 -1.41 -9.94
CA GLN B 4574 8.78 -2.46 -10.47
C GLN B 4574 8.97 -2.28 -11.96
N VAL B 4575 10.22 -2.24 -12.40
CA VAL B 4575 10.48 -2.13 -13.84
C VAL B 4575 11.16 -3.40 -14.34
N GLU B 4576 10.63 -3.95 -15.43
CA GLU B 4576 11.18 -5.16 -16.00
C GLU B 4576 11.83 -4.71 -17.28
N GLU B 4577 12.94 -5.30 -17.67
CA GLU B 4577 13.63 -4.81 -18.86
C GLU B 4577 12.71 -4.94 -20.05
N GLY B 4578 12.60 -3.87 -20.85
CA GLY B 4578 11.71 -3.88 -21.99
C GLY B 4578 10.26 -3.59 -21.62
N ARG B 4579 10.01 -3.32 -20.35
CA ARG B 4579 8.65 -3.04 -19.88
C ARG B 4579 8.59 -1.82 -19.00
N GLU B 4580 7.50 -1.06 -19.09
CA GLU B 4580 7.35 0.16 -18.30
C GLU B 4580 7.17 -0.12 -16.82
N THR B 4581 7.51 0.84 -15.97
CA THR B 4581 7.35 0.65 -14.53
C THR B 4581 5.89 0.44 -14.20
N VAL B 4582 5.62 -0.48 -13.28
CA VAL B 4582 4.24 -0.78 -12.92
C VAL B 4582 4.01 -0.35 -11.48
N GLN B 4583 3.00 0.49 -11.25
CA GLN B 4583 2.68 0.86 -9.89
C GLN B 4583 2.14 -0.37 -9.17
N GLU B 4584 2.61 -0.60 -7.96
CA GLU B 4584 2.18 -1.77 -7.21
C GLU B 4584 2.06 -1.40 -5.75
N PHE B 4585 0.83 -1.25 -5.25
CA PHE B 4585 0.67 -0.94 -3.89
C PHE B 4585 0.85 -2.23 -3.13
N ASP B 4586 1.36 -2.20 -1.90
CA ASP B 4586 1.47 -3.40 -1.07
C ASP B 4586 0.37 -3.31 -0.08
N LEU B 4587 -0.70 -4.05 -0.23
CA LEU B 4587 -1.88 -3.83 0.62
C LEU B 4587 -1.66 -4.37 2.03
N GLU B 4588 -1.00 -5.51 2.15
CA GLU B 4588 -0.78 -6.09 3.47
C GLU B 4588 0.07 -5.18 4.35
N LYS B 4589 1.13 -4.58 3.79
CA LYS B 4589 1.97 -3.69 4.57
C LYS B 4589 1.21 -2.42 4.96
N ILE B 4590 0.40 -1.89 4.06
CA ILE B 4590 -0.41 -0.72 4.39
C ILE B 4590 -1.37 -1.05 5.52
N GLN B 4591 -2.03 -2.21 5.45
CA GLN B 4591 -2.94 -2.61 6.51
C GLN B 4591 -2.21 -2.77 7.83
N ARG B 4592 -1.03 -3.39 7.80
CA ARG B 4592 -0.28 -3.61 9.03
C ARG B 4592 0.15 -2.28 9.65
N GLN B 4593 0.57 -1.33 8.83
CA GLN B 4593 0.97 -0.03 9.37
C GLN B 4593 -0.24 0.75 9.87
N ILE B 4594 -1.40 0.54 9.25
CA ILE B 4594 -2.63 1.18 9.75
C ILE B 4594 -3.00 0.63 11.12
N VAL B 4595 -3.03 -0.70 11.25
CA VAL B 4595 -3.47 -1.30 12.49
C VAL B 4595 -2.44 -1.18 13.60
N SER B 4596 -1.16 -1.07 13.27
CA SER B 4596 -0.10 -0.96 14.26
C SER B 4596 0.24 0.48 14.61
N ARG B 4597 -0.48 1.45 14.06
CA ARG B 4597 -0.26 2.85 14.38
C ARG B 4597 -1.50 3.61 14.82
N PHE B 4598 -2.70 3.21 14.37
CA PHE B 4598 -3.93 3.84 14.80
C PHE B 4598 -4.90 2.86 15.43
N LEU B 4599 -4.95 1.63 14.93
CA LEU B 4599 -6.01 0.68 15.23
C LEU B 4599 -5.55 -0.49 16.09
N GLN B 4600 -4.56 -0.28 16.98
CA GLN B 4600 -4.06 -1.38 17.79
C GLN B 4600 -5.16 -1.96 18.66
N GLY B 4601 -5.66 -1.16 19.61
CA GLY B 4601 -6.87 -1.52 20.33
C GLY B 4601 -7.23 -0.48 21.36
N LYS B 4602 -8.49 -0.05 21.38
CA LYS B 4602 -8.94 0.96 22.31
C LYS B 4602 -10.46 1.05 22.37
N PRO B 4603 -11.17 0.00 22.81
CA PRO B 4603 -12.64 0.01 22.69
C PRO B 4603 -13.47 0.80 23.73
N ARG B 4604 -14.69 1.04 23.25
CA ARG B 4604 -15.55 2.08 23.80
C ARG B 4604 -16.97 1.57 23.98
N LEU B 4605 -17.64 2.07 25.01
CA LEU B 4605 -19.02 1.73 25.30
C LEU B 4605 -19.74 2.98 25.78
N SER B 4606 -20.95 3.20 25.27
CA SER B 4606 -21.73 4.40 25.54
C SER B 4606 -22.61 4.16 26.76
N LEU B 4607 -22.32 4.85 27.86
CA LEU B 4607 -23.13 4.71 29.06
C LEU B 4607 -23.41 6.06 29.74
N LYS B 4608 -22.87 7.15 29.24
CA LYS B 4608 -23.07 8.49 29.81
C LYS B 4608 -23.09 9.51 28.68
N GLY B 4609 -22.90 10.77 29.04
CA GLY B 4609 -23.12 11.87 28.12
C GLY B 4609 -24.57 12.28 28.18
N ILE B 4610 -25.09 12.46 29.38
CA ILE B 4610 -26.53 12.64 29.59
C ILE B 4610 -26.74 13.75 30.59
N PRO B 4611 -27.92 14.40 30.55
CA PRO B 4611 -28.24 15.39 31.59
C PRO B 4611 -28.45 14.74 32.95
N THR B 4612 -27.36 14.37 33.61
CA THR B 4612 -27.37 14.11 35.06
C THR B 4612 -27.30 15.45 35.77
N LEU B 4613 -28.45 16.12 35.79
CA LEU B 4613 -28.59 17.56 36.03
C LEU B 4613 -27.65 18.13 37.10
#